data_1UXX
# 
_entry.id   1UXX 
# 
_audit_conform.dict_name       mmcif_pdbx.dic 
_audit_conform.dict_version    5.382 
_audit_conform.dict_location   http://mmcif.pdb.org/dictionaries/ascii/mmcif_pdbx.dic 
# 
loop_
_database_2.database_id 
_database_2.database_code 
_database_2.pdbx_database_accession 
_database_2.pdbx_DOI 
PDB   1UXX         pdb_00001uxx 10.2210/pdb1uxx/pdb 
PDBE  EBI-14688    ?            ?                   
WWPDB D_1290014688 ?            ?                   
# 
_pdbx_database_related.db_name        PDB 
_pdbx_database_related.db_id          1GMM 
_pdbx_database_related.content_type   unspecified 
_pdbx_database_related.details        'CARBOHYDRATE BINDING MODULE CBM6 FROM XYLANASE U CLOSTRIDIUM THERMOCELLUM' 
# 
_pdbx_database_status.status_code                     REL 
_pdbx_database_status.entry_id                        1UXX 
_pdbx_database_status.deposit_site                    PDBE 
_pdbx_database_status.process_site                    PDBE 
_pdbx_database_status.SG_entry                        . 
_pdbx_database_status.recvd_initial_deposition_date   2004-03-01 
_pdbx_database_status.pdb_format_compatible           Y 
_pdbx_database_status.status_code_sf                  REL 
_pdbx_database_status.status_code_mr                  ? 
_pdbx_database_status.status_code_cs                  ? 
_pdbx_database_status.methods_development_category    ? 
_pdbx_database_status.status_code_nmr_data            ? 
# 
loop_
_audit_author.name 
_audit_author.pdbx_ordinal 
'Czjzek, M.'        1 
'Pires, V.M.R.'     2 
'Henshaw, J.'       3 
'Prates, J.A.M.'    4 
'Henrissat, D.B.B.' 5 
'Gilbert, H.J.'     6 
# 
_citation.id                        primary 
_citation.title                     
;The Crystal Structure of the Family 6 Carbohydrate Binding Module from Cellvibrio Mixtus Endoglucanase 5A in Complex with Oligosaccharides Reveals Two Distinct Binding Sites with Different Ligand Specificities
;
_citation.journal_abbrev            J.Biol.Chem. 
_citation.journal_volume            279 
_citation.page_first                21560 
_citation.page_last                 ? 
_citation.year                      2004 
_citation.journal_id_ASTM           JBCHA3 
_citation.country                   US 
_citation.journal_id_ISSN           0021-9258 
_citation.journal_id_CSD            0071 
_citation.book_publisher            ? 
_citation.pdbx_database_id_PubMed   15010454 
_citation.pdbx_database_id_DOI      10.1074/JBC.M401599200 
# 
loop_
_citation_author.citation_id 
_citation_author.name 
_citation_author.ordinal 
_citation_author.identifier_ORCID 
primary 'Pires, V.M.R.'    1  ? 
primary 'Henshaw, J.'      2  ? 
primary 'Prates, J.A.M.'   3  ? 
primary 'Bolam, D.'        4  ? 
primary 'Ferreira, L.M.A.' 5  ? 
primary 'Fontes, C.M.G.A.' 6  ? 
primary 'Henrissat, B.'    7  ? 
primary 'Planas, A.'       8  ? 
primary 'Gilbert, H.J.'    9  ? 
primary 'Czjzek, M.'       10 ? 
# 
_cell.entry_id           1UXX 
_cell.length_a           27.480 
_cell.length_b           51.680 
_cell.length_c           36.130 
_cell.angle_alpha        90.00 
_cell.angle_beta         102.78 
_cell.angle_gamma        90.00 
_cell.Z_PDB              2 
_cell.pdbx_unique_axis   ? 
# 
_symmetry.entry_id                         1UXX 
_symmetry.space_group_name_H-M             'P 1 21 1' 
_symmetry.pdbx_full_space_group_name_H-M   ? 
_symmetry.cell_setting                     ? 
_symmetry.Int_Tables_number                4 
# 
loop_
_entity.id 
_entity.type 
_entity.src_method 
_entity.pdbx_description 
_entity.formula_weight 
_entity.pdbx_number_of_molecules 
_entity.pdbx_ec 
_entity.pdbx_mutation 
_entity.pdbx_fragment 
_entity.details 
1 polymer     man 'XYLANASE U' 14115.347 1   3.2.1.8 ? 'CARBOHYDRATE BINDING MODULE, RESIDUES 248-380' ? 
2 branched    man 
'beta-D-xylopyranose-(1-4)-beta-D-xylopyranose-(1-4)-beta-D-xylopyranose-(1-4)-beta-D-xylopyranose-(1-4)-beta-D-xylopyranose' 
678.589   1   ?       ? ?                                               ? 
3 non-polymer syn 'CALCIUM ION' 40.078    1   ?       ? ?                                               ? 
4 water       nat water 18.015    108 ?       ? ?                                               ? 
# 
_entity_name_com.entity_id   1 
_entity_name_com.name        ENDO-1,4-BETA-XYLANASE 
# 
_entity_poly.entity_id                      1 
_entity_poly.type                           'polypeptide(L)' 
_entity_poly.nstd_linkage                   no 
_entity_poly.nstd_monomer                   no 
_entity_poly.pdbx_seq_one_letter_code       
;RSAFSKIESEEYNSLKSSTIQTIGTSDGGSGIGYIESGDYLVFNKINFGNGANSFKARVASGADTPTNIQLRLGSPTGTL
IGTLTVASTGGWNNYEEKSCSITNTTGQHDLYLVFSGPVNIDYFIFDSNGVNP
;
_entity_poly.pdbx_seq_one_letter_code_can   
;RSAFSKIESEEYNSLKSSTIQTIGTSDGGSGIGYIESGDYLVFNKINFGNGANSFKARVASGADTPTNIQLRLGSPTGTL
IGTLTVASTGGWNNYEEKSCSITNTTGQHDLYLVFSGPVNIDYFIFDSNGVNP
;
_entity_poly.pdbx_strand_id                 X 
_entity_poly.pdbx_target_identifier         ? 
# 
loop_
_entity_poly_seq.entity_id 
_entity_poly_seq.num 
_entity_poly_seq.mon_id 
_entity_poly_seq.hetero 
1 1   ARG n 
1 2   SER n 
1 3   ALA n 
1 4   PHE n 
1 5   SER n 
1 6   LYS n 
1 7   ILE n 
1 8   GLU n 
1 9   SER n 
1 10  GLU n 
1 11  GLU n 
1 12  TYR n 
1 13  ASN n 
1 14  SER n 
1 15  LEU n 
1 16  LYS n 
1 17  SER n 
1 18  SER n 
1 19  THR n 
1 20  ILE n 
1 21  GLN n 
1 22  THR n 
1 23  ILE n 
1 24  GLY n 
1 25  THR n 
1 26  SER n 
1 27  ASP n 
1 28  GLY n 
1 29  GLY n 
1 30  SER n 
1 31  GLY n 
1 32  ILE n 
1 33  GLY n 
1 34  TYR n 
1 35  ILE n 
1 36  GLU n 
1 37  SER n 
1 38  GLY n 
1 39  ASP n 
1 40  TYR n 
1 41  LEU n 
1 42  VAL n 
1 43  PHE n 
1 44  ASN n 
1 45  LYS n 
1 46  ILE n 
1 47  ASN n 
1 48  PHE n 
1 49  GLY n 
1 50  ASN n 
1 51  GLY n 
1 52  ALA n 
1 53  ASN n 
1 54  SER n 
1 55  PHE n 
1 56  LYS n 
1 57  ALA n 
1 58  ARG n 
1 59  VAL n 
1 60  ALA n 
1 61  SER n 
1 62  GLY n 
1 63  ALA n 
1 64  ASP n 
1 65  THR n 
1 66  PRO n 
1 67  THR n 
1 68  ASN n 
1 69  ILE n 
1 70  GLN n 
1 71  LEU n 
1 72  ARG n 
1 73  LEU n 
1 74  GLY n 
1 75  SER n 
1 76  PRO n 
1 77  THR n 
1 78  GLY n 
1 79  THR n 
1 80  LEU n 
1 81  ILE n 
1 82  GLY n 
1 83  THR n 
1 84  LEU n 
1 85  THR n 
1 86  VAL n 
1 87  ALA n 
1 88  SER n 
1 89  THR n 
1 90  GLY n 
1 91  GLY n 
1 92  TRP n 
1 93  ASN n 
1 94  ASN n 
1 95  TYR n 
1 96  GLU n 
1 97  GLU n 
1 98  LYS n 
1 99  SER n 
1 100 CYS n 
1 101 SER n 
1 102 ILE n 
1 103 THR n 
1 104 ASN n 
1 105 THR n 
1 106 THR n 
1 107 GLY n 
1 108 GLN n 
1 109 HIS n 
1 110 ASP n 
1 111 LEU n 
1 112 TYR n 
1 113 LEU n 
1 114 VAL n 
1 115 PHE n 
1 116 SER n 
1 117 GLY n 
1 118 PRO n 
1 119 VAL n 
1 120 ASN n 
1 121 ILE n 
1 122 ASP n 
1 123 TYR n 
1 124 PHE n 
1 125 ILE n 
1 126 PHE n 
1 127 ASP n 
1 128 SER n 
1 129 ASN n 
1 130 GLY n 
1 131 VAL n 
1 132 ASN n 
1 133 PRO n 
# 
_entity_src_gen.entity_id                          1 
_entity_src_gen.pdbx_src_id                        1 
_entity_src_gen.pdbx_alt_source_flag               sample 
_entity_src_gen.pdbx_seq_type                      ? 
_entity_src_gen.pdbx_beg_seq_num                   ? 
_entity_src_gen.pdbx_end_seq_num                   ? 
_entity_src_gen.gene_src_common_name               ? 
_entity_src_gen.gene_src_genus                     ? 
_entity_src_gen.pdbx_gene_src_gene                 ? 
_entity_src_gen.gene_src_species                   ? 
_entity_src_gen.gene_src_strain                    ? 
_entity_src_gen.gene_src_tissue                    ? 
_entity_src_gen.gene_src_tissue_fraction           ? 
_entity_src_gen.gene_src_details                   ? 
_entity_src_gen.pdbx_gene_src_fragment             ? 
_entity_src_gen.pdbx_gene_src_scientific_name      'CLOSTRIDIUM THERMOCELLUM' 
_entity_src_gen.pdbx_gene_src_ncbi_taxonomy_id     1515 
_entity_src_gen.pdbx_gene_src_variant              ? 
_entity_src_gen.pdbx_gene_src_cell_line            ? 
_entity_src_gen.pdbx_gene_src_atcc                 ? 
_entity_src_gen.pdbx_gene_src_organ                ? 
_entity_src_gen.pdbx_gene_src_organelle            ? 
_entity_src_gen.pdbx_gene_src_cell                 ? 
_entity_src_gen.pdbx_gene_src_cellular_location    ? 
_entity_src_gen.host_org_common_name               ? 
_entity_src_gen.pdbx_host_org_scientific_name      'ESCHERICHIA COLI' 
_entity_src_gen.pdbx_host_org_ncbi_taxonomy_id     562 
_entity_src_gen.host_org_genus                     ? 
_entity_src_gen.pdbx_host_org_gene                 ? 
_entity_src_gen.pdbx_host_org_organ                ? 
_entity_src_gen.host_org_species                   ? 
_entity_src_gen.pdbx_host_org_tissue               ? 
_entity_src_gen.pdbx_host_org_tissue_fraction      ? 
_entity_src_gen.pdbx_host_org_strain               ? 
_entity_src_gen.pdbx_host_org_variant              ? 
_entity_src_gen.pdbx_host_org_cell_line            ? 
_entity_src_gen.pdbx_host_org_atcc                 ? 
_entity_src_gen.pdbx_host_org_culture_collection   ? 
_entity_src_gen.pdbx_host_org_cell                 ? 
_entity_src_gen.pdbx_host_org_organelle            ? 
_entity_src_gen.pdbx_host_org_cellular_location    ? 
_entity_src_gen.pdbx_host_org_vector_type          ? 
_entity_src_gen.pdbx_host_org_vector               ? 
_entity_src_gen.host_org_details                   ? 
_entity_src_gen.expression_system_id               ? 
_entity_src_gen.plasmid_name                       ? 
_entity_src_gen.plasmid_details                    ? 
_entity_src_gen.pdbx_description                   ? 
# 
_struct_ref.id                         1 
_struct_ref.db_name                    UNP 
_struct_ref.db_code                    O52780 
_struct_ref.entity_id                  1 
_struct_ref.pdbx_seq_one_letter_code   ? 
_struct_ref.pdbx_align_begin           ? 
_struct_ref.pdbx_db_accession          O52780 
_struct_ref.pdbx_db_isoform            ? 
# 
_struct_ref_seq.align_id                      1 
_struct_ref_seq.ref_id                        1 
_struct_ref_seq.pdbx_PDB_id_code              1UXX 
_struct_ref_seq.pdbx_strand_id                X 
_struct_ref_seq.seq_align_beg                 1 
_struct_ref_seq.pdbx_seq_align_beg_ins_code   ? 
_struct_ref_seq.seq_align_end                 133 
_struct_ref_seq.pdbx_seq_align_end_ins_code   ? 
_struct_ref_seq.pdbx_db_accession             O52780 
_struct_ref_seq.db_align_beg                  248 
_struct_ref_seq.pdbx_db_align_beg_ins_code    ? 
_struct_ref_seq.db_align_end                  380 
_struct_ref_seq.pdbx_db_align_end_ins_code    ? 
_struct_ref_seq.pdbx_auth_seq_align_beg       1 
_struct_ref_seq.pdbx_auth_seq_align_end       133 
# 
loop_
_chem_comp.id 
_chem_comp.type 
_chem_comp.mon_nstd_flag 
_chem_comp.name 
_chem_comp.pdbx_synonyms 
_chem_comp.formula 
_chem_comp.formula_weight 
ALA 'L-peptide linking'          y ALANINE             ?                                 'C3 H7 N O2'     89.093  
ARG 'L-peptide linking'          y ARGININE            ?                                 'C6 H15 N4 O2 1' 175.209 
ASN 'L-peptide linking'          y ASPARAGINE          ?                                 'C4 H8 N2 O3'    132.118 
ASP 'L-peptide linking'          y 'ASPARTIC ACID'     ?                                 'C4 H7 N O4'     133.103 
CA  non-polymer                  . 'CALCIUM ION'       ?                                 'Ca 2'           40.078  
CYS 'L-peptide linking'          y CYSTEINE            ?                                 'C3 H7 N O2 S'   121.158 
GLN 'L-peptide linking'          y GLUTAMINE           ?                                 'C5 H10 N2 O3'   146.144 
GLU 'L-peptide linking'          y 'GLUTAMIC ACID'     ?                                 'C5 H9 N O4'     147.129 
GLY 'peptide linking'            y GLYCINE             ?                                 'C2 H5 N O2'     75.067  
HIS 'L-peptide linking'          y HISTIDINE           ?                                 'C6 H10 N3 O2 1' 156.162 
HOH non-polymer                  . WATER               ?                                 'H2 O'           18.015  
ILE 'L-peptide linking'          y ISOLEUCINE          ?                                 'C6 H13 N O2'    131.173 
LEU 'L-peptide linking'          y LEUCINE             ?                                 'C6 H13 N O2'    131.173 
LYS 'L-peptide linking'          y LYSINE              ?                                 'C6 H15 N2 O2 1' 147.195 
PHE 'L-peptide linking'          y PHENYLALANINE       ?                                 'C9 H11 N O2'    165.189 
PRO 'L-peptide linking'          y PROLINE             ?                                 'C5 H9 N O2'     115.130 
SER 'L-peptide linking'          y SERINE              ?                                 'C3 H7 N O3'     105.093 
THR 'L-peptide linking'          y THREONINE           ?                                 'C4 H9 N O3'     119.119 
TRP 'L-peptide linking'          y TRYPTOPHAN          ?                                 'C11 H12 N2 O2'  204.225 
TYR 'L-peptide linking'          y TYROSINE            ?                                 'C9 H11 N O3'    181.189 
VAL 'L-peptide linking'          y VALINE              ?                                 'C5 H11 N O2'    117.146 
XYP 'D-saccharide, beta linking' . beta-D-xylopyranose 'beta-D-xylose; D-xylose; xylose' 'C5 H10 O5'      150.130 
# 
_exptl.entry_id          1UXX 
_exptl.method            'X-RAY DIFFRACTION' 
_exptl.crystals_number   1 
# 
_exptl_crystal.id                    1 
_exptl_crystal.density_meas          ? 
_exptl_crystal.density_Matthews      1.9 
_exptl_crystal.density_percent_sol   35 
_exptl_crystal.description           ? 
# 
_exptl_crystal_grow.crystal_id      1 
_exptl_crystal_grow.method          ? 
_exptl_crystal_grow.temp            ? 
_exptl_crystal_grow.temp_details    ? 
_exptl_crystal_grow.pH              4.60 
_exptl_crystal_grow.pdbx_pH_range   ? 
_exptl_crystal_grow.pdbx_details    '20% PEG 1000, 0.2 M SODIUM ACETATE, 0.1 M ACETATE BUFFER PH4.6, pH 4.60' 
# 
_diffrn.id                     1 
_diffrn.ambient_temp           100.0 
_diffrn.ambient_temp_details   ? 
_diffrn.crystal_id             1 
# 
_diffrn_detector.diffrn_id              1 
_diffrn_detector.detector               ? 
_diffrn_detector.type                   ? 
_diffrn_detector.pdbx_collection_date   2003-03-15 
_diffrn_detector.details                ? 
# 
_diffrn_radiation.diffrn_id                        1 
_diffrn_radiation.wavelength_id                    1 
_diffrn_radiation.pdbx_monochromatic_or_laue_m_l   M 
_diffrn_radiation.monochromator                    ? 
_diffrn_radiation.pdbx_diffrn_protocol             'SINGLE WAVELENGTH' 
_diffrn_radiation.pdbx_scattering_type             x-ray 
# 
_diffrn_radiation_wavelength.id           1 
_diffrn_radiation_wavelength.wavelength   0.934 
_diffrn_radiation_wavelength.wt           1.0 
# 
_diffrn_source.diffrn_id                   1 
_diffrn_source.source                      SYNCHROTRON 
_diffrn_source.type                        'ESRF BEAMLINE ID14-1' 
_diffrn_source.pdbx_synchrotron_site       ESRF 
_diffrn_source.pdbx_synchrotron_beamline   ID14-1 
_diffrn_source.pdbx_wavelength             0.934 
_diffrn_source.pdbx_wavelength_list        ? 
# 
_reflns.pdbx_diffrn_id               1 
_reflns.pdbx_ordinal                 1 
_reflns.entry_id                     1UXX 
_reflns.observed_criterion_sigma_I   ? 
_reflns.observed_criterion_sigma_F   ? 
_reflns.d_resolution_low             52.000 
_reflns.d_resolution_high            1.600 
_reflns.number_obs                   13033 
_reflns.number_all                   ? 
_reflns.percent_possible_obs         99.5 
_reflns.pdbx_Rmerge_I_obs            0.03000 
_reflns.pdbx_Rsym_value              ? 
_reflns.pdbx_netI_over_sigmaI        16.0000 
_reflns.B_iso_Wilson_estimate        ? 
_reflns.pdbx_redundancy              3.400 
# 
_reflns_shell.pdbx_diffrn_id         1 
_reflns_shell.pdbx_ordinal           1 
_reflns_shell.d_res_high             1.60 
_reflns_shell.d_res_low              1.66 
_reflns_shell.percent_possible_all   99.9 
_reflns_shell.Rmerge_I_obs           0.09400 
_reflns_shell.pdbx_Rsym_value        ? 
_reflns_shell.meanI_over_sigI_obs    9.100 
_reflns_shell.pdbx_redundancy        3.40 
# 
_refine.pdbx_refine_id                           'X-RAY DIFFRACTION' 
_refine.entry_id                                 1UXX 
_refine.pdbx_diffrn_id                           1 
_refine.pdbx_TLS_residual_ADP_flag               ? 
_refine.ls_number_reflns_obs                     12391 
_refine.ls_number_reflns_all                     ? 
_refine.pdbx_ls_sigma_I                          ? 
_refine.pdbx_ls_sigma_F                          ? 
_refine.pdbx_data_cutoff_high_absF               ? 
_refine.pdbx_data_cutoff_low_absF                ? 
_refine.pdbx_data_cutoff_high_rms_absF           ? 
_refine.ls_d_res_low                             51.99 
_refine.ls_d_res_high                            1.60 
_refine.ls_percent_reflns_obs                    99.4 
_refine.ls_R_factor_obs                          0.182 
_refine.ls_R_factor_all                          ? 
_refine.ls_R_factor_R_work                       0.180 
_refine.ls_R_factor_R_free                       0.222 
_refine.ls_R_factor_R_free_error                 ? 
_refine.ls_R_factor_R_free_error_details         ? 
_refine.ls_percent_reflns_R_free                 4.900 
_refine.ls_number_reflns_R_free                  640 
_refine.ls_number_parameters                     ? 
_refine.ls_number_restraints                     ? 
_refine.occupancy_min                            ? 
_refine.occupancy_max                            ? 
_refine.correlation_coeff_Fo_to_Fc               0.951 
_refine.correlation_coeff_Fo_to_Fc_free          0.922 
_refine.B_iso_mean                               13.52 
_refine.aniso_B[1][1]                            0.35000 
_refine.aniso_B[2][2]                            0.23000 
_refine.aniso_B[3][3]                            -0.52000 
_refine.aniso_B[1][2]                            0.00000 
_refine.aniso_B[1][3]                            0.14000 
_refine.aniso_B[2][3]                            0.00000 
_refine.solvent_model_details                    'BABINET MODEL WITH MASK' 
_refine.solvent_model_param_ksol                 ? 
_refine.solvent_model_param_bsol                 ? 
_refine.pdbx_solvent_vdw_probe_radii             1.40 
_refine.pdbx_solvent_ion_probe_radii             0.80 
_refine.pdbx_solvent_shrinkage_radii             0.80 
_refine.pdbx_ls_cross_valid_method               THROUGHOUT 
_refine.details                                  'HYDROGENS HAVE BEEN ADDED IN THE RIDING POSITIONS' 
_refine.pdbx_starting_model                      'PDB ENTRY 1GMM' 
_refine.pdbx_method_to_determine_struct          'MOLECULAR REPLACEMENT' 
_refine.pdbx_isotropic_thermal_model             ? 
_refine.pdbx_stereochemistry_target_values       'MAXIMUM LIKELIHOOD' 
_refine.pdbx_stereochem_target_val_spec_case     ? 
_refine.pdbx_R_Free_selection_details            RANDOM 
_refine.pdbx_overall_ESU_R                       0.108 
_refine.pdbx_overall_ESU_R_Free                  0.107 
_refine.overall_SU_ML                            0.062 
_refine.pdbx_overall_phase_error                 ? 
_refine.overall_SU_B                             1.710 
_refine.overall_SU_R_Cruickshank_DPI             ? 
_refine.pdbx_overall_SU_R_free_Cruickshank_DPI   ? 
_refine.pdbx_overall_SU_R_Blow_DPI               ? 
_refine.pdbx_overall_SU_R_free_Blow_DPI          ? 
# 
_refine_hist.pdbx_refine_id                   'X-RAY DIFFRACTION' 
_refine_hist.cycle_id                         LAST 
_refine_hist.pdbx_number_atoms_protein        931 
_refine_hist.pdbx_number_atoms_nucleic_acid   0 
_refine_hist.pdbx_number_atoms_ligand         47 
_refine_hist.number_atoms_solvent             108 
_refine_hist.number_atoms_total               1086 
_refine_hist.d_res_high                       1.60 
_refine_hist.d_res_low                        51.99 
# 
loop_
_refine_ls_restr.type 
_refine_ls_restr.dev_ideal 
_refine_ls_restr.dev_ideal_target 
_refine_ls_restr.weight 
_refine_ls_restr.number 
_refine_ls_restr.pdbx_refine_id 
_refine_ls_restr.pdbx_restraint_function 
r_bond_refined_d             0.012 0.021 ? 998  'X-RAY DIFFRACTION' ? 
r_bond_other_d               0.002 0.020 ? 830  'X-RAY DIFFRACTION' ? 
r_angle_refined_deg          1.455 1.994 ? 1360 'X-RAY DIFFRACTION' ? 
r_angle_other_deg            0.830 3.000 ? 1936 'X-RAY DIFFRACTION' ? 
r_dihedral_angle_1_deg       6.712 5.000 ? 123  'X-RAY DIFFRACTION' ? 
r_dihedral_angle_2_deg       ?     ?     ? ?    'X-RAY DIFFRACTION' ? 
r_dihedral_angle_3_deg       ?     ?     ? ?    'X-RAY DIFFRACTION' ? 
r_dihedral_angle_4_deg       ?     ?     ? ?    'X-RAY DIFFRACTION' ? 
r_chiral_restr               0.095 0.200 ? 165  'X-RAY DIFFRACTION' ? 
r_gen_planes_refined         0.005 0.020 ? 1084 'X-RAY DIFFRACTION' ? 
r_gen_planes_other           0.001 0.020 ? 189  'X-RAY DIFFRACTION' ? 
r_nbd_refined                0.237 0.200 ? 141  'X-RAY DIFFRACTION' ? 
r_nbd_other                  0.256 0.200 ? 939  'X-RAY DIFFRACTION' ? 
r_nbtor_refined              ?     ?     ? ?    'X-RAY DIFFRACTION' ? 
r_nbtor_other                0.086 0.200 ? 569  'X-RAY DIFFRACTION' ? 
r_xyhbond_nbd_refined        0.158 0.200 ? 78   'X-RAY DIFFRACTION' ? 
r_xyhbond_nbd_other          ?     ?     ? ?    'X-RAY DIFFRACTION' ? 
r_metal_ion_refined          0.128 0.200 ? 3    'X-RAY DIFFRACTION' ? 
r_metal_ion_other            ?     ?     ? ?    'X-RAY DIFFRACTION' ? 
r_symmetry_vdw_refined       0.177 0.200 ? 13   'X-RAY DIFFRACTION' ? 
r_symmetry_vdw_other         0.314 0.200 ? 36   'X-RAY DIFFRACTION' ? 
r_symmetry_hbond_refined     0.257 0.200 ? 8    'X-RAY DIFFRACTION' ? 
r_symmetry_hbond_other       ?     ?     ? ?    'X-RAY DIFFRACTION' ? 
r_symmetry_metal_ion_refined ?     ?     ? ?    'X-RAY DIFFRACTION' ? 
r_symmetry_metal_ion_other   ?     ?     ? ?    'X-RAY DIFFRACTION' ? 
r_mcbond_it                  1.058 1.500 ? 607  'X-RAY DIFFRACTION' ? 
r_mcbond_other               ?     ?     ? ?    'X-RAY DIFFRACTION' ? 
r_mcangle_it                 1.849 2.000 ? 975  'X-RAY DIFFRACTION' ? 
r_mcangle_other              ?     ?     ? ?    'X-RAY DIFFRACTION' ? 
r_scbond_it                  2.143 3.000 ? 391  'X-RAY DIFFRACTION' ? 
r_scbond_other               ?     ?     ? ?    'X-RAY DIFFRACTION' ? 
r_scangle_it                 3.355 4.500 ? 385  'X-RAY DIFFRACTION' ? 
r_scangle_other              ?     ?     ? ?    'X-RAY DIFFRACTION' ? 
r_long_range_B_refined       ?     ?     ? ?    'X-RAY DIFFRACTION' ? 
r_long_range_B_other         ?     ?     ? ?    'X-RAY DIFFRACTION' ? 
r_rigid_bond_restr           ?     ?     ? ?    'X-RAY DIFFRACTION' ? 
r_sphericity_free            ?     ?     ? ?    'X-RAY DIFFRACTION' ? 
r_sphericity_bonded          ?     ?     ? ?    'X-RAY DIFFRACTION' ? 
# 
_refine_ls_shell.pdbx_refine_id                   'X-RAY DIFFRACTION' 
_refine_ls_shell.pdbx_total_number_of_bins_used   20 
_refine_ls_shell.d_res_high                       1.60 
_refine_ls_shell.d_res_low                        1.64 
_refine_ls_shell.number_reflns_R_work             919 
_refine_ls_shell.R_factor_R_work                  0.2040 
_refine_ls_shell.percent_reflns_obs               ? 
_refine_ls_shell.R_factor_R_free                  0.2790 
_refine_ls_shell.R_factor_R_free_error            ? 
_refine_ls_shell.percent_reflns_R_free            ? 
_refine_ls_shell.number_reflns_R_free             53 
_refine_ls_shell.number_reflns_all                ? 
_refine_ls_shell.R_factor_all                     ? 
# 
_struct.entry_id                  1UXX 
_struct.title                     'CBM6ct from Clostridium thermocellum in complex with xylopentaose' 
_struct.pdbx_model_details        ? 
_struct.pdbx_CASP_flag            ? 
_struct.pdbx_model_type_details   ? 
# 
_struct_keywords.entry_id        1UXX 
_struct_keywords.pdbx_keywords   'CARBOHYDRATE BINDING MODULE' 
_struct_keywords.text            'CARBOHYDRATE BINDING MODULE, CBM6, XYLOPENTAOSE BINDING, XYLAN DEGRADATION' 
# 
loop_
_struct_asym.id 
_struct_asym.pdbx_blank_PDB_chainid_flag 
_struct_asym.pdbx_modified 
_struct_asym.entity_id 
_struct_asym.details 
A N N 1 ? 
B N N 2 ? 
C N N 3 ? 
D N N 4 ? 
# 
_struct_biol.id   1 
# 
_struct_conf.conf_type_id            HELX_P 
_struct_conf.id                      HELX_P1 
_struct_conf.pdbx_PDB_helix_id       1 
_struct_conf.beg_label_comp_id       GLU 
_struct_conf.beg_label_asym_id       A 
_struct_conf.beg_label_seq_id        10 
_struct_conf.pdbx_beg_PDB_ins_code   ? 
_struct_conf.end_label_comp_id       TYR 
_struct_conf.end_label_asym_id       A 
_struct_conf.end_label_seq_id        12 
_struct_conf.pdbx_end_PDB_ins_code   ? 
_struct_conf.beg_auth_comp_id        GLU 
_struct_conf.beg_auth_asym_id        X 
_struct_conf.beg_auth_seq_id         10 
_struct_conf.end_auth_comp_id        TYR 
_struct_conf.end_auth_asym_id        X 
_struct_conf.end_auth_seq_id         12 
_struct_conf.pdbx_PDB_helix_class    5 
_struct_conf.details                 ? 
_struct_conf.pdbx_PDB_helix_length   3 
# 
_struct_conf_type.id          HELX_P 
_struct_conf_type.criteria    ? 
_struct_conf_type.reference   ? 
# 
loop_
_struct_conn.id 
_struct_conn.conn_type_id 
_struct_conn.pdbx_leaving_atom_flag 
_struct_conn.pdbx_PDB_id 
_struct_conn.ptnr1_label_asym_id 
_struct_conn.ptnr1_label_comp_id 
_struct_conn.ptnr1_label_seq_id 
_struct_conn.ptnr1_label_atom_id 
_struct_conn.pdbx_ptnr1_label_alt_id 
_struct_conn.pdbx_ptnr1_PDB_ins_code 
_struct_conn.pdbx_ptnr1_standard_comp_id 
_struct_conn.ptnr1_symmetry 
_struct_conn.ptnr2_label_asym_id 
_struct_conn.ptnr2_label_comp_id 
_struct_conn.ptnr2_label_seq_id 
_struct_conn.ptnr2_label_atom_id 
_struct_conn.pdbx_ptnr2_label_alt_id 
_struct_conn.pdbx_ptnr2_PDB_ins_code 
_struct_conn.ptnr1_auth_asym_id 
_struct_conn.ptnr1_auth_comp_id 
_struct_conn.ptnr1_auth_seq_id 
_struct_conn.ptnr2_auth_asym_id 
_struct_conn.ptnr2_auth_comp_id 
_struct_conn.ptnr2_auth_seq_id 
_struct_conn.ptnr2_symmetry 
_struct_conn.pdbx_ptnr3_label_atom_id 
_struct_conn.pdbx_ptnr3_label_seq_id 
_struct_conn.pdbx_ptnr3_label_comp_id 
_struct_conn.pdbx_ptnr3_label_asym_id 
_struct_conn.pdbx_ptnr3_label_alt_id 
_struct_conn.pdbx_ptnr3_PDB_ins_code 
_struct_conn.details 
_struct_conn.pdbx_dist_value 
_struct_conn.pdbx_value_order 
_struct_conn.pdbx_role 
covale1 covale both ? B XYP .   O4  ? ? ? 1_555 B XYP . C1 ? ? A XYP 1    A XYP 2    1_555 ? ? ? ? ? ? ? 1.428 ? ? 
covale2 covale both ? B XYP .   O4  ? ? ? 1_555 B XYP . C1 ? ? A XYP 2    A XYP 3    1_555 ? ? ? ? ? ? ? 1.431 ? ? 
covale3 covale both ? B XYP .   O4  ? ? ? 1_555 B XYP . C1 ? ? A XYP 3    A XYP 4    1_555 ? ? ? ? ? ? ? 1.415 ? ? 
covale4 covale both ? B XYP .   O4  ? ? ? 1_555 B XYP . C1 ? ? A XYP 4    A XYP 5    1_555 ? ? ? ? ? ? ? 1.428 ? ? 
metalc1 metalc ?    ? A GLU 8   OE1 ? ? ? 1_555 C CA  . CA ? ? X GLU 8    X CA  1130 1_555 ? ? ? ? ? ? ? 2.271 ? ? 
metalc2 metalc ?    ? A GLU 10  OE2 ? ? ? 1_555 C CA  . CA ? ? X GLU 10   X CA  1130 1_555 ? ? ? ? ? ? ? 2.603 ? ? 
metalc3 metalc ?    ? A GLU 10  OE1 ? ? ? 1_555 C CA  . CA ? ? X GLU 10   X CA  1130 1_555 ? ? ? ? ? ? ? 2.435 ? ? 
metalc4 metalc ?    ? A SER 30  O   ? ? ? 1_555 C CA  . CA ? ? X SER 30   X CA  1130 1_555 ? ? ? ? ? ? ? 2.279 ? ? 
metalc5 metalc ?    ? A ASP 122 OD1 ? ? ? 1_555 C CA  . CA ? ? X ASP 122  X CA  1130 1_555 ? ? ? ? ? ? ? 2.337 ? ? 
metalc6 metalc ?    ? A ASP 122 O   ? ? ? 1_555 C CA  . CA ? ? X ASP 122  X CA  1130 1_555 ? ? ? ? ? ? ? 2.421 ? ? 
metalc7 metalc ?    ? C CA  .   CA  ? ? ? 1_555 D HOH . O  ? ? X CA  1130 X HOH 2100 1_555 ? ? ? ? ? ? ? 2.481 ? ? 
# 
loop_
_struct_conn_type.id 
_struct_conn_type.criteria 
_struct_conn_type.reference 
covale ? ? 
metalc ? ? 
# 
loop_
_struct_sheet.id 
_struct_sheet.type 
_struct_sheet.number_strands 
_struct_sheet.details 
XA ? 4 ? 
XB ? 5 ? 
XC ? 2 ? 
# 
loop_
_struct_sheet_order.sheet_id 
_struct_sheet_order.range_id_1 
_struct_sheet_order.range_id_2 
_struct_sheet_order.offset 
_struct_sheet_order.sense 
XA 1 2 ? anti-parallel 
XA 2 3 ? anti-parallel 
XA 3 4 ? anti-parallel 
XB 1 2 ? anti-parallel 
XB 2 3 ? anti-parallel 
XB 3 4 ? anti-parallel 
XB 4 5 ? anti-parallel 
XC 1 2 ? anti-parallel 
# 
loop_
_struct_sheet_range.sheet_id 
_struct_sheet_range.id 
_struct_sheet_range.beg_label_comp_id 
_struct_sheet_range.beg_label_asym_id 
_struct_sheet_range.beg_label_seq_id 
_struct_sheet_range.pdbx_beg_PDB_ins_code 
_struct_sheet_range.end_label_comp_id 
_struct_sheet_range.end_label_asym_id 
_struct_sheet_range.end_label_seq_id 
_struct_sheet_range.pdbx_end_PDB_ins_code 
_struct_sheet_range.beg_auth_comp_id 
_struct_sheet_range.beg_auth_asym_id 
_struct_sheet_range.beg_auth_seq_id 
_struct_sheet_range.end_auth_comp_id 
_struct_sheet_range.end_auth_asym_id 
_struct_sheet_range.end_auth_seq_id 
XA 1 ILE A 7   ? GLU A 8   ? ILE X 7   GLU X 8   
XA 2 ASN A 120 ? ASP A 127 ? ASN X 120 ASP X 127 
XA 3 ALA A 52  ? SER A 61  ? ALA X 52  SER X 61  
XA 4 GLY A 91  ? THR A 105 ? GLY X 91  THR X 105 
XB 1 SER A 14  ? LYS A 16  ? SER X 14  LYS X 16  
XB 2 TYR A 40  ? ASN A 47  ? TYR X 40  ASN X 47  
XB 3 GLN A 108 ? PHE A 115 ? GLN X 108 PHE X 115 
XB 4 THR A 67  ? LEU A 73  ? THR X 67  LEU X 73  
XB 5 THR A 79  ? VAL A 86  ? THR X 79  VAL X 86  
XC 1 GLN A 21  ? GLY A 24  ? GLN X 21  GLY X 24  
XC 2 SER A 30  ? GLY A 33  ? SER X 30  GLY X 33  
# 
loop_
_pdbx_struct_sheet_hbond.sheet_id 
_pdbx_struct_sheet_hbond.range_id_1 
_pdbx_struct_sheet_hbond.range_id_2 
_pdbx_struct_sheet_hbond.range_1_label_atom_id 
_pdbx_struct_sheet_hbond.range_1_label_comp_id 
_pdbx_struct_sheet_hbond.range_1_label_asym_id 
_pdbx_struct_sheet_hbond.range_1_label_seq_id 
_pdbx_struct_sheet_hbond.range_1_PDB_ins_code 
_pdbx_struct_sheet_hbond.range_1_auth_atom_id 
_pdbx_struct_sheet_hbond.range_1_auth_comp_id 
_pdbx_struct_sheet_hbond.range_1_auth_asym_id 
_pdbx_struct_sheet_hbond.range_1_auth_seq_id 
_pdbx_struct_sheet_hbond.range_2_label_atom_id 
_pdbx_struct_sheet_hbond.range_2_label_comp_id 
_pdbx_struct_sheet_hbond.range_2_label_asym_id 
_pdbx_struct_sheet_hbond.range_2_label_seq_id 
_pdbx_struct_sheet_hbond.range_2_PDB_ins_code 
_pdbx_struct_sheet_hbond.range_2_auth_atom_id 
_pdbx_struct_sheet_hbond.range_2_auth_comp_id 
_pdbx_struct_sheet_hbond.range_2_auth_asym_id 
_pdbx_struct_sheet_hbond.range_2_auth_seq_id 
XA 1 2 N ILE A 7   ? N ILE X 7   O PHE A 124 ? O PHE X 124 
XA 2 3 O ASP A 127 ? O ASP X 127 N ASN A 53  ? N ASN X 53  
XA 3 4 O SER A 61  ? O SER X 61  N GLY A 91  ? N GLY X 91  
XB 1 2 N LYS A 16  ? N LYS X 16  O TYR A 40  ? O TYR X 40  
XB 2 3 N ILE A 46  ? N ILE X 46  O HIS A 109 ? O HIS X 109 
XB 3 4 N VAL A 114 ? N VAL X 114 O GLN A 70  ? O GLN X 70  
XB 4 5 N LEU A 73  ? N LEU X 73  O THR A 79  ? O THR X 79  
XC 1 2 N ILE A 23  ? N ILE X 23  O GLY A 31  ? O GLY X 31  
# 
_atom_sites.entry_id                    1UXX 
_atom_sites.fract_transf_matrix[1][1]   0.00718980 
_atom_sites.fract_transf_matrix[1][2]   -0.01515511 
_atom_sites.fract_transf_matrix[1][3]   0.03333152 
_atom_sites.fract_transf_matrix[2][1]   -0.01611794 
_atom_sites.fract_transf_matrix[2][2]   -0.01062099 
_atom_sites.fract_transf_matrix[2][3]   -0.00135240 
_atom_sites.fract_transf_matrix[3][1]   0.01556586 
_atom_sites.fract_transf_matrix[3][2]   -0.02277108 
_atom_sites.fract_transf_matrix[3][3]   -0.00668306 
_atom_sites.fract_transf_vector[1]      0.297477 
_atom_sites.fract_transf_vector[2]      -0.001697 
_atom_sites.fract_transf_vector[3]      0.287017 
# 
loop_
_atom_type.symbol 
C  
CA 
N  
O  
S  
# 
loop_
_atom_site.group_PDB 
_atom_site.id 
_atom_site.type_symbol 
_atom_site.label_atom_id 
_atom_site.label_alt_id 
_atom_site.label_comp_id 
_atom_site.label_asym_id 
_atom_site.label_entity_id 
_atom_site.label_seq_id 
_atom_site.pdbx_PDB_ins_code 
_atom_site.Cartn_x 
_atom_site.Cartn_y 
_atom_site.Cartn_z 
_atom_site.occupancy 
_atom_site.B_iso_or_equiv 
_atom_site.pdbx_formal_charge 
_atom_site.auth_seq_id 
_atom_site.auth_comp_id 
_atom_site.auth_asym_id 
_atom_site.auth_atom_id 
_atom_site.pdbx_PDB_model_num 
ATOM   1    N  N   . LYS A 1 6   ? 8.799   4.144   7.184   1.00 16.03 ? 6    LYS X N   1 
ATOM   2    C  CA  . LYS A 1 6   ? 8.511   2.761   6.678   1.00 15.40 ? 6    LYS X CA  1 
ATOM   3    C  C   . LYS A 1 6   ? 7.464   2.023   7.489   1.00 15.02 ? 6    LYS X C   1 
ATOM   4    O  O   . LYS A 1 6   ? 7.522   1.968   8.730   1.00 16.31 ? 6    LYS X O   1 
ATOM   5    C  CB  . LYS A 1 6   ? 9.782   1.926   6.663   1.00 15.28 ? 6    LYS X CB  1 
ATOM   6    C  CG  . LYS A 1 6   ? 9.596   0.450   6.315   1.00 14.99 ? 6    LYS X CG  1 
ATOM   7    C  CD  . LYS A 1 6   ? 10.895  -0.174  5.942   1.00 16.28 ? 6    LYS X CD  1 
ATOM   8    C  CE  . LYS A 1 6   ? 10.727  -1.658  5.758   1.00 16.70 ? 6    LYS X CE  1 
ATOM   9    N  NZ  . LYS A 1 6   ? 11.987  -2.391  5.582   1.00 15.45 ? 6    LYS X NZ  1 
ATOM   10   N  N   . ILE A 1 7   ? 6.537   1.384   6.774   1.00 12.95 ? 7    ILE X N   1 
ATOM   11   C  CA  . ILE A 1 7   ? 5.444   0.615   7.361   1.00 12.26 ? 7    ILE X CA  1 
ATOM   12   C  C   . ILE A 1 7   ? 5.397   -0.760  6.692   1.00 10.82 ? 7    ILE X C   1 
ATOM   13   O  O   . ILE A 1 7   ? 5.520   -0.865  5.478   1.00 10.48 ? 7    ILE X O   1 
ATOM   14   C  CB  . ILE A 1 7   ? 4.081   1.322   7.148   1.00 12.49 ? 7    ILE X CB  1 
ATOM   15   C  CG1 . ILE A 1 7   ? 4.080   2.736   7.743   1.00 14.64 ? 7    ILE X CG1 1 
ATOM   16   C  CG2 . ILE A 1 7   ? 2.947   0.482   7.719   1.00 11.03 ? 7    ILE X CG2 1 
ATOM   17   C  CD1 . ILE A 1 7   ? 4.385   2.803   9.115   1.00 18.62 ? 7    ILE X CD1 1 
ATOM   18   N  N   . GLU A 1 8   ? 5.279   -1.806  7.500   1.00 10.15 ? 8    GLU X N   1 
ATOM   19   C  CA  . GLU A 1 8   ? 5.098   -3.174  6.992   1.00 9.84  ? 8    GLU X CA  1 
ATOM   20   C  C   . GLU A 1 8   ? 3.619   -3.431  6.735   1.00 9.42  ? 8    GLU X C   1 
ATOM   21   O  O   . GLU A 1 8   ? 2.777   -3.221  7.594   1.00 9.11  ? 8    GLU X O   1 
ATOM   22   C  CB  . GLU A 1 8   ? 5.586   -4.218  7.981   1.00 10.85 ? 8    GLU X CB  1 
ATOM   23   C  CG  . GLU A 1 8   ? 7.064   -4.111  8.293   1.00 10.55 ? 8    GLU X CG  1 
ATOM   24   C  CD  . GLU A 1 8   ? 8.006   -4.543  7.183   1.00 14.48 ? 8    GLU X CD  1 
ATOM   25   O  OE1 . GLU A 1 8   ? 7.585   -5.126  6.170   1.00 11.21 ? 8    GLU X OE1 1 
ATOM   26   O  OE2 . GLU A 1 8   ? 9.239   -4.310  7.334   1.00 15.71 ? 8    GLU X OE2 1 
ATOM   27   N  N   . SER A 1 9   ? 3.282   -3.905  5.539   1.00 8.51  ? 9    SER X N   1 
ATOM   28   C  CA  . SER A 1 9   ? 1.875   -4.135  5.235   1.00 8.49  ? 9    SER X CA  1 
ATOM   29   C  C   . SER A 1 9   ? 1.214   -5.132  6.191   1.00 8.55  ? 9    SER X C   1 
ATOM   30   O  O   . SER A 1 9   ? 0.022   -5.014  6.498   1.00 8.71  ? 9    SER X O   1 
ATOM   31   C  CB  . SER A 1 9   ? 1.722   -4.611  3.801   1.00 7.33  ? 9    SER X CB  1 
ATOM   32   O  OG  . SER A 1 9   ? 2.387   -5.850  3.660   1.00 7.45  ? 9    SER X OG  1 
ATOM   33   N  N   . GLU A 1 10  ? 1.984   -6.114  6.640   1.00 8.78  ? 10   GLU X N   1 
ATOM   34   C  CA  . GLU A 1 10  ? 1.506   -7.200  7.520   1.00 8.83  ? 10   GLU X CA  1 
ATOM   35   C  C   . GLU A 1 10  ? 1.336   -6.753  8.980   1.00 9.76  ? 10   GLU X C   1 
ATOM   36   O  O   . GLU A 1 10  ? 0.916   -7.553  9.811   1.00 9.59  ? 10   GLU X O   1 
ATOM   37   C  CB  . GLU A 1 10  ? 2.441   -8.411  7.425   1.00 10.59 ? 10   GLU X CB  1 
ATOM   38   C  CG  . GLU A 1 10  ? 3.830   -8.196  8.022   1.00 10.88 ? 10   GLU X CG  1 
ATOM   39   C  CD  . GLU A 1 10  ? 4.877   -7.729  7.017   1.00 11.39 ? 10   GLU X CD  1 
ATOM   40   O  OE1 . GLU A 1 10  ? 4.534   -7.121  5.988   1.00 9.97  ? 10   GLU X OE1 1 
ATOM   41   O  OE2 . GLU A 1 10  ? 6.096   -7.968  7.242   1.00 12.21 ? 10   GLU X OE2 1 
ATOM   42   N  N   . GLU A 1 11  ? 1.663   -5.488  9.255   1.00 9.56  ? 11   GLU X N   1 
ATOM   43   C  CA  . GLU A 1 11  ? 1.453   -4.857  10.574  1.00 9.87  ? 11   GLU X CA  1 
ATOM   44   C  C   . GLU A 1 11  ? 0.312   -3.822  10.537  1.00 9.48  ? 11   GLU X C   1 
ATOM   45   O  O   . GLU A 1 11  ? 0.326   -2.829  11.241  1.00 9.87  ? 11   GLU X O   1 
ATOM   46   C  CB  . GLU A 1 11  ? 2.786   -4.293  11.088  1.00 10.84 ? 11   GLU X CB  1 
ATOM   47   C  CG  . GLU A 1 11  ? 3.773   -5.379  11.460  1.00 12.57 ? 11   GLU X CG  1 
ATOM   48   C  CD  . GLU A 1 11  ? 5.168   -4.860  11.767  1.00 14.75 ? 11   GLU X CD  1 
ATOM   49   O  OE1 . GLU A 1 11  ? 5.372   -3.641  11.817  1.00 19.13 ? 11   GLU X OE1 1 
ATOM   50   O  OE2 . GLU A 1 11  ? 6.069   -5.708  11.955  1.00 18.04 ? 11   GLU X OE2 1 
ATOM   51   N  N   . TYR A 1 12  ? -0.695  -4.093  9.710   1.00 9.40  ? 12   TYR X N   1 
ATOM   52   C  CA  . TYR A 1 12  ? -1.897  -3.267  9.695   1.00 9.95  ? 12   TYR X CA  1 
ATOM   53   C  C   . TYR A 1 12  ? -2.595  -3.357  11.051  1.00 11.53 ? 12   TYR X C   1 
ATOM   54   O  O   . TYR A 1 12  ? -2.464  -4.380  11.745  1.00 11.83 ? 12   TYR X O   1 
ATOM   55   C  CB  . TYR A 1 12  ? -2.807  -3.712  8.555   1.00 9.85  ? 12   TYR X CB  1 
ATOM   56   C  CG  . TYR A 1 12  ? -3.341  -5.112  8.678   1.00 8.96  ? 12   TYR X CG  1 
ATOM   57   C  CD1 . TYR A 1 12  ? -2.784  -6.160  7.964   1.00 8.72  ? 12   TYR X CD1 1 
ATOM   58   C  CD2 . TYR A 1 12  ? -4.426  -5.404  9.497   1.00 9.29  ? 12   TYR X CD2 1 
ATOM   59   C  CE1 . TYR A 1 12  ? -3.249  -7.420  8.065   1.00 7.06  ? 12   TYR X CE1 1 
ATOM   60   C  CE2 . TYR A 1 12  ? -4.920  -6.679  9.586   1.00 8.55  ? 12   TYR X CE2 1 
ATOM   61   C  CZ  . TYR A 1 12  ? -4.322  -7.714  8.860   1.00 9.08  ? 12   TYR X CZ  1 
ATOM   62   O  OH  . TYR A 1 12  ? -4.749  -9.043  8.898   1.00 11.42 ? 12   TYR X OH  1 
ATOM   63   N  N   . ASN A 1 13  ? -3.298  -2.284  11.423  1.00 13.60 ? 13   ASN X N   1 
ATOM   64   C  CA  . ASN A 1 13  ? -4.129  -2.285  12.651  1.00 14.38 ? 13   ASN X CA  1 
ATOM   65   C  C   . ASN A 1 13  ? -5.497  -2.904  12.439  1.00 15.07 ? 13   ASN X C   1 
ATOM   66   O  O   . ASN A 1 13  ? -6.045  -3.573  13.324  1.00 16.95 ? 13   ASN X O   1 
ATOM   67   C  CB  . ASN A 1 13  ? -4.288  -0.861  13.203  1.00 14.57 ? 13   ASN X CB  1 
ATOM   68   C  CG  . ASN A 1 13  ? -2.980  -0.247  13.605  1.00 15.46 ? 13   ASN X CG  1 
ATOM   69   O  OD1 . ASN A 1 13  ? -2.445  0.608   12.934  1.00 17.37 ? 13   ASN X OD1 1 
ATOM   70   N  ND2 . ASN A 1 13  ? -2.436  -0.706  14.735  1.00 21.05 ? 13   ASN X ND2 1 
ATOM   71   N  N   . SER A 1 14  ? -6.078  -2.651  11.267  1.00 14.53 ? 14   SER X N   1 
ATOM   72   C  CA  . SER A 1 14  ? -7.345  -3.227  10.878  1.00 15.02 ? 14   SER X CA  1 
ATOM   73   C  C   . SER A 1 14  ? -7.408  -3.360  9.359   1.00 13.48 ? 14   SER X C   1 
ATOM   74   O  O   . SER A 1 14  ? -6.542  -2.839  8.668   1.00 12.55 ? 14   SER X O   1 
ATOM   75   C  CB  . SER A 1 14  ? -8.495  -2.332  11.336  1.00 15.50 ? 14   SER X CB  1 
ATOM   76   O  OG  . SER A 1 14  ? -9.685  -3.086  11.291  1.00 22.28 ? 14   SER X OG  1 
ATOM   77   N  N   . LEU A 1 15  ? -8.427  -4.053  8.877   1.00 13.40 ? 15   LEU X N   1 
ATOM   78   C  CA  . LEU A 1 15  ? -8.675  -4.188  7.441   1.00 12.75 ? 15   LEU X CA  1 
ATOM   79   C  C   . LEU A 1 15  ? -10.151 -4.420  7.127   1.00 13.78 ? 15   LEU X C   1 
ATOM   80   O  O   . LEU A 1 15  ? -10.953 -4.705  8.033   1.00 14.93 ? 15   LEU X O   1 
ATOM   81   C  CB  . LEU A 1 15  ? -7.803  -5.314  6.855   1.00 12.33 ? 15   LEU X CB  1 
ATOM   82   C  CG  . LEU A 1 15  ? -8.018  -6.784  7.226   1.00 13.88 ? 15   LEU X CG  1 
ATOM   83   C  CD1 . LEU A 1 15  ? -9.448  -7.311  7.051   1.00 17.48 ? 15   LEU X CD1 1 
ATOM   84   C  CD2 . LEU A 1 15  ? -7.046  -7.611  6.424   1.00 13.96 ? 15   LEU X CD2 1 
ATOM   85   N  N   . LYS A 1 16  ? -10.498 -4.234  5.854   1.00 12.04 ? 16   LYS X N   1 
ATOM   86   C  CA  . LYS A 1 16  ? -11.757 -4.650  5.293   1.00 13.08 ? 16   LYS X CA  1 
ATOM   87   C  C   . LYS A 1 16  ? -11.447 -5.572  4.114   1.00 12.37 ? 16   LYS X C   1 
ATOM   88   O  O   . LYS A 1 16  ? -10.945 -5.150  3.087   1.00 12.50 ? 16   LYS X O   1 
ATOM   89   C  CB  . LYS A 1 16  ? -12.593 -3.462  4.836   1.00 13.56 ? 16   LYS X CB  1 
ATOM   90   C  CG  . LYS A 1 16  ? -14.022 -3.871  4.433   1.00 17.64 ? 16   LYS X CG  1 
ATOM   91   C  CD  . LYS A 1 16  ? -14.495 -3.181  3.181   1.00 21.04 ? 16   LYS X CD  1 
ATOM   92   C  CE  . LYS A 1 16  ? -14.055 -3.905  1.959   1.00 23.79 ? 16   LYS X CE  1 
ATOM   93   N  NZ  . LYS A 1 16  ? -14.940 -3.581  0.832   1.00 22.23 ? 16   LYS X NZ  1 
ATOM   94   N  N   . SER A 1 17  ? -11.737 -6.850  4.302   1.00 10.99 ? 17   SER X N   1 
ATOM   95   C  CA  . SER A 1 17  ? -11.500 -7.900  3.329   1.00 10.84 ? 17   SER X CA  1 
ATOM   96   C  C   . SER A 1 17  ? -12.104 -9.199  3.826   1.00 11.52 ? 17   SER X C   1 
ATOM   97   O  O   . SER A 1 17  ? -12.238 -9.395  5.035   1.00 12.74 ? 17   SER X O   1 
ATOM   98   C  CB  . SER A 1 17  ? -9.997  -8.171  3.146   1.00 10.21 ? 17   SER X CB  1 
ATOM   99   O  OG  . SER A 1 17  ? -9.748  -9.078  2.069   1.00 10.15 ? 17   SER X OG  1 
ATOM   100  N  N   . SER A 1 18  ? -12.446 -10.066 2.902   1.00 11.82 ? 18   SER X N   1 
ATOM   101  C  CA  . SER A 1 18  ? -12.812 -11.433 3.236   1.00 12.02 ? 18   SER X CA  1 
ATOM   102  C  C   . SER A 1 18  ? -11.803 -12.426 2.692   1.00 11.63 ? 18   SER X C   1 
ATOM   103  O  O   . SER A 1 18  ? -11.961 -13.629 2.864   1.00 12.42 ? 18   SER X O   1 
ATOM   104  C  CB  . SER A 1 18  ? -14.206 -11.750 2.720   1.00 13.51 ? 18   SER X CB  1 
ATOM   105  O  OG  . SER A 1 18  ? -14.258 -11.694 1.312   1.00 16.87 ? 18   SER X OG  1 
ATOM   106  N  N   . THR A 1 19  ? -10.733 -11.908 2.079   1.00 10.76 ? 19   THR X N   1 
ATOM   107  C  CA  . THR A 1 19  ? -9.770  -12.720 1.369   1.00 9.64  ? 19   THR X CA  1 
ATOM   108  C  C   . THR A 1 19  ? -8.306  -12.501 1.770   1.00 8.50  ? 19   THR X C   1 
ATOM   109  O  O   . THR A 1 19  ? -7.521  -13.417 1.618   1.00 8.24  ? 19   THR X O   1 
ATOM   110  C  CB  . THR A 1 19  ? -9.884  -12.492 -0.143  1.00 11.12 ? 19   THR X CB  1 
ATOM   111  O  OG1 . THR A 1 19  ? -9.777  -11.099 -0.454  1.00 9.70  ? 19   THR X OG1 1 
ATOM   112  C  CG2 . THR A 1 19  ? -11.246 -12.887 -0.629  1.00 10.99 ? 19   THR X CG2 1 
ATOM   113  N  N   . ILE A 1 20  ? -7.951  -11.306 2.217   1.00 8.83  ? 20   ILE X N   1 
ATOM   114  C  CA  . ILE A 1 20  ? -6.532  -10.980 2.464   1.00 8.11  ? 20   ILE X CA  1 
ATOM   115  C  C   . ILE A 1 20  ? -5.864  -12.016 3.379   1.00 8.41  ? 20   ILE X C   1 
ATOM   116  O  O   . ILE A 1 20  ? -6.456  -12.455 4.401   1.00 9.41  ? 20   ILE X O   1 
ATOM   117  C  CB  . ILE A 1 20  ? -6.377  -9.547  3.037   1.00 7.94  ? 20   ILE X CB  1 
ATOM   118  C  CG1 . ILE A 1 20  ? -6.317  -8.525  1.908   1.00 7.74  ? 20   ILE X CG1 1 
ATOM   119  C  CG2 . ILE A 1 20  ? -5.170  -9.435  3.971   1.00 7.35  ? 20   ILE X CG2 1 
ATOM   120  C  CD1 . ILE A 1 20  ? -6.491  -7.132  2.310   1.00 7.45  ? 20   ILE X CD1 1 
ATOM   121  N  N   . GLN A 1 21  ? -4.639  -12.400 3.013   1.00 8.42  ? 21   GLN X N   1 
ATOM   122  C  CA  . GLN A 1 21  ? -3.781  -13.278 3.794   1.00 8.06  ? 21   GLN X CA  1 
ATOM   123  C  C   . GLN A 1 21  ? -2.426  -12.628 3.999   1.00 8.65  ? 21   GLN X C   1 
ATOM   124  O  O   . GLN A 1 21  ? -1.970  -11.878 3.140   1.00 8.92  ? 21   GLN X O   1 
ATOM   125  C  CB  . GLN A 1 21  ? -3.526  -14.591 3.049   1.00 9.13  ? 21   GLN X CB  1 
ATOM   126  C  CG  . GLN A 1 21  ? -4.783  -15.266 2.539   1.00 10.08 ? 21   GLN X CG  1 
ATOM   127  C  CD  . GLN A 1 21  ? -5.583  -15.841 3.656   1.00 11.46 ? 21   GLN X CD  1 
ATOM   128  O  OE1 . GLN A 1 21  ? -6.788  -15.531 3.832   1.00 15.63 ? 21   GLN X OE1 1 
ATOM   129  N  NE2 . GLN A 1 21  ? -4.934  -16.688 4.436   1.00 9.88  ? 21   GLN X NE2 1 
ATOM   130  N  N   . THR A 1 22  ? -1.797  -12.930 5.127   1.00 8.16  ? 22   THR X N   1 
ATOM   131  C  CA  . THR A 1 22  ? -0.376  -12.644 5.277   1.00 8.41  ? 22   THR X CA  1 
ATOM   132  C  C   . THR A 1 22  ? 0.382   -13.712 4.502   1.00 8.85  ? 22   THR X C   1 
ATOM   133  O  O   . THR A 1 22  ? 0.083   -14.907 4.603   1.00 10.81 ? 22   THR X O   1 
ATOM   134  C  CB  . THR A 1 22  ? 0.005   -12.662 6.734   1.00 8.07  ? 22   THR X CB  1 
ATOM   135  O  OG1 . THR A 1 22  ? -0.696  -11.623 7.419   1.00 9.86  ? 22   THR X OG1 1 
ATOM   136  C  CG2 . THR A 1 22  ? 1.472   -12.322 6.873   1.00 9.11  ? 22   THR X CG2 1 
ATOM   137  N  N   . ILE A 1 23  ? 1.369   -13.292 3.723   1.00 9.25  ? 23   ILE X N   1 
ATOM   138  C  CA  . ILE A 1 23  ? 2.131   -14.184 2.845   1.00 9.40  ? 23   ILE X CA  1 
ATOM   139  C  C   . ILE A 1 23  ? 3.606   -14.012 3.126   1.00 9.83  ? 23   ILE X C   1 
ATOM   140  O  O   . ILE A 1 23  ? 4.017   -13.064 3.766   1.00 9.72  ? 23   ILE X O   1 
ATOM   141  C  CB  . ILE A 1 23  ? 1.836   -13.855 1.355   1.00 9.97  ? 23   ILE X CB  1 
ATOM   142  C  CG1 . ILE A 1 23  ? 2.187   -12.413 1.014   1.00 9.25  ? 23   ILE X CG1 1 
ATOM   143  C  CG2 . ILE A 1 23  ? 0.364   -14.128 1.015   1.00 10.65 ? 23   ILE X CG2 1 
ATOM   144  C  CD1 . ILE A 1 23  ? 2.196   -12.110 -0.494  1.00 11.88 ? 23   ILE X CD1 1 
ATOM   145  N  N   . GLY A 1 24  ? 4.411   -14.925 2.610   1.00 11.46 ? 24   GLY X N   1 
ATOM   146  C  CA  . GLY A 1 24  ? 5.844   -14.762 2.666   1.00 13.10 ? 24   GLY X CA  1 
ATOM   147  C  C   . GLY A 1 24  ? 6.355   -14.299 1.322   1.00 15.02 ? 24   GLY X C   1 
ATOM   148  O  O   . GLY A 1 24  ? 5.656   -14.380 0.297   1.00 14.48 ? 24   GLY X O   1 
ATOM   149  N  N   . THR A 1 25  ? 7.588   -13.810 1.347   1.00 17.07 ? 25   THR X N   1 
ATOM   150  C  CA  . THR A 1 25  ? 8.396   -13.608 0.160   1.00 18.42 ? 25   THR X CA  1 
ATOM   151  C  C   . THR A 1 25  ? 9.569   -14.603 0.198   1.00 19.49 ? 25   THR X C   1 
ATOM   152  O  O   . THR A 1 25  ? 9.927   -15.151 1.260   1.00 20.45 ? 25   THR X O   1 
ATOM   153  C  CB  . THR A 1 25  ? 8.938   -12.181 0.148   1.00 18.34 ? 25   THR X CB  1 
ATOM   154  O  OG1 . THR A 1 25  ? 9.957   -12.069 1.142   1.00 18.28 ? 25   THR X OG1 1 
ATOM   155  C  CG2 . THR A 1 25  ? 7.880   -11.148 0.587   1.00 18.08 ? 25   THR X CG2 1 
ATOM   156  N  N   . SER A 1 26  ? 10.184  -14.813 -0.956  1.00 20.37 ? 26   SER X N   1 
ATOM   157  C  CA  . SER A 1 26  ? 11.289  -15.759 -1.105  1.00 21.26 ? 26   SER X CA  1 
ATOM   158  C  C   . SER A 1 26  ? 12.560  -15.294 -0.410  1.00 22.32 ? 26   SER X C   1 
ATOM   159  O  O   . SER A 1 26  ? 13.503  -16.068 -0.260  1.00 23.08 ? 26   SER X O   1 
ATOM   160  C  CB  . SER A 1 26  ? 11.550  -15.987 -2.596  1.00 21.23 ? 26   SER X CB  1 
ATOM   161  O  OG  . SER A 1 26  ? 10.335  -16.376 -3.242  1.00 22.56 ? 26   SER X OG  1 
ATOM   162  N  N   . ASP A 1 27  ? 12.597  -14.036 0.022   1.00 22.81 ? 27   ASP X N   1 
ATOM   163  C  CA  . ASP A 1 27  ? 13.754  -13.518 0.779   1.00 23.26 ? 27   ASP X CA  1 
ATOM   164  C  C   . ASP A 1 27  ? 13.614  -13.638 2.305   1.00 23.16 ? 27   ASP X C   1 
ATOM   165  O  O   . ASP A 1 27  ? 14.496  -13.199 3.046   1.00 24.21 ? 27   ASP X O   1 
ATOM   166  C  CB  . ASP A 1 27  ? 14.071  -12.080 0.380   1.00 23.78 ? 27   ASP X CB  1 
ATOM   167  C  CG  . ASP A 1 27  ? 12.841  -11.281 0.101   1.00 24.32 ? 27   ASP X CG  1 
ATOM   168  O  OD1 . ASP A 1 27  ? 12.152  -10.921 1.075   1.00 29.50 ? 27   ASP X OD1 1 
ATOM   169  O  OD2 . ASP A 1 27  ? 12.468  -11.017 -1.060  1.00 26.58 ? 27   ASP X OD2 1 
ATOM   170  N  N   . GLY A 1 28  ? 12.522  -14.241 2.764   1.00 22.52 ? 28   GLY X N   1 
ATOM   171  C  CA  . GLY A 1 28  ? 12.278  -14.466 4.178   1.00 22.05 ? 28   GLY X CA  1 
ATOM   172  C  C   . GLY A 1 28  ? 11.460  -13.383 4.857   1.00 21.04 ? 28   GLY X C   1 
ATOM   173  O  O   . GLY A 1 28  ? 11.288  -13.398 6.087   1.00 22.86 ? 28   GLY X O   1 
ATOM   174  N  N   . GLY A 1 29  ? 10.954  -12.439 4.068   1.00 18.89 ? 29   GLY X N   1 
ATOM   175  C  CA  . GLY A 1 29  ? 10.073  -11.393 4.573   1.00 17.24 ? 29   GLY X CA  1 
ATOM   176  C  C   . GLY A 1 29  ? 8.619   -11.835 4.524   1.00 15.23 ? 29   GLY X C   1 
ATOM   177  O  O   . GLY A 1 29  ? 8.302   -12.967 4.188   1.00 14.90 ? 29   GLY X O   1 
ATOM   178  N  N   . SER A 1 30  ? 7.744   -10.927 4.925   1.00 13.35 ? 30   SER X N   1 
ATOM   179  C  CA  . SER A 1 30  ? 6.308   -11.155 4.926   1.00 12.27 ? 30   SER X CA  1 
ATOM   180  C  C   . SER A 1 30  ? 5.606   -9.979  4.290   1.00 10.28 ? 30   SER X C   1 
ATOM   181  O  O   . SER A 1 30  ? 6.178   -8.895  4.117   1.00 9.61  ? 30   SER X O   1 
ATOM   182  C  CB  . SER A 1 30  ? 5.766   -11.334 6.345   1.00 13.43 ? 30   SER X CB  1 
ATOM   183  O  OG  . SER A 1 30  ? 6.384   -12.441 7.014   1.00 18.82 ? 30   SER X OG  1 
ATOM   184  N  N   . GLY A 1 31  ? 4.339   -10.176 3.971   1.00 8.52  ? 31   GLY X N   1 
ATOM   185  C  CA  . GLY A 1 31  ? 3.554   -9.111  3.381   1.00 7.12  ? 31   GLY X CA  1 
ATOM   186  C  C   . GLY A 1 31  ? 2.115   -9.533  3.255   1.00 7.27  ? 31   GLY X C   1 
ATOM   187  O  O   . GLY A 1 31  ? 1.680   -10.450 3.973   1.00 8.25  ? 31   GLY X O   1 
ATOM   188  N  N   . ILE A 1 32  ? 1.391   -8.854  2.373   1.00 7.09  ? 32   ILE X N   1 
ATOM   189  C  CA  . ILE A 1 32  ? -0.064  -9.048  2.199   1.00 6.46  ? 32   ILE X CA  1 
ATOM   190  C  C   . ILE A 1 32  ? -0.354  -9.448  0.772   1.00 6.96  ? 32   ILE X C   1 
ATOM   191  O  O   . ILE A 1 32  ? 0.149   -8.837  -0.177  1.00 7.00  ? 32   ILE X O   1 
ATOM   192  C  CB  . ILE A 1 32  ? -0.859  -7.770  2.596   1.00 6.92  ? 32   ILE X CB  1 
ATOM   193  C  CG1 . ILE A 1 32  ? -0.708  -7.487  4.106   1.00 7.10  ? 32   ILE X CG1 1 
ATOM   194  C  CG2 . ILE A 1 32  ? -2.347  -7.862  2.180   1.00 6.59  ? 32   ILE X CG2 1 
ATOM   195  C  CD1 . ILE A 1 32  ? -1.359  -8.526  5.010   1.00 9.75  ? 32   ILE X CD1 1 
ATOM   196  N  N   . GLY A 1 33  ? -1.167  -10.503 0.637   1.00 6.70  ? 33   GLY X N   1 
ATOM   197  C  CA  . GLY A 1 33  ? -1.695  -10.914 -0.647  1.00 6.86  ? 33   GLY X CA  1 
ATOM   198  C  C   . GLY A 1 33  ? -3.150  -11.310 -0.544  1.00 7.40  ? 33   GLY X C   1 
ATOM   199  O  O   . GLY A 1 33  ? -3.803  -11.057 0.469   1.00 7.76  ? 33   GLY X O   1 
ATOM   200  N  N   . TYR A 1 34  ? -3.627  -11.889 -1.619  1.00 7.24  ? 34   TYR X N   1 
ATOM   201  C  CA  . TYR A 1 34  ? -5.033  -12.252 -1.797  1.00 7.88  ? 34   TYR X CA  1 
ATOM   202  C  C   . TYR A 1 34  ? -5.967  -11.053 -1.604  1.00 7.85  ? 34   TYR X C   1 
ATOM   203  O  O   . TYR A 1 34  ? -7.069  -11.151 -1.045  1.00 8.75  ? 34   TYR X O   1 
ATOM   204  C  CB  . TYR A 1 34  ? -5.374  -13.483 -0.953  1.00 7.12  ? 34   TYR X CB  1 
ATOM   205  C  CG  . TYR A 1 34  ? -4.550  -14.661 -1.338  1.00 8.18  ? 34   TYR X CG  1 
ATOM   206  C  CD1 . TYR A 1 34  ? -3.366  -14.959 -0.654  1.00 9.26  ? 34   TYR X CD1 1 
ATOM   207  C  CD2 . TYR A 1 34  ? -4.940  -15.501 -2.375  1.00 13.00 ? 34   TYR X CD2 1 
ATOM   208  C  CE1 . TYR A 1 34  ? -2.600  -16.053 -1.000  1.00 10.86 ? 34   TYR X CE1 1 
ATOM   209  C  CE2 . TYR A 1 34  ? -4.163  -16.595 -2.736  1.00 11.61 ? 34   TYR X CE2 1 
ATOM   210  C  CZ  . TYR A 1 34  ? -3.014  -16.862 -2.045  1.00 12.38 ? 34   TYR X CZ  1 
ATOM   211  O  OH  . TYR A 1 34  ? -2.205  -17.931 -2.365  1.00 17.19 ? 34   TYR X OH  1 
ATOM   212  N  N   . ILE A 1 35  ? -5.534  -9.896  -2.106  1.00 7.79  ? 35   ILE X N   1 
ATOM   213  C  CA  . ILE A 1 35  ? -6.334  -8.689  -2.080  1.00 8.07  ? 35   ILE X CA  1 
ATOM   214  C  C   . ILE A 1 35  ? -7.340  -8.705  -3.241  1.00 9.75  ? 35   ILE X C   1 
ATOM   215  O  O   . ILE A 1 35  ? -6.979  -9.047  -4.359  1.00 9.51  ? 35   ILE X O   1 
ATOM   216  C  CB  . ILE A 1 35  ? -5.415  -7.459  -2.233  1.00 7.98  ? 35   ILE X CB  1 
ATOM   217  C  CG1 . ILE A 1 35  ? -4.427  -7.360  -1.069  1.00 8.23  ? 35   ILE X CG1 1 
ATOM   218  C  CG2 . ILE A 1 35  ? -6.227  -6.193  -2.360  1.00 8.88  ? 35   ILE X CG2 1 
ATOM   219  C  CD1 . ILE A 1 35  ? -3.399  -6.274  -1.233  1.00 6.20  ? 35   ILE X CD1 1 
ATOM   220  N  N   . GLU A 1 36  ? -8.575  -8.291  -2.965  1.00 10.95 ? 36   GLU X N   1 
ATOM   221  C  CA  . GLU A 1 36  ? -9.593  -8.100  -3.999  1.00 12.07 ? 36   GLU X CA  1 
ATOM   222  C  C   . GLU A 1 36  ? -10.103 -6.658  -4.048  1.00 10.48 ? 36   GLU X C   1 
ATOM   223  O  O   . GLU A 1 36  ? -9.964  -5.895  -3.111  1.00 9.91  ? 36   GLU X O   1 
ATOM   224  C  CB  . GLU A 1 36  ? -10.734 -9.108  -3.781  1.00 13.03 ? 36   GLU X CB  1 
ATOM   225  C  CG  . GLU A 1 36  ? -10.182 -10.521 -3.914  1.00 16.74 ? 36   GLU X CG  1 
ATOM   226  C  CD  . GLU A 1 36  ? -11.204 -11.593 -4.211  1.00 23.12 ? 36   GLU X CD  1 
ATOM   227  O  OE1 . GLU A 1 36  ? -12.408 -11.313 -4.144  1.00 26.16 ? 36   GLU X OE1 1 
ATOM   228  O  OE2 . GLU A 1 36  ? -10.766 -12.733 -4.479  1.00 28.76 ? 36   GLU X OE2 1 
ATOM   229  N  N   . SER A 1 37  ? -10.689 -6.273  -5.183  0.60 9.39  ? 37   SER X N   1 
ATOM   230  C  CA  . SER A 1 37  ? -11.210 -4.928  -5.366  0.60 9.65  ? 37   SER X CA  1 
ATOM   231  C  C   . SER A 1 37  ? -12.089 -4.449  -4.203  0.60 9.17  ? 37   SER X C   1 
ATOM   232  O  O   . SER A 1 37  ? -12.975 -5.165  -3.732  0.60 9.55  ? 37   SER X O   1 
ATOM   233  C  CB  . SER A 1 37  ? -11.972 -4.843  -6.694  0.60 8.70  ? 37   SER X CB  1 
ATOM   234  O  OG  . SER A 1 37  ? -12.478 -3.530  -6.871  0.60 12.41 ? 37   SER X OG  1 
ATOM   235  N  N   . GLY A 1 38  ? -11.799 -3.251  -3.719  1.00 10.34 ? 38   GLY X N   1 
ATOM   236  C  CA  . GLY A 1 38  ? -12.507 -2.622  -2.632  1.00 10.25 ? 38   GLY X CA  1 
ATOM   237  C  C   . GLY A 1 38  ? -12.003 -2.927  -1.242  1.00 10.03 ? 38   GLY X C   1 
ATOM   238  O  O   . GLY A 1 38  ? -12.433 -2.280  -0.271  1.00 11.81 ? 38   GLY X O   1 
ATOM   239  N  N   . ASP A 1 39  ? -11.055 -3.852  -1.140  1.00 10.35 ? 39   ASP X N   1 
ATOM   240  C  CA  . ASP A 1 39  ? -10.415 -4.116  0.159   1.00 9.59  ? 39   ASP X CA  1 
ATOM   241  C  C   . ASP A 1 39  ? -9.605  -2.905  0.585   1.00 9.67  ? 39   ASP X C   1 
ATOM   242  O  O   . ASP A 1 39  ? -9.153  -2.107  -0.245  1.00 9.77  ? 39   ASP X O   1 
ATOM   243  C  CB  . ASP A 1 39  ? -9.442  -5.292  0.097   1.00 9.33  ? 39   ASP X CB  1 
ATOM   244  C  CG  . ASP A 1 39  ? -10.108 -6.640  -0.023  1.00 9.91  ? 39   ASP X CG  1 
ATOM   245  O  OD1 . ASP A 1 39  ? -11.364 -6.750  -0.016  1.00 11.34 ? 39   ASP X OD1 1 
ATOM   246  O  OD2 . ASP A 1 39  ? -9.426  -7.690  -0.162  1.00 10.84 ? 39   ASP X OD2 1 
ATOM   247  N  N   . TYR A 1 40  ? -9.373  -2.794  1.880   1.00 8.83  ? 40   TYR X N   1 
ATOM   248  C  CA  . TYR A 1 40  ? -8.432  -1.807  2.376   1.00 9.59  ? 40   TYR X CA  1 
ATOM   249  C  C   . TYR A 1 40  ? -7.701  -2.278  3.625   1.00 9.86  ? 40   TYR X C   1 
ATOM   250  O  O   . TYR A 1 40  ? -8.183  -3.153  4.335   1.00 10.08 ? 40   TYR X O   1 
ATOM   251  C  CB  . TYR A 1 40  ? -9.082  -0.398  2.561   1.00 10.13 ? 40   TYR X CB  1 
ATOM   252  C  CG  . TYR A 1 40  ? -10.271 -0.269  3.518   1.00 11.53 ? 40   TYR X CG  1 
ATOM   253  C  CD1 . TYR A 1 40  ? -10.094 -0.309  4.892   1.00 15.20 ? 40   TYR X CD1 1 
ATOM   254  C  CD2 . TYR A 1 40  ? -11.553 -0.096  3.031   1.00 13.72 ? 40   TYR X CD2 1 
ATOM   255  C  CE1 . TYR A 1 40  ? -11.178 -0.175  5.766   1.00 13.82 ? 40   TYR X CE1 1 
ATOM   256  C  CE2 . TYR A 1 40  ? -12.641 0.055   3.899   1.00 13.01 ? 40   TYR X CE2 1 
ATOM   257  C  CZ  . TYR A 1 40  ? -12.441 0.003   5.246   1.00 14.21 ? 40   TYR X CZ  1 
ATOM   258  O  OH  . TYR A 1 40  ? -13.555 0.155   6.060   1.00 18.91 ? 40   TYR X OH  1 
ATOM   259  N  N   . LEU A 1 41  ? -6.498  -1.735  3.794   1.00 10.03 ? 41   LEU X N   1 
ATOM   260  C  CA  . LEU A 1 41  ? -5.693  -1.878  4.994   1.00 9.79  ? 41   LEU X CA  1 
ATOM   261  C  C   . LEU A 1 41  ? -5.678  -0.548  5.730   1.00 10.70 ? 41   LEU X C   1 
ATOM   262  O  O   . LEU A 1 41  ? -5.585  0.522   5.118   1.00 9.81  ? 41   LEU X O   1 
ATOM   263  C  CB  . LEU A 1 41  ? -4.265  -2.277  4.641   1.00 9.86  ? 41   LEU X CB  1 
ATOM   264  C  CG  . LEU A 1 41  ? -4.102  -3.620  3.914   1.00 9.63  ? 41   LEU X CG  1 
ATOM   265  C  CD1 . LEU A 1 41  ? -2.694  -3.737  3.404   1.00 12.11 ? 41   LEU X CD1 1 
ATOM   266  C  CD2 . LEU A 1 41  ? -4.490  -4.802  4.806   1.00 9.56  ? 41   LEU X CD2 1 
ATOM   267  N  N   . VAL A 1 42  ? -5.714  -0.603  7.064   1.00 11.57 ? 42   VAL X N   1 
ATOM   268  C  CA  . VAL A 1 42  ? -5.726  0.590   7.899   1.00 13.28 ? 42   VAL X CA  1 
ATOM   269  C  C   . VAL A 1 42  ? -4.491  0.629   8.808   1.00 13.11 ? 42   VAL X C   1 
ATOM   270  O  O   . VAL A 1 42  ? -4.213  -0.355  9.493   1.00 12.56 ? 42   VAL X O   1 
ATOM   271  C  CB  . VAL A 1 42  ? -6.996  0.669   8.780   1.00 13.63 ? 42   VAL X CB  1 
ATOM   272  C  CG1 . VAL A 1 42  ? -7.069  2.070   9.429   1.00 15.48 ? 42   VAL X CG1 1 
ATOM   273  C  CG2 . VAL A 1 42  ? -8.249  0.336   7.976   1.00 14.88 ? 42   VAL X CG2 1 
ATOM   274  N  N   . PHE A 1 43  ? -3.785  1.760   8.796   1.00 14.10 ? 43   PHE X N   1 
ATOM   275  C  CA  . PHE A 1 43  ? -2.644  2.020   9.659   1.00 14.38 ? 43   PHE X CA  1 
ATOM   276  C  C   . PHE A 1 43  ? -2.963  3.293   10.464  1.00 16.93 ? 43   PHE X C   1 
ATOM   277  O  O   . PHE A 1 43  ? -2.948  4.391   9.937   1.00 16.31 ? 43   PHE X O   1 
ATOM   278  C  CB  . PHE A 1 43  ? -1.365  2.156   8.829   1.00 14.61 ? 43   PHE X CB  1 
ATOM   279  C  CG  . PHE A 1 43  ? -1.154  0.999   7.888   1.00 11.27 ? 43   PHE X CG  1 
ATOM   280  C  CD1 . PHE A 1 43  ? -1.741  1.004   6.633   1.00 10.55 ? 43   PHE X CD1 1 
ATOM   281  C  CD2 . PHE A 1 43  ? -0.414  -0.105  8.273   1.00 9.55  ? 43   PHE X CD2 1 
ATOM   282  C  CE1 . PHE A 1 43  ? -1.579  -0.075  5.798   1.00 9.89  ? 43   PHE X CE1 1 
ATOM   283  C  CE2 . PHE A 1 43  ? -0.251  -1.176  7.438   1.00 10.51 ? 43   PHE X CE2 1 
ATOM   284  C  CZ  . PHE A 1 43  ? -0.830  -1.171  6.206   1.00 10.32 ? 43   PHE X CZ  1 
ATOM   285  N  N   . ASN A 1 44  ? -3.277  3.115   11.736  1.00 19.97 ? 44   ASN X N   1 
ATOM   286  C  CA  . ASN A 1 44  ? -3.665  4.234   12.602  1.00 23.10 ? 44   ASN X CA  1 
ATOM   287  C  C   . ASN A 1 44  ? -2.486  5.119   13.048  1.00 24.58 ? 44   ASN X C   1 
ATOM   288  O  O   . ASN A 1 44  ? -1.384  4.635   13.264  1.00 24.49 ? 44   ASN X O   1 
ATOM   289  C  CB  . ASN A 1 44  ? -4.404  3.677   13.814  1.00 23.67 ? 44   ASN X CB  1 
ATOM   290  C  CG  . ASN A 1 44  ? -5.677  2.951   13.435  1.00 25.65 ? 44   ASN X CG  1 
ATOM   291  O  OD1 . ASN A 1 44  ? -5.922  1.832   13.873  1.00 32.25 ? 44   ASN X OD1 1 
ATOM   292  N  ND2 . ASN A 1 44  ? -6.511  3.599   12.628  1.00 30.40 ? 44   ASN X ND2 1 
ATOM   293  N  N   . LYS A 1 45  ? -2.725  6.433   13.123  1.00 26.85 ? 45   LYS X N   1 
ATOM   294  C  CA  . LYS A 1 45  ? -1.854  7.372   13.841  1.00 28.78 ? 45   LYS X CA  1 
ATOM   295  C  C   . LYS A 1 45  ? -0.458  7.402   13.244  1.00 29.90 ? 45   LYS X C   1 
ATOM   296  O  O   . LYS A 1 45  ? 0.543   7.380   13.951  1.00 30.07 ? 45   LYS X O   1 
ATOM   297  C  CB  . LYS A 1 45  ? -1.768  7.044   15.347  1.00 29.46 ? 45   LYS X CB  1 
ATOM   298  C  CG  . LYS A 1 45  ? -3.084  6.939   16.126  1.00 30.58 ? 45   LYS X CG  1 
ATOM   299  C  CD  . LYS A 1 45  ? -4.340  7.257   15.325  1.00 33.34 ? 45   LYS X CD  1 
ATOM   300  C  CE  . LYS A 1 45  ? -5.606  7.182   16.159  1.00 35.22 ? 45   LYS X CE  1 
ATOM   301  N  NZ  . LYS A 1 45  ? -6.832  6.902   15.337  1.00 35.55 ? 45   LYS X NZ  1 
ATOM   302  N  N   . ILE A 1 46  ? -0.405  7.438   11.920  1.00 31.11 ? 46   ILE X N   1 
ATOM   303  C  CA  . ILE A 1 46  ? 0.845   7.568   11.203  1.00 31.98 ? 46   ILE X CA  1 
ATOM   304  C  C   . ILE A 1 46  ? 1.302   9.022   11.288  1.00 32.99 ? 46   ILE X C   1 
ATOM   305  O  O   . ILE A 1 46  ? 0.644   9.920   10.747  1.00 33.64 ? 46   ILE X O   1 
ATOM   306  C  CB  . ILE A 1 46  ? 0.650   7.139   9.718   1.00 31.81 ? 46   ILE X CB  1 
ATOM   307  C  CG1 . ILE A 1 46  ? 0.212   5.672   9.641   1.00 32.55 ? 46   ILE X CG1 1 
ATOM   308  C  CG2 . ILE A 1 46  ? 1.911   7.379   8.905   1.00 31.75 ? 46   ILE X CG2 1 
ATOM   309  C  CD1 . ILE A 1 46  ? 1.173   4.684   10.281  1.00 33.00 ? 46   ILE X CD1 1 
ATOM   310  N  N   . ASN A 1 47  ? 2.421   9.251   11.963  0.50 33.51 ? 47   ASN X N   1 
ATOM   311  C  CA  . ASN A 1 47  ? 3.016   10.574  11.977  0.50 33.96 ? 47   ASN X CA  1 
ATOM   312  C  C   . ASN A 1 47  ? 3.867   10.765  10.743  0.50 33.92 ? 47   ASN X C   1 
ATOM   313  O  O   . ASN A 1 47  ? 4.888   10.106  10.568  0.50 33.96 ? 47   ASN X O   1 
ATOM   314  C  CB  . ASN A 1 47  ? 3.843   10.809  13.237  0.50 34.17 ? 47   ASN X CB  1 
ATOM   315  C  CG  . ASN A 1 47  ? 3.867   12.267  13.636  0.50 35.01 ? 47   ASN X CG  1 
ATOM   316  O  OD1 . ASN A 1 47  ? 4.144   13.150  12.814  0.50 34.98 ? 47   ASN X OD1 1 
ATOM   317  N  ND2 . ASN A 1 47  ? 3.562   12.533  14.898  0.50 35.42 ? 47   ASN X ND2 1 
ATOM   318  N  N   . PHE A 1 48  ? 3.421   11.666  9.879   0.50 33.87 ? 48   PHE X N   1 
ATOM   319  C  CA  . PHE A 1 48  ? 4.146   11.976  8.661   0.50 33.97 ? 48   PHE X CA  1 
ATOM   320  C  C   . PHE A 1 48  ? 5.274   12.932  9.032   0.50 34.15 ? 48   PHE X C   1 
ATOM   321  O  O   . PHE A 1 48  ? 6.059   13.351  8.186   0.50 34.43 ? 48   PHE X O   1 
ATOM   322  C  CB  . PHE A 1 48  ? 3.199   12.565  7.613   0.50 33.83 ? 48   PHE X CB  1 
ATOM   323  C  CG  . PHE A 1 48  ? 2.249   11.549  7.022   0.50 33.09 ? 48   PHE X CG  1 
ATOM   324  C  CD1 . PHE A 1 48  ? 1.144   11.107  7.740   0.50 32.09 ? 48   PHE X CD1 1 
ATOM   325  C  CD2 . PHE A 1 48  ? 2.477   11.016  5.760   0.50 32.19 ? 48   PHE X CD2 1 
ATOM   326  C  CE1 . PHE A 1 48  ? 0.277   10.166  7.206   0.50 32.08 ? 48   PHE X CE1 1 
ATOM   327  C  CE2 . PHE A 1 48  ? 1.611   10.076  5.222   0.50 31.97 ? 48   PHE X CE2 1 
ATOM   328  C  CZ  . PHE A 1 48  ? 0.513   9.649   5.943   0.50 31.33 ? 48   PHE X CZ  1 
ATOM   329  N  N   . GLY A 1 49  ? 5.341   13.251  10.322  0.50 34.25 ? 49   GLY X N   1 
ATOM   330  C  CA  . GLY A 1 49  ? 6.445   13.999  10.894  0.50 34.27 ? 49   GLY X CA  1 
ATOM   331  C  C   . GLY A 1 49  ? 6.702   15.350  10.258  0.50 34.34 ? 49   GLY X C   1 
ATOM   332  O  O   . GLY A 1 49  ? 5.911   16.285  10.383  0.50 34.28 ? 49   GLY X O   1 
ATOM   333  N  N   . ASN A 1 50  ? 7.827   15.438  9.565   0.50 34.30 ? 50   ASN X N   1 
ATOM   334  C  CA  . ASN A 1 50  ? 8.275   16.680  8.955   0.50 34.25 ? 50   ASN X CA  1 
ATOM   335  C  C   . ASN A 1 50  ? 7.513   16.981  7.675   0.50 33.96 ? 50   ASN X C   1 
ATOM   336  O  O   . ASN A 1 50  ? 6.805   17.988  7.573   0.50 34.28 ? 50   ASN X O   1 
ATOM   337  C  CB  . ASN A 1 50  ? 9.776   16.595  8.652   0.50 34.37 ? 50   ASN X CB  1 
ATOM   338  C  CG  . ASN A 1 50  ? 10.585  17.570  9.458   0.50 34.56 ? 50   ASN X CG  1 
ATOM   339  O  OD1 . ASN A 1 50  ? 10.104  18.642  9.817   0.50 35.90 ? 50   ASN X OD1 1 
ATOM   340  N  ND2 . ASN A 1 50  ? 11.830  17.217  9.733   0.50 33.95 ? 50   ASN X ND2 1 
ATOM   341  N  N   . GLY A 1 51  ? 7.666   16.094  6.699   0.50 33.46 ? 51   GLY X N   1 
ATOM   342  C  CA  . GLY A 1 51  ? 6.973   16.220  5.429   0.50 32.83 ? 51   GLY X CA  1 
ATOM   343  C  C   . GLY A 1 51  ? 7.050   14.949  4.610   0.50 32.19 ? 51   GLY X C   1 
ATOM   344  O  O   . GLY A 1 51  ? 8.023   14.207  4.714   0.50 32.36 ? 51   GLY X O   1 
ATOM   345  N  N   . ALA A 1 52  ? 6.022   14.701  3.799   1.00 31.39 ? 52   ALA X N   1 
ATOM   346  C  CA  . ALA A 1 52  ? 6.042   13.596  2.837   1.00 30.27 ? 52   ALA X CA  1 
ATOM   347  C  C   . ALA A 1 52  ? 5.400   14.018  1.531   1.00 28.39 ? 52   ALA X C   1 
ATOM   348  O  O   . ALA A 1 52  ? 4.234   14.383  1.497   1.00 28.89 ? 52   ALA X O   1 
ATOM   349  C  CB  . ALA A 1 52  ? 5.344   12.371  3.403   1.00 30.26 ? 52   ALA X CB  1 
ATOM   350  N  N   . ASN A 1 53  ? 6.168   13.970  0.448   1.00 27.50 ? 53   ASN X N   1 
ATOM   351  C  CA  . ASN A 1 53  ? 5.642   14.183  -0.893  1.00 25.82 ? 53   ASN X CA  1 
ATOM   352  C  C   . ASN A 1 53  ? 5.904   13.008  -1.839  1.00 24.22 ? 53   ASN X C   1 
ATOM   353  O  O   . ASN A 1 53  ? 5.762   13.142  -3.063  1.00 23.54 ? 53   ASN X O   1 
ATOM   354  C  CB  . ASN A 1 53  ? 6.182   15.505  -1.483  1.00 26.35 ? 53   ASN X CB  1 
ATOM   355  C  CG  . ASN A 1 53  ? 7.666   15.462  -1.805  1.00 26.85 ? 53   ASN X CG  1 
ATOM   356  O  OD1 . ASN A 1 53  ? 8.267   16.495  -2.099  1.00 30.78 ? 53   ASN X OD1 1 
ATOM   357  N  ND2 . ASN A 1 53  ? 8.262   14.281  -1.775  1.00 26.95 ? 53   ASN X ND2 1 
ATOM   358  N  N   . SER A 1 54  ? 6.265   11.859  -1.256  1.00 22.28 ? 54   SER X N   1 
ATOM   359  C  CA  . SER A 1 54  ? 6.534   10.638  -2.016  1.00 21.20 ? 54   SER X CA  1 
ATOM   360  C  C   . SER A 1 54  ? 6.121   9.394   -1.250  1.00 18.78 ? 54   SER X C   1 
ATOM   361  O  O   . SER A 1 54  ? 6.266   9.333   -0.035  1.00 17.38 ? 54   SER X O   1 
ATOM   362  C  CB  . SER A 1 54  ? 8.028   10.505  -2.329  1.00 21.02 ? 54   SER X CB  1 
ATOM   363  O  OG  . SER A 1 54  ? 8.237   9.468   -3.286  1.00 24.96 ? 54   SER X OG  1 
ATOM   364  N  N   . PHE A 1 55  ? 5.667   8.401   -2.008  1.00 16.53 ? 55   PHE X N   1 
ATOM   365  C  CA  . PHE A 1 55  ? 5.271   7.085   -1.509  1.00 14.68 ? 55   PHE X CA  1 
ATOM   366  C  C   . PHE A 1 55  ? 5.945   6.042   -2.383  1.00 13.13 ? 55   PHE X C   1 
ATOM   367  O  O   . PHE A 1 55  ? 5.839   6.085   -3.618  1.00 13.55 ? 55   PHE X O   1 
ATOM   368  C  CB  . PHE A 1 55  ? 3.764   6.956   -1.645  1.00 14.08 ? 55   PHE X CB  1 
ATOM   369  C  CG  . PHE A 1 55  ? 3.210   5.586   -1.293  1.00 12.63 ? 55   PHE X CG  1 
ATOM   370  C  CD1 . PHE A 1 55  ? 3.019   5.212   0.022   1.00 12.27 ? 55   PHE X CD1 1 
ATOM   371  C  CD2 . PHE A 1 55  ? 2.825   4.707   -2.299  1.00 13.27 ? 55   PHE X CD2 1 
ATOM   372  C  CE1 . PHE A 1 55  ? 2.472   3.970   0.327   1.00 13.40 ? 55   PHE X CE1 1 
ATOM   373  C  CE2 . PHE A 1 55  ? 2.279   3.445   -1.991  1.00 12.13 ? 55   PHE X CE2 1 
ATOM   374  C  CZ  . PHE A 1 55  ? 2.110   3.082   -0.697  1.00 12.40 ? 55   PHE X CZ  1 
ATOM   375  N  N   . LYS A 1 56  ? 6.601   5.086   -1.740  1.00 12.71 ? 56   LYS X N   1 
ATOM   376  C  CA  . LYS A 1 56  ? 7.265   3.972   -2.408  1.00 12.60 ? 56   LYS X CA  1 
ATOM   377  C  C   . LYS A 1 56  ? 6.744   2.690   -1.776  1.00 10.93 ? 56   LYS X C   1 
ATOM   378  O  O   . LYS A 1 56  ? 6.617   2.620   -0.572  1.00 11.55 ? 56   LYS X O   1 
ATOM   379  C  CB  . LYS A 1 56  ? 8.801   4.028   -2.254  1.00 13.01 ? 56   LYS X CB  1 
ATOM   380  C  CG  . LYS A 1 56  ? 9.478   2.992   -3.118  1.00 17.68 ? 56   LYS X CG  1 
ATOM   381  C  CD  . LYS A 1 56  ? 10.829  3.455   -3.668  1.00 21.99 ? 56   LYS X CD  1 
ATOM   382  C  CE  . LYS A 1 56  ? 11.873  3.236   -2.661  1.00 22.87 ? 56   LYS X CE  1 
ATOM   383  N  NZ  . LYS A 1 56  ? 13.221  3.008   -3.240  1.00 22.54 ? 56   LYS X NZ  1 
ATOM   384  N  N   . ALA A 1 57  ? 6.370   1.712   -2.593  1.00 9.63  ? 57   ALA X N   1 
ATOM   385  C  CA  . ALA A 1 57  ? 6.023   0.393   -2.072  1.00 8.42  ? 57   ALA X CA  1 
ATOM   386  C  C   . ALA A 1 57  ? 6.788   -0.718  -2.768  1.00 7.25  ? 57   ALA X C   1 
ATOM   387  O  O   . ALA A 1 57  ? 6.975   -0.682  -3.973  1.00 6.96  ? 57   ALA X O   1 
ATOM   388  C  CB  . ALA A 1 57  ? 4.549   0.146   -2.230  1.00 7.82  ? 57   ALA X CB  1 
ATOM   389  N  N   . ARG A 1 58  ? 7.141   -1.750  -2.008  1.00 7.19  ? 58   ARG X N   1 
ATOM   390  C  CA  . ARG A 1 58  ? 7.711   -2.969  -2.571  1.00 6.40  ? 58   ARG X CA  1 
ATOM   391  C  C   . ARG A 1 58  ? 6.571   -3.941  -2.843  1.00 6.83  ? 58   ARG X C   1 
ATOM   392  O  O   . ARG A 1 58  ? 5.921   -4.413  -1.896  1.00 5.66  ? 58   ARG X O   1 
ATOM   393  C  CB  . ARG A 1 58  ? 8.721   -3.598  -1.607  1.00 6.87  ? 58   ARG X CB  1 
ATOM   394  C  CG  . ARG A 1 58  ? 9.435   -4.806  -2.196  1.00 5.80  ? 58   ARG X CG  1 
ATOM   395  C  CD  . ARG A 1 58  ? 10.623  -5.277  -1.349  1.00 6.12  ? 58   ARG X CD  1 
ATOM   396  N  NE  . ARG A 1 58  ? 11.447  -6.217  -2.101  1.00 9.46  ? 58   ARG X NE  1 
ATOM   397  C  CZ  . ARG A 1 58  ? 11.529  -7.520  -1.876  1.00 10.52 ? 58   ARG X CZ  1 
ATOM   398  N  NH1 . ARG A 1 58  ? 10.848  -8.106  -0.907  1.00 13.31 ? 58   ARG X NH1 1 
ATOM   399  N  NH2 . ARG A 1 58  ? 12.345  -8.244  -2.639  1.00 13.37 ? 58   ARG X NH2 1 
ATOM   400  N  N   . VAL A 1 59  ? 6.340   -4.174  -4.118  1.00 6.73  ? 59   VAL X N   1 
ATOM   401  C  CA  . VAL A 1 59  ? 5.135   -4.847  -4.600  1.00 7.00  ? 59   VAL X CA  1 
ATOM   402  C  C   . VAL A 1 59  ? 5.483   -5.896  -5.630  1.00 6.85  ? 59   VAL X C   1 
ATOM   403  O  O   . VAL A 1 59  ? 6.469   -5.783  -6.361  1.00 6.92  ? 59   VAL X O   1 
ATOM   404  C  CB  . VAL A 1 59  ? 4.111   -3.847  -5.211  1.00 7.05  ? 59   VAL X CB  1 
ATOM   405  C  CG1 . VAL A 1 59  ? 3.467   -3.011  -4.108  1.00 6.20  ? 59   VAL X CG1 1 
ATOM   406  C  CG2 . VAL A 1 59  ? 4.750   -2.953  -6.262  1.00 7.94  ? 59   VAL X CG2 1 
ATOM   407  N  N   . ALA A 1 60  ? 4.632   -6.902  -5.731  1.00 5.38  ? 60   ALA X N   1 
ATOM   408  C  CA  . ALA A 1 60  ? 4.726   -7.880  -6.797  1.00 6.25  ? 60   ALA X CA  1 
ATOM   409  C  C   . ALA A 1 60  ? 3.354   -8.062  -7.418  1.00 6.47  ? 60   ALA X C   1 
ATOM   410  O  O   . ALA A 1 60  ? 2.338   -8.041  -6.729  1.00 6.37  ? 60   ALA X O   1 
ATOM   411  C  CB  . ALA A 1 60  ? 5.233   -9.218  -6.281  1.00 5.84  ? 60   ALA X CB  1 
ATOM   412  N  N   . SER A 1 61  ? 3.309   -8.259  -8.723  1.00 6.93  ? 61   SER X N   1 
ATOM   413  C  CA  . SER A 1 61  ? 2.017   -8.544  -9.370  1.00 7.92  ? 61   SER X CA  1 
ATOM   414  C  C   . SER A 1 61  ? 2.148   -9.478  -10.550 1.00 7.77  ? 61   SER X C   1 
ATOM   415  O  O   . SER A 1 61  ? 3.010   -9.323  -11.384 1.00 7.53  ? 61   SER X O   1 
ATOM   416  C  CB  . SER A 1 61  ? 1.364   -7.259  -9.864  1.00 8.67  ? 61   SER X CB  1 
ATOM   417  O  OG  . SER A 1 61  ? 0.189   -7.566  -10.581 1.00 9.85  ? 61   SER X OG  1 
ATOM   418  N  N   . GLY A 1 62  ? 1.270   -10.474 -10.592 1.00 8.48  ? 62   GLY X N   1 
ATOM   419  C  CA  . GLY A 1 62  ? 1.126   -11.303 -11.765 1.00 10.43 ? 62   GLY X CA  1 
ATOM   420  C  C   . GLY A 1 62  ? -0.191  -11.016 -12.439 1.00 11.16 ? 62   GLY X C   1 
ATOM   421  O  O   . GLY A 1 62  ? -0.646  -11.848 -13.257 1.00 12.88 ? 62   GLY X O   1 
ATOM   422  N  N   . ALA A 1 63  ? -0.816  -9.882  -12.132 1.00 11.12 ? 63   ALA X N   1 
ATOM   423  C  CA  . ALA A 1 63  ? -2.146  -9.582  -12.654 1.00 12.13 ? 63   ALA X CA  1 
ATOM   424  C  C   . ALA A 1 63  ? -2.054  -9.152  -14.101 1.00 12.65 ? 63   ALA X C   1 
ATOM   425  O  O   . ALA A 1 63  ? -1.057  -8.581  -14.533 1.00 14.19 ? 63   ALA X O   1 
ATOM   426  C  CB  . ALA A 1 63  ? -2.829  -8.507  -11.849 1.00 12.48 ? 63   ALA X CB  1 
ATOM   427  N  N   . ASP A 1 64  ? -3.121  -9.361  -14.839 1.00 13.60 ? 64   ASP X N   1 
ATOM   428  C  CA  . ASP A 1 64  ? -3.099  -8.907  -16.220 1.00 12.78 ? 64   ASP X CA  1 
ATOM   429  C  C   . ASP A 1 64  ? -3.889  -7.616  -16.445 1.00 11.48 ? 64   ASP X C   1 
ATOM   430  O  O   . ASP A 1 64  ? -4.131  -7.248  -17.579 1.00 11.50 ? 64   ASP X O   1 
ATOM   431  C  CB  . ASP A 1 64  ? -3.476  -10.035 -17.178 1.00 14.31 ? 64   ASP X CB  1 
ATOM   432  C  CG  . ASP A 1 64  ? -4.890  -10.483 -17.022 1.00 17.02 ? 64   ASP X CG  1 
ATOM   433  O  OD1 . ASP A 1 64  ? -5.674  -9.812  -16.307 1.00 18.17 ? 64   ASP X OD1 1 
ATOM   434  O  OD2 . ASP A 1 64  ? -5.289  -11.519 -17.613 1.00 21.09 ? 64   ASP X OD2 1 
ATOM   435  N  N   . THR A 1 65  ? -4.256  -6.917  -15.362 0.50 7.27  ? 65   THR X N   1 
ATOM   436  C  CA  . THR A 1 65  ? -4.704  -5.527  -15.423 0.50 6.84  ? 65   THR X CA  1 
ATOM   437  C  C   . THR A 1 65  ? -4.039  -4.769  -14.288 0.50 6.22  ? 65   THR X C   1 
ATOM   438  O  O   . THR A 1 65  ? -3.648  -5.371  -13.296 0.50 4.24  ? 65   THR X O   1 
ATOM   439  C  CB  . THR A 1 65  ? -6.214  -5.405  -15.245 0.50 6.64  ? 65   THR X CB  1 
ATOM   440  O  OG1 . THR A 1 65  ? -6.592  -5.953  -13.978 0.50 7.58  ? 65   THR X OG1 1 
ATOM   441  C  CG2 . THR A 1 65  ? -6.949  -6.242  -16.255 0.50 6.41  ? 65   THR X CG2 1 
ATOM   442  N  N   . PRO A 1 66  ? -3.936  -3.454  -14.399 1.00 8.53  ? 66   PRO X N   1 
ATOM   443  C  CA  . PRO A 1 66  ? -3.296  -2.657  -13.338 1.00 8.05  ? 66   PRO X CA  1 
ATOM   444  C  C   . PRO A 1 66  ? -4.168  -2.524  -12.094 1.00 6.56  ? 66   PRO X C   1 
ATOM   445  O  O   . PRO A 1 66  ? -5.416  -2.548  -12.213 1.00 10.83 ? 66   PRO X O   1 
ATOM   446  C  CB  . PRO A 1 66  ? -3.053  -1.283  -13.993 1.00 9.54  ? 66   PRO X CB  1 
ATOM   447  C  CG  . PRO A 1 66  ? -3.996  -1.196  -15.159 1.00 10.15 ? 66   PRO X CG  1 
ATOM   448  C  CD  . PRO A 1 66  ? -4.401  -2.610  -15.529 1.00 8.81  ? 66   PRO X CD  1 
ATOM   449  N  N   . THR A 1 67  ? -3.533  -2.433  -10.921 0.33 2.00  ? 67   THR X N   1 
ATOM   450  C  CA  . THR A 1 67  ? -4.230  -2.244  -9.630  0.33 2.00  ? 67   THR X CA  1 
ATOM   451  C  C   . THR A 1 67  ? -3.866  -0.879  -9.119  0.33 2.00  ? 67   THR X C   1 
ATOM   452  O  O   . THR A 1 67  ? -2.707  -0.560  -9.098  0.33 2.00  ? 67   THR X O   1 
ATOM   453  C  CB  . THR A 1 67  ? -3.757  -3.333  -8.643  0.33 2.00  ? 67   THR X CB  1 
ATOM   454  O  OG1 . THR A 1 67  ? -4.556  -4.502  -8.888  0.33 2.00  ? 67   THR X OG1 1 
ATOM   455  C  CG2 . THR A 1 67  ? -4.016  -2.990  -7.201  0.33 2.00  ? 67   THR X CG2 1 
ATOM   456  N  N   . ASN A 1 68  ? -4.849  -0.064  -8.776  1.00 4.39  ? 68   ASN X N   1 
ATOM   457  C  CA  . ASN A 1 68  ? -4.642  1.237   -8.144  1.00 5.99  ? 68   ASN X CA  1 
ATOM   458  C  C   . ASN A 1 68  ? -4.669  1.081   -6.624  1.00 7.66  ? 68   ASN X C   1 
ATOM   459  O  O   . ASN A 1 68  ? -5.595  0.456   -6.067  1.00 8.99  ? 68   ASN X O   1 
ATOM   460  C  CB  . ASN A 1 68  ? -5.736  2.219   -8.526  1.00 8.57  ? 68   ASN X CB  1 
ATOM   461  C  CG  . ASN A 1 68  ? -5.893  2.406   -10.023 1.00 11.02 ? 68   ASN X CG  1 
ATOM   462  O  OD1 . ASN A 1 68  ? -7.010  2.283   -10.552 1.00 17.42 ? 68   ASN X OD1 1 
ATOM   463  N  ND2 . ASN A 1 68  ? -4.827  2.666   -10.689 1.00 10.08 ? 68   ASN X ND2 1 
ATOM   464  N  N   . ILE A 1 69  ? -3.673  1.656   -5.979  1.00 6.47  ? 69   ILE X N   1 
ATOM   465  C  CA  . ILE A 1 69  ? -3.605  1.685   -4.529  1.00 7.23  ? 69   ILE X CA  1 
ATOM   466  C  C   . ILE A 1 69  ? -3.818  3.150   -4.170  1.00 6.88  ? 69   ILE X C   1 
ATOM   467  O  O   . ILE A 1 69  ? -2.930  3.973   -4.301  1.00 7.59  ? 69   ILE X O   1 
ATOM   468  C  CB  . ILE A 1 69  ? -2.216  1.192   -4.005  1.00 6.27  ? 69   ILE X CB  1 
ATOM   469  C  CG1 . ILE A 1 69  ? -1.856  -0.215  -4.518  1.00 6.38  ? 69   ILE X CG1 1 
ATOM   470  C  CG2 . ILE A 1 69  ? -2.202  1.182   -2.488  1.00 8.87  ? 69   ILE X CG2 1 
ATOM   471  C  CD1 . ILE A 1 69  ? -0.506  -0.702  -4.103  1.00 9.35  ? 69   ILE X CD1 1 
ATOM   472  N  N   . GLN A 1 70  ? -5.018  3.472   -3.725  1.00 7.94  ? 70   GLN X N   1 
ATOM   473  C  CA  . GLN A 1 70  ? -5.335  4.808   -3.262  1.00 8.59  ? 70   GLN X CA  1 
ATOM   474  C  C   . GLN A 1 70  ? -4.840  5.007   -1.849  1.00 8.21  ? 70   GLN X C   1 
ATOM   475  O  O   . GLN A 1 70  ? -4.946  4.121   -0.977  1.00 9.18  ? 70   GLN X O   1 
ATOM   476  C  CB  . GLN A 1 70  ? -6.844  5.047   -3.317  1.00 9.10  ? 70   GLN X CB  1 
ATOM   477  C  CG  . GLN A 1 70  ? -7.379  5.191   -4.722  1.00 12.48 ? 70   GLN X CG  1 
ATOM   478  C  CD  . GLN A 1 70  ? -8.784  5.721   -4.731  1.00 16.55 ? 70   GLN X CD  1 
ATOM   479  O  OE1 . GLN A 1 70  ? -9.496  5.597   -3.728  1.00 18.53 ? 70   GLN X OE1 1 
ATOM   480  N  NE2 . GLN A 1 70  ? -9.197  6.310   -5.856  1.00 20.08 ? 70   GLN X NE2 1 
ATOM   481  N  N   . LEU A 1 71  ? -4.303  6.194   -1.612  1.00 8.86  ? 71   LEU X N   1 
ATOM   482  C  CA  . LEU A 1 71  ? -3.782  6.565   -0.314  1.00 10.31 ? 71   LEU X CA  1 
ATOM   483  C  C   . LEU A 1 71  ? -4.706  7.620   0.264   1.00 11.51 ? 71   LEU X C   1 
ATOM   484  O  O   . LEU A 1 71  ? -4.721  8.746   -0.225  1.00 12.44 ? 71   LEU X O   1 
ATOM   485  C  CB  . LEU A 1 71  ? -2.356  7.115   -0.450  1.00 10.82 ? 71   LEU X CB  1 
ATOM   486  C  CG  . LEU A 1 71  ? -1.346  6.314   -1.291  1.00 14.38 ? 71   LEU X CG  1 
ATOM   487  C  CD1 . LEU A 1 71  ? -0.009  7.062   -1.427  1.00 16.60 ? 71   LEU X CD1 1 
ATOM   488  C  CD2 . LEU A 1 71  ? -1.111  4.974   -0.691  1.00 16.90 ? 71   LEU X CD2 1 
ATOM   489  N  N   . ARG A 1 72  ? -5.476  7.225   1.261   1.00 12.57 ? 72   ARG X N   1 
ATOM   490  C  CA  . ARG A 1 72  ? -6.555  8.042   1.828   1.00 13.21 ? 72   ARG X CA  1 
ATOM   491  C  C   . ARG A 1 72  ? -6.280  8.332   3.293   1.00 14.63 ? 72   ARG X C   1 
ATOM   492  O  O   . ARG A 1 72  ? -5.839  7.453   4.033   1.00 14.31 ? 72   ARG X O   1 
ATOM   493  C  CB  . ARG A 1 72  ? -7.855  7.291   1.708   1.00 14.45 ? 72   ARG X CB  1 
ATOM   494  C  CG  . ARG A 1 72  ? -8.273  6.964   0.267   1.00 16.00 ? 72   ARG X CG  1 
ATOM   495  C  CD  . ARG A 1 72  ? -9.202  7.971   -0.286  1.00 17.05 ? 72   ARG X CD  1 
ATOM   496  N  NE  . ARG A 1 72  ? -9.842  7.585   -1.539  1.00 18.96 ? 72   ARG X NE  1 
ATOM   497  C  CZ  . ARG A 1 72  ? -10.849 8.255   -2.069  1.00 19.85 ? 72   ARG X CZ  1 
ATOM   498  N  NH1 . ARG A 1 72  ? -11.322 9.324   -1.453  1.00 19.75 ? 72   ARG X NH1 1 
ATOM   499  N  NH2 . ARG A 1 72  ? -11.420 7.843   -3.194  1.00 19.73 ? 72   ARG X NH2 1 
ATOM   500  N  N   . LEU A 1 73  ? -6.585  9.554   3.723   1.00 14.86 ? 73   LEU X N   1 
ATOM   501  C  CA  . LEU A 1 73  ? -6.415  9.950   5.125   1.00 15.61 ? 73   LEU X CA  1 
ATOM   502  C  C   . LEU A 1 73  ? -7.782  10.050  5.785   1.00 16.02 ? 73   LEU X C   1 
ATOM   503  O  O   . LEU A 1 73  ? -8.748  10.499  5.165   1.00 15.51 ? 73   LEU X O   1 
ATOM   504  C  CB  . LEU A 1 73  ? -5.695  11.288  5.241   1.00 16.63 ? 73   LEU X CB  1 
ATOM   505  C  CG  . LEU A 1 73  ? -4.300  11.427  4.625   1.00 17.93 ? 73   LEU X CG  1 
ATOM   506  C  CD1 . LEU A 1 73  ? -3.750  12.825  4.820   1.00 20.01 ? 73   LEU X CD1 1 
ATOM   507  C  CD2 . LEU A 1 73  ? -3.335  10.359  5.155   1.00 19.47 ? 73   LEU X CD2 1 
ATOM   508  N  N   . GLY A 1 74  ? -7.866  9.584   7.029   1.00 15.94 ? 74   GLY X N   1 
ATOM   509  C  CA  . GLY A 1 74  ? -9.072  9.717   7.849   1.00 16.33 ? 74   GLY X CA  1 
ATOM   510  C  C   . GLY A 1 74  ? -10.155 8.671   7.727   1.00 16.26 ? 74   GLY X C   1 
ATOM   511  O  O   . GLY A 1 74  ? -10.782 8.277   8.725   1.00 17.23 ? 74   GLY X O   1 
ATOM   512  N  N   . SER A 1 75  ? -10.411 8.219   6.504   1.00 15.65 ? 75   SER X N   1 
ATOM   513  C  CA  . SER A 1 75  ? -11.443 7.236   6.223   1.00 16.05 ? 75   SER X CA  1 
ATOM   514  C  C   . SER A 1 75  ? -11.198 6.674   4.811   1.00 15.68 ? 75   SER X C   1 
ATOM   515  O  O   . SER A 1 75  ? -10.410 7.261   4.084   1.00 15.24 ? 75   SER X O   1 
ATOM   516  C  CB  . SER A 1 75  ? -12.819 7.910   6.279   1.00 15.94 ? 75   SER X CB  1 
ATOM   517  O  OG  . SER A 1 75  ? -12.758 9.147   5.588   1.00 18.67 ? 75   SER X OG  1 
ATOM   518  N  N   . PRO A 1 76  ? -11.838 5.571   4.423   1.00 17.21 ? 76   PRO X N   1 
ATOM   519  C  CA  . PRO A 1 76  ? -11.625 5.002   3.089   1.00 17.33 ? 76   PRO X CA  1 
ATOM   520  C  C   . PRO A 1 76  ? -12.095 5.906   1.965   1.00 17.72 ? 76   PRO X C   1 
ATOM   521  O  O   . PRO A 1 76  ? -11.646 5.709   0.834   1.00 18.21 ? 76   PRO X O   1 
ATOM   522  C  CB  . PRO A 1 76  ? -12.454 3.703   3.103   1.00 17.84 ? 76   PRO X CB  1 
ATOM   523  C  CG  . PRO A 1 76  ? -12.751 3.432   4.503   1.00 18.42 ? 76   PRO X CG  1 
ATOM   524  C  CD  . PRO A 1 76  ? -12.760 4.737   5.204   1.00 18.01 ? 76   PRO X CD  1 
ATOM   525  N  N   . THR A 1 77  ? -12.992 6.854   2.263   1.00 17.70 ? 77   THR X N   1 
ATOM   526  C  CA  . THR A 1 77  ? -13.378 7.885   1.289   1.00 17.97 ? 77   THR X CA  1 
ATOM   527  C  C   . THR A 1 77  ? -12.918 9.278   1.694   1.00 16.73 ? 77   THR X C   1 
ATOM   528  O  O   . THR A 1 77  ? -13.451 10.256  1.178   1.00 15.92 ? 77   THR X O   1 
ATOM   529  C  CB  . THR A 1 77  ? -14.896 7.923   1.114   1.00 18.95 ? 77   THR X CB  1 
ATOM   530  O  OG1 . THR A 1 77  ? -15.525 8.127   2.389   1.00 20.80 ? 77   THR X OG1 1 
ATOM   531  C  CG2 . THR A 1 77  ? -15.420 6.589   0.620   1.00 21.03 ? 77   THR X CG2 1 
ATOM   532  N  N   . GLY A 1 78  ? -11.933 9.372   2.584   1.00 15.11 ? 78   GLY X N   1 
ATOM   533  C  CA  . GLY A 1 78  ? -11.320 10.639  2.974   1.00 14.11 ? 78   GLY X CA  1 
ATOM   534  C  C   . GLY A 1 78  ? -10.374 11.258  1.959   1.00 13.28 ? 78   GLY X C   1 
ATOM   535  O  O   . GLY A 1 78  ? -10.326 10.814  0.810   1.00 14.53 ? 78   GLY X O   1 
ATOM   536  N  N   . THR A 1 79  ? -9.652  12.298  2.360   0.50 10.32 ? 79   THR X N   1 
ATOM   537  C  CA  . THR A 1 79  ? -8.728  12.995  1.476   0.50 10.38 ? 79   THR X CA  1 
ATOM   538  C  C   . THR A 1 79  ? -7.817  11.994  0.759   0.50 10.46 ? 79   THR X C   1 
ATOM   539  O  O   . THR A 1 79  ? -7.069  11.256  1.390   0.50 8.06  ? 79   THR X O   1 
ATOM   540  C  CB  . THR A 1 79  ? -7.890  13.998  2.269   0.50 10.46 ? 79   THR X CB  1 
ATOM   541  O  OG1 . THR A 1 79  ? -8.747  15.020  2.810   0.50 10.88 ? 79   THR X OG1 1 
ATOM   542  C  CG2 . THR A 1 79  ? -6.917  14.754  1.366   0.50 10.25 ? 79   THR X CG2 1 
ATOM   543  N  N   . LEU A 1 80  ? -7.891  12.007  -0.563  1.00 12.67 ? 80   LEU X N   1 
ATOM   544  C  CA  . LEU A 1 80  ? -7.018  11.208  -1.425  1.00 14.54 ? 80   LEU X CA  1 
ATOM   545  C  C   . LEU A 1 80  ? -5.733  11.977  -1.681  1.00 14.68 ? 80   LEU X C   1 
ATOM   546  O  O   . LEU A 1 80  ? -5.755  12.954  -2.435  1.00 17.22 ? 80   LEU X O   1 
ATOM   547  C  CB  . LEU A 1 80  ? -7.751  10.958  -2.740  1.00 15.25 ? 80   LEU X CB  1 
ATOM   548  C  CG  . LEU A 1 80  ? -7.481  9.789   -3.700  1.00 18.90 ? 80   LEU X CG  1 
ATOM   549  C  CD1 . LEU A 1 80  ? -7.208  10.306  -5.100  1.00 20.56 ? 80   LEU X CD1 1 
ATOM   550  C  CD2 . LEU A 1 80  ? -6.475  8.767   -3.211  1.00 18.64 ? 80   LEU X CD2 1 
ATOM   551  N  N   . ILE A 1 81  ? -4.597  11.550  -1.100  1.00 14.74 ? 81   ILE X N   1 
ATOM   552  C  CA  . ILE A 1 81  ? -3.305  12.226  -1.296  1.00 14.34 ? 81   ILE X CA  1 
ATOM   553  C  C   . ILE A 1 81  ? -2.460  11.717  -2.480  1.00 14.06 ? 81   ILE X C   1 
ATOM   554  O  O   . ILE A 1 81  ? -1.513  12.382  -2.913  1.00 15.01 ? 81   ILE X O   1 
ATOM   555  C  CB  . ILE A 1 81  ? -2.465  12.208  0.000   1.00 14.70 ? 81   ILE X CB  1 
ATOM   556  C  CG1 . ILE A 1 81  ? -2.086  10.770  0.412   1.00 13.53 ? 81   ILE X CG1 1 
ATOM   557  C  CG2 . ILE A 1 81  ? -3.207  12.917  1.141   1.00 14.55 ? 81   ILE X CG2 1 
ATOM   558  C  CD1 . ILE A 1 81  ? -1.036  10.722  1.563   1.00 13.58 ? 81   ILE X CD1 1 
ATOM   559  N  N   . GLY A 1 82  ? -2.801  10.546  -3.007  1.00 13.29 ? 82   GLY X N   1 
ATOM   560  C  CA  . GLY A 1 82  ? -2.147  10.019  -4.192  1.00 12.64 ? 82   GLY X CA  1 
ATOM   561  C  C   . GLY A 1 82  ? -2.625  8.611   -4.478  1.00 11.81 ? 82   GLY X C   1 
ATOM   562  O  O   . GLY A 1 82  ? -3.408  8.040   -3.712  1.00 10.26 ? 82   GLY X O   1 
ATOM   563  N  N   . THR A 1 83  ? -2.155  8.067   -5.599  1.00 11.45 ? 83   THR X N   1 
ATOM   564  C  CA  . THR A 1 83  ? -2.569  6.736   -6.059  1.00 11.15 ? 83   THR X CA  1 
ATOM   565  C  C   . THR A 1 83  ? -1.359  6.088   -6.727  1.00 10.70 ? 83   THR X C   1 
ATOM   566  O  O   . THR A 1 83  ? -0.860  6.628   -7.731  1.00 12.39 ? 83   THR X O   1 
ATOM   567  C  CB  . THR A 1 83  ? -3.699  6.858   -7.069  1.00 11.56 ? 83   THR X CB  1 
ATOM   568  O  OG1 . THR A 1 83  ? -4.842  7.492   -6.462  1.00 12.80 ? 83   THR X OG1 1 
ATOM   569  C  CG2 . THR A 1 83  ? -4.194  5.482   -7.495  1.00 12.48 ? 83   THR X CG2 1 
ATOM   570  N  N   . LEU A 1 84  ? -0.912  4.936   -6.206  1.00 9.05  ? 84   LEU X N   1 
ATOM   571  C  CA  . LEU A 1 84  ? 0.121   4.130   -6.859  1.00 8.67  ? 84   LEU X CA  1 
ATOM   572  C  C   . LEU A 1 84  ? -0.546  3.092   -7.753  1.00 7.95  ? 84   LEU X C   1 
ATOM   573  O  O   . LEU A 1 84  ? -1.354  2.285   -7.299  1.00 8.74  ? 84   LEU X O   1 
ATOM   574  C  CB  . LEU A 1 84  ? 1.013   3.435   -5.825  1.00 9.03  ? 84   LEU X CB  1 
ATOM   575  C  CG  . LEU A 1 84  ? 2.150   2.625   -6.431  1.00 9.19  ? 84   LEU X CG  1 
ATOM   576  C  CD1 . LEU A 1 84  ? 3.149   3.604   -7.067  1.00 11.40 ? 84   LEU X CD1 1 
ATOM   577  C  CD2 . LEU A 1 84  ? 2.851   1.764   -5.376  1.00 7.83  ? 84   LEU X CD2 1 
ATOM   578  N  N   . THR A 1 85  ? -0.233  3.125   -9.043  1.00 8.26  ? 85   THR X N   1 
ATOM   579  C  CA  . THR A 1 85  ? -0.752  2.153   -9.986  1.00 9.20  ? 85   THR X CA  1 
ATOM   580  C  C   . THR A 1 85  ? 0.310   1.093   -10.313 1.00 8.45  ? 85   THR X C   1 
ATOM   581  O  O   . THR A 1 85  ? 1.427   1.405   -10.737 1.00 10.22 ? 85   THR X O   1 
ATOM   582  C  CB  . THR A 1 85  ? -1.244  2.858   -11.261 1.00 9.82  ? 85   THR X CB  1 
ATOM   583  O  OG1 . THR A 1 85  ? -2.259  3.798   -10.900 1.00 10.93 ? 85   THR X OG1 1 
ATOM   584  C  CG2 . THR A 1 85  ? -1.930  1.873   -12.210 1.00 10.41 ? 85   THR X CG2 1 
ATOM   585  N  N   . VAL A 1 86  ? -0.047  -0.169  -10.091 1.00 8.18  ? 86   VAL X N   1 
ATOM   586  C  CA  . VAL A 1 86  ? 0.897   -1.280  -10.202 1.00 8.65  ? 86   VAL X CA  1 
ATOM   587  C  C   . VAL A 1 86  ? 0.438   -2.249  -11.275 1.00 9.12  ? 86   VAL X C   1 
ATOM   588  O  O   . VAL A 1 86  ? -0.604  -2.903  -11.149 1.00 9.45  ? 86   VAL X O   1 
ATOM   589  C  CB  . VAL A 1 86  ? 1.044   -2.060  -8.858  1.00 8.04  ? 86   VAL X CB  1 
ATOM   590  C  CG1 . VAL A 1 86  ? 2.066   -3.166  -8.986  1.00 9.02  ? 86   VAL X CG1 1 
ATOM   591  C  CG2 . VAL A 1 86  ? 1.380   -1.113  -7.739  1.00 8.33  ? 86   VAL X CG2 1 
ATOM   592  N  N   . ALA A 1 87  ? 1.181   -2.287  -12.362 1.00 10.22 ? 87   ALA X N   1 
ATOM   593  C  CA  . ALA A 1 87  ? 1.007   -3.323  -13.376 1.00 10.63 ? 87   ALA X CA  1 
ATOM   594  C  C   . ALA A 1 87  ? 1.869   -4.548  -13.046 1.00 10.33 ? 87   ALA X C   1 
ATOM   595  O  O   . ALA A 1 87  ? 2.616   -4.520  -12.071 1.00 9.01  ? 87   ALA X O   1 
ATOM   596  C  CB  . ALA A 1 87  ? 1.344   -2.766  -14.722 1.00 11.69 ? 87   ALA X CB  1 
ATOM   597  N  N   . SER A 1 88  ? 1.755   -5.608  -13.842 1.00 10.04 ? 88   SER X N   1 
ATOM   598  C  CA  . SER A 1 88  ? 2.528   -6.824  -13.612 1.00 9.74  ? 88   SER X CA  1 
ATOM   599  C  C   . SER A 1 88  ? 4.013   -6.521  -13.467 1.00 9.66  ? 88   SER X C   1 
ATOM   600  O  O   . SER A 1 88  ? 4.571   -5.770  -14.252 1.00 11.12 ? 88   SER X O   1 
ATOM   601  C  CB  . SER A 1 88  ? 2.366   -7.846  -14.737 1.00 10.56 ? 88   SER X CB  1 
ATOM   602  O  OG  . SER A 1 88  ? 3.342   -8.888  -14.649 1.00 11.91 ? 88   SER X OG  1 
ATOM   603  N  N   . THR A 1 89  ? 4.639   -7.165  -12.485 1.00 8.77  ? 89   THR X N   1 
ATOM   604  C  CA  . THR A 1 89  ? 6.074   -7.150  -12.286 1.00 9.96  ? 89   THR X CA  1 
ATOM   605  C  C   . THR A 1 89  ? 6.736   -8.416  -12.813 1.00 10.80 ? 89   THR X C   1 
ATOM   606  O  O   . THR A 1 89  ? 7.939   -8.603  -12.625 1.00 12.13 ? 89   THR X O   1 
ATOM   607  C  CB  . THR A 1 89  ? 6.405   -7.068  -10.786 1.00 9.84  ? 89   THR X CB  1 
ATOM   608  O  OG1 . THR A 1 89  ? 5.792   -8.193  -10.131 1.00 8.90  ? 89   THR X OG1 1 
ATOM   609  C  CG2 . THR A 1 89  ? 5.847   -5.814  -10.140 1.00 11.50 ? 89   THR X CG2 1 
ATOM   610  N  N   . GLY A 1 90  ? 5.936   -9.300  -13.385 1.00 11.43 ? 90   GLY X N   1 
ATOM   611  C  CA  . GLY A 1 90  ? 6.415   -10.543 -13.961 1.00 11.97 ? 90   GLY X CA  1 
ATOM   612  C  C   . GLY A 1 90  ? 5.860   -11.749 -13.236 1.00 11.69 ? 90   GLY X C   1 
ATOM   613  O  O   . GLY A 1 90  ? 5.864   -12.836 -13.781 1.00 12.53 ? 90   GLY X O   1 
ATOM   614  N  N   . GLY A 1 91  ? 5.339   -11.549 -12.029 1.00 10.53 ? 91   GLY X N   1 
ATOM   615  C  CA  . GLY A 1 91  ? 4.816   -12.647 -11.247 1.00 9.54  ? 91   GLY X CA  1 
ATOM   616  C  C   . GLY A 1 91  ? 4.548   -12.236 -9.815  1.00 9.86  ? 91   GLY X C   1 
ATOM   617  O  O   . GLY A 1 91  ? 5.008   -11.197 -9.349  1.00 8.92  ? 91   GLY X O   1 
ATOM   618  N  N   . TRP A 1 92  ? 3.810   -13.080 -9.128  1.00 8.54  ? 92   TRP X N   1 
ATOM   619  C  CA  . TRP A 1 92  ? 3.378   -12.807 -7.774  1.00 8.61  ? 92   TRP X CA  1 
ATOM   620  C  C   . TRP A 1 92  ? 4.477   -12.831 -6.739  1.00 8.53  ? 92   TRP X C   1 
ATOM   621  O  O   . TRP A 1 92  ? 4.294   -12.303 -5.634  1.00 8.51  ? 92   TRP X O   1 
ATOM   622  C  CB  . TRP A 1 92  ? 2.285   -13.804 -7.353  1.00 8.25  ? 92   TRP X CB  1 
ATOM   623  C  CG  . TRP A 1 92  ? 1.093   -13.676 -8.181  1.00 7.71  ? 92   TRP X CG  1 
ATOM   624  C  CD1 . TRP A 1 92  ? 0.667   -14.534 -9.144  1.00 9.36  ? 92   TRP X CD1 1 
ATOM   625  C  CD2 . TRP A 1 92  ? 0.191   -12.580 -8.187  1.00 7.26  ? 92   TRP X CD2 1 
ATOM   626  N  NE1 . TRP A 1 92  ? -0.469  -14.052 -9.743  1.00 10.62 ? 92   TRP X NE1 1 
ATOM   627  C  CE2 . TRP A 1 92  ? -0.792  -12.849 -9.171  1.00 10.40 ? 92   TRP X CE2 1 
ATOM   628  C  CE3 . TRP A 1 92  ? 0.096   -11.388 -7.451  1.00 9.56  ? 92   TRP X CE3 1 
ATOM   629  C  CZ2 . TRP A 1 92  ? -1.819  -11.972 -9.443  1.00 10.75 ? 92   TRP X CZ2 1 
ATOM   630  C  CZ3 . TRP A 1 92  ? -0.931  -10.547 -7.709  1.00 9.09  ? 92   TRP X CZ3 1 
ATOM   631  C  CH2 . TRP A 1 92  ? -1.867  -10.816 -8.711  1.00 10.80 ? 92   TRP X CH2 1 
ATOM   632  N  N   . ASN A 1 93  ? 5.632   -13.424 -7.049  1.00 9.28  ? 93   ASN X N   1 
ATOM   633  C  CA  . ASN A 1 93  ? 6.774   -13.390 -6.138  1.00 10.19 ? 93   ASN X CA  1 
ATOM   634  C  C   . ASN A 1 93  ? 7.975   -12.606 -6.666  1.00 9.46  ? 93   ASN X C   1 
ATOM   635  O  O   . ASN A 1 93  ? 9.077   -12.728 -6.128  1.00 9.84  ? 93   ASN X O   1 
ATOM   636  C  CB  . ASN A 1 93  ? 7.193   -14.813 -5.771  1.00 9.66  ? 93   ASN X CB  1 
ATOM   637  C  CG  . ASN A 1 93  ? 6.078   -15.570 -5.066  1.00 12.66 ? 93   ASN X CG  1 
ATOM   638  O  OD1 . ASN A 1 93  ? 5.382   -15.013 -4.200  1.00 14.48 ? 93   ASN X OD1 1 
ATOM   639  N  ND2 . ASN A 1 93  ? 5.895   -16.837 -5.427  1.00 14.20 ? 93   ASN X ND2 1 
ATOM   640  N  N   . ASN A 1 94  ? 7.751   -11.783 -7.685  1.00 8.91  ? 94   ASN X N   1 
ATOM   641  C  CA  . ASN A 1 94  ? 8.799   -10.957 -8.276  1.00 9.50  ? 94   ASN X CA  1 
ATOM   642  C  C   . ASN A 1 94  ? 8.552   -9.517  -7.830  1.00 9.10  ? 94   ASN X C   1 
ATOM   643  O  O   . ASN A 1 94  ? 7.791   -8.766  -8.444  1.00 7.99  ? 94   ASN X O   1 
ATOM   644  C  CB  . ASN A 1 94  ? 8.787   -11.056 -9.803  1.00 9.97  ? 94   ASN X CB  1 
ATOM   645  C  CG  . ASN A 1 94  ? 8.971   -12.484 -10.289 1.00 10.92 ? 94   ASN X CG  1 
ATOM   646  O  OD1 . ASN A 1 94  ? 9.979   -13.120 -9.972  1.00 19.55 ? 94   ASN X OD1 1 
ATOM   647  N  ND2 . ASN A 1 94  ? 8.030   -12.973 -11.063 1.00 11.60 ? 94   ASN X ND2 1 
ATOM   648  N  N   . TYR A 1 95  ? 9.230   -9.122  -6.756  1.00 8.90  ? 95   TYR X N   1 
ATOM   649  C  CA  . TYR A 1 95  ? 9.031   -7.820  -6.160  1.00 9.09  ? 95   TYR X CA  1 
ATOM   650  C  C   . TYR A 1 95  ? 9.884   -6.748  -6.807  1.00 9.94  ? 95   TYR X C   1 
ATOM   651  O  O   . TYR A 1 95  ? 11.012  -7.013  -7.248  1.00 11.83 ? 95   TYR X O   1 
ATOM   652  C  CB  . TYR A 1 95  ? 9.279   -7.875  -4.643  1.00 8.89  ? 95   TYR X CB  1 
ATOM   653  C  CG  . TYR A 1 95  ? 8.204   -8.599  -3.903  1.00 7.95  ? 95   TYR X CG  1 
ATOM   654  C  CD1 . TYR A 1 95  ? 8.201   -9.995  -3.808  1.00 8.91  ? 95   TYR X CD1 1 
ATOM   655  C  CD2 . TYR A 1 95  ? 7.111   -7.907  -3.378  1.00 9.13  ? 95   TYR X CD2 1 
ATOM   656  C  CE1 . TYR A 1 95  ? 7.172   -10.664 -3.180  1.00 7.32  ? 95   TYR X CE1 1 
ATOM   657  C  CE2 . TYR A 1 95  ? 6.092   -8.573  -2.762  1.00 8.22  ? 95   TYR X CE2 1 
ATOM   658  C  CZ  . TYR A 1 95  ? 6.116   -9.943  -2.662  1.00 8.42  ? 95   TYR X CZ  1 
ATOM   659  O  OH  . TYR A 1 95  ? 5.078   -10.630 -2.056  1.00 8.92  ? 95   TYR X OH  1 
ATOM   660  N  N   . GLU A 1 96  ? 9.283   -5.577  -6.934  1.00 10.49 ? 96   GLU X N   1 
ATOM   661  C  CA  . GLU A 1 96  ? 9.925   -4.360  -7.390  1.00 11.08 ? 96   GLU X CA  1 
ATOM   662  C  C   . GLU A 1 96  ? 9.504   -3.214  -6.494  1.00 10.14 ? 96   GLU X C   1 
ATOM   663  O  O   . GLU A 1 96  ? 8.446   -3.242  -5.873  1.00 10.09 ? 96   GLU X O   1 
ATOM   664  C  CB  . GLU A 1 96  ? 9.515   -4.039  -8.821  1.00 11.79 ? 96   GLU X CB  1 
ATOM   665  C  CG  . GLU A 1 96  ? 9.929   -5.036  -9.882  1.00 15.99 ? 96   GLU X CG  1 
ATOM   666  C  CD  . GLU A 1 96  ? 9.438   -4.643  -11.263 1.00 20.52 ? 96   GLU X CD  1 
ATOM   667  O  OE1 . GLU A 1 96  ? 9.064   -3.481  -11.474 1.00 25.86 ? 96   GLU X OE1 1 
ATOM   668  O  OE2 . GLU A 1 96  ? 9.405   -5.508  -12.156 1.00 27.42 ? 96   GLU X OE2 1 
ATOM   669  N  N   . GLU A 1 97  ? 10.330  -2.166  -6.427  1.00 10.30 ? 97   GLU X N   1 
ATOM   670  C  CA  . GLU A 1 97  ? 9.933   -0.954  -5.708  1.00 10.09 ? 97   GLU X CA  1 
ATOM   671  C  C   . GLU A 1 97  ? 9.371   0.073   -6.650  1.00 8.93  ? 97   GLU X C   1 
ATOM   672  O  O   . GLU A 1 97  ? 10.018  0.415   -7.639  1.00 10.96 ? 97   GLU X O   1 
ATOM   673  C  CB  . GLU A 1 97  ? 11.101  -0.409  -4.878  1.00 11.43 ? 97   GLU X CB  1 
ATOM   674  C  CG  . GLU A 1 97  ? 11.414  -1.364  -3.739  1.00 13.74 ? 97   GLU X CG  1 
ATOM   675  C  CD  . GLU A 1 97  ? 12.731  -1.123  -3.026  1.00 19.14 ? 97   GLU X CD  1 
ATOM   676  O  OE1 . GLU A 1 97  ? 13.079  0.041   -2.792  1.00 22.38 ? 97   GLU X OE1 1 
ATOM   677  O  OE2 . GLU A 1 97  ? 13.409  -2.116  -2.714  1.00 21.91 ? 97   GLU X OE2 1 
ATOM   678  N  N   . LYS A 1 98  ? 8.138   0.499   -6.408  0.50 5.40  ? 98   LYS X N   1 
ATOM   679  C  CA  . LYS A 1 98  ? 7.449   1.447   -7.262  0.50 5.00  ? 98   LYS X CA  1 
ATOM   680  C  C   . LYS A 1 98  ? 7.026   2.650   -6.453  0.50 5.15  ? 98   LYS X C   1 
ATOM   681  O  O   . LYS A 1 98  ? 6.649   2.506   -5.295  0.50 4.19  ? 98   LYS X O   1 
ATOM   682  C  CB  . LYS A 1 98  ? 6.211   0.804   -7.885  0.50 4.64  ? 98   LYS X CB  1 
ATOM   683  C  CG  . LYS A 1 98  ? 6.502   -0.429  -8.714  0.50 5.59  ? 98   LYS X CG  1 
ATOM   684  C  CD  . LYS A 1 98  ? 7.312   -0.129  -9.937  0.50 9.43  ? 98   LYS X CD  1 
ATOM   685  C  CE  . LYS A 1 98  ? 7.173   -1.200  -10.985 0.50 12.82 ? 98   LYS X CE  1 
ATOM   686  N  NZ  . LYS A 1 98  ? 7.850   -0.799  -12.262 0.50 15.44 ? 98   LYS X NZ  1 
ATOM   687  N  N   . SER A 1 99  ? 7.101   3.838   -7.066  0.50 5.68  ? 99   SER X N   1 
ATOM   688  C  CA  . SER A 1 99  ? 6.822   5.101   -6.388  0.50 7.59  ? 99   SER X CA  1 
ATOM   689  C  C   . SER A 1 99  ? 5.822   5.993   -7.135  0.50 9.12  ? 99   SER X C   1 
ATOM   690  O  O   . SER A 1 99  ? 5.661   5.897   -8.353  0.50 8.06  ? 99   SER X O   1 
ATOM   691  C  CB  . SER A 1 99  ? 8.111   5.912   -6.178  0.50 7.97  ? 99   SER X CB  1 
ATOM   692  O  OG  . SER A 1 99  ? 9.176   5.085   -5.753  0.50 10.58 ? 99   SER X OG  1 
ATOM   693  N  N   . CYS A 1 100 ? 5.140   6.816   -6.357  1.00 13.05 ? 100  CYS X N   1 
ATOM   694  C  CA  . CYS A 1 100 ? 4.285   7.912   -6.834  1.00 14.82 ? 100  CYS X CA  1 
ATOM   695  C  C   . CYS A 1 100 ? 4.490   9.155   -5.963  1.00 16.09 ? 100  CYS X C   1 
ATOM   696  O  O   . CYS A 1 100 ? 4.876   9.079   -4.795  1.00 16.09 ? 100  CYS X O   1 
ATOM   697  C  CB  . CYS A 1 100 ? 2.780   7.520   -6.837  1.00 14.69 ? 100  CYS X CB  1 
ATOM   698  S  SG  . CYS A 1 100 ? 2.061   7.161   -5.244  1.00 17.75 ? 100  CYS X SG  1 
ATOM   699  N  N   . SER A 1 101 ? 4.204   10.319  -6.544  1.00 18.15 ? 101  SER X N   1 
ATOM   700  C  CA  . SER A 1 101 ? 4.141   11.547  -5.771  1.00 19.44 ? 101  SER X CA  1 
ATOM   701  C  C   . SER A 1 101 ? 2.822   11.596  -4.984  1.00 19.62 ? 101  SER X C   1 
ATOM   702  O  O   . SER A 1 101 ? 1.811   11.034  -5.415  1.00 20.44 ? 101  SER X O   1 
ATOM   703  C  CB  . SER A 1 101 ? 4.224   12.752  -6.721  1.00 19.91 ? 101  SER X CB  1 
ATOM   704  O  OG  . SER A 1 101 ? 3.124   12.741  -7.601  1.00 23.92 ? 101  SER X OG  1 
ATOM   705  N  N   . ILE A 1 102 ? 2.855   12.243  -3.828  1.00 19.98 ? 102  ILE X N   1 
ATOM   706  C  CA  . ILE A 1 102 ? 1.656   12.521  -3.049  1.00 20.11 ? 102  ILE X CA  1 
ATOM   707  C  C   . ILE A 1 102 ? 1.603   14.017  -2.712  1.00 21.29 ? 102  ILE X C   1 
ATOM   708  O  O   . ILE A 1 102 ? 2.648   14.699  -2.702  1.00 21.38 ? 102  ILE X O   1 
ATOM   709  C  CB  . ILE A 1 102 ? 1.589   11.680  -1.738  1.00 20.22 ? 102  ILE X CB  1 
ATOM   710  C  CG1 . ILE A 1 102 ? 2.789   11.917  -0.835  1.00 19.35 ? 102  ILE X CG1 1 
ATOM   711  C  CG2 . ILE A 1 102 ? 1.537   10.176  -2.039  1.00 20.01 ? 102  ILE X CG2 1 
ATOM   712  C  CD1 . ILE A 1 102 ? 2.603   11.419  0.551   1.00 18.72 ? 102  ILE X CD1 1 
ATOM   713  N  N   . THR A 1 103 ? 0.394   14.506  -2.453  0.50 21.76 ? 103  THR X N   1 
ATOM   714  C  CA  . THR A 1 103 ? 0.200   15.863  -1.983  0.50 22.67 ? 103  THR X CA  1 
ATOM   715  C  C   . THR A 1 103 ? 0.932   15.940  -0.658  0.50 24.23 ? 103  THR X C   1 
ATOM   716  O  O   . THR A 1 103 ? 0.749   15.078  0.206   0.50 23.68 ? 103  THR X O   1 
ATOM   717  C  CB  . THR A 1 103 ? -1.307  16.195  -1.816  0.50 22.42 ? 103  THR X CB  1 
ATOM   718  O  OG1 . THR A 1 103 ? -1.922  15.283  -0.897  0.50 21.94 ? 103  THR X OG1 1 
ATOM   719  C  CG2 . THR A 1 103 ? -2.070  15.979  -3.109  0.50 21.79 ? 103  THR X CG2 1 
ATOM   720  N  N   . ASN A 1 104 ? 1.805   16.936  -0.512  1.00 26.31 ? 104  ASN X N   1 
ATOM   721  C  CA  . ASN A 1 104 ? 2.629   17.045  0.676   1.00 28.26 ? 104  ASN X CA  1 
ATOM   722  C  C   . ASN A 1 104 ? 1.774   16.945  1.916   1.00 28.98 ? 104  ASN X C   1 
ATOM   723  O  O   . ASN A 1 104 ? 0.780   17.653  2.044   1.00 29.59 ? 104  ASN X O   1 
ATOM   724  C  CB  . ASN A 1 104 ? 3.427   18.350  0.723   1.00 28.95 ? 104  ASN X CB  1 
ATOM   725  C  CG  . ASN A 1 104 ? 4.397   18.384  1.890   1.00 30.87 ? 104  ASN X CG  1 
ATOM   726  O  OD1 . ASN A 1 104 ? 5.579   18.080  1.735   1.00 34.24 ? 104  ASN X OD1 1 
ATOM   727  N  ND2 . ASN A 1 104 ? 3.892   18.741  3.076   1.00 32.97 ? 104  ASN X ND2 1 
ATOM   728  N  N   . THR A 1 105 ? 2.193   16.070  2.825   1.00 29.91 ? 105  THR X N   1 
ATOM   729  C  CA  . THR A 1 105 ? 1.410   15.680  3.991   1.00 30.70 ? 105  THR X CA  1 
ATOM   730  C  C   . THR A 1 105 ? 2.239   15.771  5.259   1.00 31.99 ? 105  THR X C   1 
ATOM   731  O  O   . THR A 1 105 ? 3.350   15.253  5.322   1.00 32.09 ? 105  THR X O   1 
ATOM   732  C  CB  . THR A 1 105 ? 0.922   14.225  3.802   1.00 30.84 ? 105  THR X CB  1 
ATOM   733  O  OG1 . THR A 1 105 ? 0.031   14.172  2.688   1.00 30.31 ? 105  THR X OG1 1 
ATOM   734  C  CG2 . THR A 1 105 ? 0.086   13.755  4.993   1.00 30.94 ? 105  THR X CG2 1 
ATOM   735  N  N   . THR A 1 106 ? 1.696   16.451  6.267   1.00 33.53 ? 106  THR X N   1 
ATOM   736  C  CA  . THR A 1 106 ? 2.331   16.539  7.582   1.00 34.46 ? 106  THR X CA  1 
ATOM   737  C  C   . THR A 1 106 ? 1.283   16.306  8.667   1.00 34.73 ? 106  THR X C   1 
ATOM   738  O  O   . THR A 1 106 ? 0.092   16.536  8.451   1.00 35.63 ? 106  THR X O   1 
ATOM   739  C  CB  . THR A 1 106 ? 3.080   17.926  7.778   1.00 34.52 ? 106  THR X CB  1 
ATOM   740  O  OG1 . THR A 1 106 ? 2.138   18.969  8.021   1.00 34.44 ? 106  THR X OG1 1 
ATOM   741  C  CG2 . THR A 1 106 ? 3.809   18.386  6.500   1.00 35.24 ? 106  THR X CG2 1 
ATOM   742  N  N   . GLY A 1 107 ? 1.714   15.809  9.822   1.00 35.49 ? 107  GLY X N   1 
ATOM   743  C  CA  . GLY A 1 107 ? 0.812   15.615  10.952  1.00 35.47 ? 107  GLY X CA  1 
ATOM   744  C  C   . GLY A 1 107 ? 0.320   14.194  11.118  1.00 35.45 ? 107  GLY X C   1 
ATOM   745  O  O   . GLY A 1 107 ? 0.765   13.299  10.420  1.00 36.13 ? 107  GLY X O   1 
ATOM   746  N  N   . GLN A 1 108 ? -0.634  14.002  12.027  1.00 34.95 ? 108  GLN X N   1 
ATOM   747  C  CA  . GLN A 1 108 ? -1.071  12.670  12.437  1.00 34.04 ? 108  GLN X CA  1 
ATOM   748  C  C   . GLN A 1 108 ? -2.416  12.273  11.836  1.00 33.10 ? 108  GLN X C   1 
ATOM   749  O  O   . GLN A 1 108 ? -3.465  12.830  12.191  1.00 32.96 ? 108  GLN X O   1 
ATOM   750  C  CB  . GLN A 1 108 ? -1.171  12.602  13.960  1.00 34.37 ? 108  GLN X CB  1 
ATOM   751  C  CG  . GLN A 1 108 ? -1.531  11.208  14.497  1.00 34.86 ? 108  GLN X CG  1 
ATOM   752  C  CD  . GLN A 1 108 ? -0.977  10.950  15.891  1.00 36.69 ? 108  GLN X CD  1 
ATOM   753  O  OE1 . GLN A 1 108 ? 0.217   11.163  16.142  1.00 38.09 ? 108  GLN X OE1 1 
ATOM   754  N  NE2 . GLN A 1 108 ? -1.832  10.478  16.794  1.00 36.65 ? 108  GLN X NE2 1 
ATOM   755  N  N   . HIS A 1 109 ? -2.389  11.289  10.935  1.00 31.06 ? 109  HIS X N   1 
ATOM   756  C  CA  . HIS A 1 109 ? -3.615  10.805  10.324  1.00 29.65 ? 109  HIS X CA  1 
ATOM   757  C  C   . HIS A 1 109 ? -3.635  9.283   10.303  1.00 27.59 ? 109  HIS X C   1 
ATOM   758  O  O   . HIS A 1 109 ? -2.585  8.643   10.209  1.00 27.72 ? 109  HIS X O   1 
ATOM   759  C  CB  . HIS A 1 109 ? -3.752  11.337  8.888   1.00 29.93 ? 109  HIS X CB  1 
ATOM   760  C  CG  . HIS A 1 109 ? -3.231  12.730  8.694   1.00 31.38 ? 109  HIS X CG  1 
ATOM   761  N  ND1 . HIS A 1 109 ? -4.061  13.826  8.586   1.00 32.87 ? 109  HIS X ND1 1 
ATOM   762  C  CD2 . HIS A 1 109 ? -1.967  13.202  8.585   1.00 33.17 ? 109  HIS X CD2 1 
ATOM   763  C  CE1 . HIS A 1 109 ? -3.330  14.910  8.403   1.00 33.56 ? 109  HIS X CE1 1 
ATOM   764  N  NE2 . HIS A 1 109 ? -2.056  14.563  8.408   1.00 34.20 ? 109  HIS X NE2 1 
ATOM   765  N  N   . ASP A 1 110 ? -4.832  8.731   10.402  1.00 24.82 ? 110  ASP X N   1 
ATOM   766  C  CA  . ASP A 1 110 ? -5.085  7.344   10.046  1.00 23.48 ? 110  ASP X CA  1 
ATOM   767  C  C   . ASP A 1 110 ? -4.865  7.251   8.532   1.00 21.44 ? 110  ASP X C   1 
ATOM   768  O  O   . ASP A 1 110 ? -5.206  8.169   7.783   1.00 21.25 ? 110  ASP X O   1 
ATOM   769  C  CB  . ASP A 1 110 ? -6.515  6.924   10.390  1.00 23.35 ? 110  ASP X CB  1 
ATOM   770  C  CG  . ASP A 1 110 ? -6.826  7.042   11.866  1.00 24.19 ? 110  ASP X CG  1 
ATOM   771  O  OD1 . ASP A 1 110 ? -5.855  7.050   12.651  1.00 25.44 ? 110  ASP X OD1 1 
ATOM   772  O  OD2 . ASP A 1 110 ? -8.002  7.131   12.306  1.00 24.78 ? 110  ASP X OD2 1 
ATOM   773  N  N   . LEU A 1 111 ? -4.280  6.144   8.093   1.00 18.70 ? 111  LEU X N   1 
ATOM   774  C  CA  . LEU A 1 111 ? -3.975  5.931   6.679   1.00 16.13 ? 111  LEU X CA  1 
ATOM   775  C  C   . LEU A 1 111 ? -4.714  4.694   6.201   1.00 14.27 ? 111  LEU X C   1 
ATOM   776  O  O   . LEU A 1 111 ? -4.616  3.627   6.804   1.00 13.39 ? 111  LEU X O   1 
ATOM   777  C  CB  . LEU A 1 111 ? -2.480  5.736   6.483   1.00 15.78 ? 111  LEU X CB  1 
ATOM   778  C  CG  . LEU A 1 111 ? -2.042  5.247   5.087   1.00 14.57 ? 111  LEU X CG  1 
ATOM   779  C  CD1 . LEU A 1 111 ? -2.250  6.282   4.013   1.00 14.65 ? 111  LEU X CD1 1 
ATOM   780  C  CD2 . LEU A 1 111 ? -0.585  4.851   5.132   1.00 14.60 ? 111  LEU X CD2 1 
ATOM   781  N  N   . TYR A 1 112 ? -5.457  4.845   5.113   1.00 12.72 ? 112  TYR X N   1 
ATOM   782  C  CA  . TYR A 1 112 ? -6.184  3.760   4.474   1.00 11.66 ? 112  TYR X CA  1 
ATOM   783  C  C   . TYR A 1 112 ? -5.570  3.513   3.110   1.00 11.39 ? 112  TYR X C   1 
ATOM   784  O  O   . TYR A 1 112 ? -5.490  4.422   2.286   1.00 11.81 ? 112  TYR X O   1 
ATOM   785  C  CB  . TYR A 1 112 ? -7.678  4.094   4.294   1.00 11.74 ? 112  TYR X CB  1 
ATOM   786  C  CG  . TYR A 1 112 ? -8.426  4.224   5.614   1.00 11.89 ? 112  TYR X CG  1 
ATOM   787  C  CD1 . TYR A 1 112 ? -8.213  5.311   6.436   1.00 13.85 ? 112  TYR X CD1 1 
ATOM   788  C  CD2 . TYR A 1 112 ? -9.289  3.242   6.029   1.00 12.96 ? 112  TYR X CD2 1 
ATOM   789  C  CE1 . TYR A 1 112 ? -8.876  5.405   7.679   1.00 14.11 ? 112  TYR X CE1 1 
ATOM   790  C  CE2 . TYR A 1 112 ? -9.953  3.327   7.260   1.00 14.67 ? 112  TYR X CE2 1 
ATOM   791  C  CZ  . TYR A 1 112 ? -9.735  4.416   8.063   1.00 15.19 ? 112  TYR X CZ  1 
ATOM   792  O  OH  . TYR A 1 112 ? -10.387 4.472   9.275   1.00 17.58 ? 112  TYR X OH  1 
ATOM   793  N  N   . LEU A 1 113 ? -5.130  2.280   2.862   1.00 10.18 ? 113  LEU X N   1 
ATOM   794  C  CA  . LEU A 1 113 ? -4.695  1.890   1.513   1.00 9.55  ? 113  LEU X CA  1 
ATOM   795  C  C   . LEU A 1 113 ? -5.852  1.156   0.912   1.00 8.93  ? 113  LEU X C   1 
ATOM   796  O  O   . LEU A 1 113 ? -6.256  0.123   1.416   1.00 9.90  ? 113  LEU X O   1 
ATOM   797  C  CB  . LEU A 1 113 ? -3.467  0.987   1.521   1.00 10.22 ? 113  LEU X CB  1 
ATOM   798  C  CG  . LEU A 1 113 ? -2.135  1.541   2.024   1.00 13.80 ? 113  LEU X CG  1 
ATOM   799  C  CD1 . LEU A 1 113 ? -0.983  0.651   1.560   1.00 13.47 ? 113  LEU X CD1 1 
ATOM   800  C  CD2 . LEU A 1 113 ? -1.871  2.963   1.728   1.00 17.48 ? 113  LEU X CD2 1 
ATOM   801  N  N   . VAL A 1 114 ? -6.412  1.699   -0.164  1.00 7.84  ? 114  VAL X N   1 
ATOM   802  C  CA  . VAL A 1 114 ? -7.648  1.165   -0.723  1.00 8.19  ? 114  VAL X CA  1 
ATOM   803  C  C   . VAL A 1 114 ? -7.290  0.600   -2.111  1.00 8.67  ? 114  VAL X C   1 
ATOM   804  O  O   . VAL A 1 114 ? -6.767  1.319   -2.977  1.00 8.82  ? 114  VAL X O   1 
ATOM   805  C  CB  . VAL A 1 114 ? -8.766  2.233   -0.818  1.00 8.99  ? 114  VAL X CB  1 
ATOM   806  C  CG1 . VAL A 1 114 ? -10.040 1.620   -1.365  1.00 9.41  ? 114  VAL X CG1 1 
ATOM   807  C  CG2 . VAL A 1 114 ? -9.046  2.863   0.534   1.00 9.52  ? 114  VAL X CG2 1 
ATOM   808  N  N   . PHE A 1 115 ? -7.594  -0.665  -2.313  1.00 8.73  ? 115  PHE X N   1 
ATOM   809  C  CA  . PHE A 1 115 ? -7.132  -1.402  -3.493  1.00 7.77  ? 115  PHE X CA  1 
ATOM   810  C  C   . PHE A 1 115 ? -8.227  -1.630  -4.532  1.00 9.13  ? 115  PHE X C   1 
ATOM   811  O  O   . PHE A 1 115 ? -9.326  -2.025  -4.207  1.00 9.70  ? 115  PHE X O   1 
ATOM   812  C  CB  . PHE A 1 115 ? -6.563  -2.770  -3.069  1.00 7.12  ? 115  PHE X CB  1 
ATOM   813  C  CG  . PHE A 1 115 ? -5.376  -2.667  -2.143  1.00 5.64  ? 115  PHE X CG  1 
ATOM   814  C  CD1 . PHE A 1 115 ? -5.542  -2.567  -0.776  1.00 6.56  ? 115  PHE X CD1 1 
ATOM   815  C  CD2 . PHE A 1 115 ? -4.086  -2.669  -2.656  1.00 6.84  ? 115  PHE X CD2 1 
ATOM   816  C  CE1 . PHE A 1 115 ? -4.458  -2.449  0.057   1.00 6.91  ? 115  PHE X CE1 1 
ATOM   817  C  CE2 . PHE A 1 115 ? -2.974  -2.530  -1.823  1.00 5.61  ? 115  PHE X CE2 1 
ATOM   818  C  CZ  . PHE A 1 115 ? -3.161  -2.441  -0.470  1.00 7.68  ? 115  PHE X CZ  1 
ATOM   819  N  N   . SER A 1 116 ? -7.881  -1.471  -5.804  1.00 9.21  ? 116  SER X N   1 
ATOM   820  C  CA  . SER A 1 116 ? -8.849  -1.702  -6.878  1.00 9.38  ? 116  SER X CA  1 
ATOM   821  C  C   . SER A 1 116 ? -8.812  -3.109  -7.451  1.00 9.56  ? 116  SER X C   1 
ATOM   822  O  O   . SER A 1 116 ? -9.578  -3.438  -8.369  1.00 10.87 ? 116  SER X O   1 
ATOM   823  C  CB  . SER A 1 116 ? -8.661  -0.662  -8.005  1.00 9.75  ? 116  SER X CB  1 
ATOM   824  O  OG  . SER A 1 116 ? -7.522  -0.932  -8.805  1.00 10.18 ? 116  SER X OG  1 
ATOM   825  N  N   . GLY A 1 117 ? -7.893  -3.935  -6.958  1.00 7.93  ? 117  GLY X N   1 
ATOM   826  C  CA  . GLY A 1 117 ? -7.595  -5.245  -7.497  1.00 7.49  ? 117  GLY X CA  1 
ATOM   827  C  C   . GLY A 1 117 ? -6.420  -5.862  -6.762  1.00 7.38  ? 117  GLY X C   1 
ATOM   828  O  O   . GLY A 1 117 ? -6.002  -5.312  -5.745  1.00 6.98  ? 117  GLY X O   1 
ATOM   829  N  N   . PRO A 1 118 ? -5.954  -7.015  -7.220  1.00 7.54  ? 118  PRO X N   1 
ATOM   830  C  CA  . PRO A 1 118 ? -4.912  -7.757  -6.527  1.00 7.31  ? 118  PRO X CA  1 
ATOM   831  C  C   . PRO A 1 118 ? -3.522  -7.141  -6.730  1.00 7.17  ? 118  PRO X C   1 
ATOM   832  O  O   . PRO A 1 118 ? -3.210  -6.528  -7.754  1.00 8.83  ? 118  PRO X O   1 
ATOM   833  C  CB  . PRO A 1 118 ? -4.967  -9.139  -7.182  1.00 8.55  ? 118  PRO X CB  1 
ATOM   834  C  CG  . PRO A 1 118 ? -5.497  -8.884  -8.518  1.00 9.61  ? 118  PRO X CG  1 
ATOM   835  C  CD  . PRO A 1 118 ? -6.431  -7.742  -8.410  1.00 8.60  ? 118  PRO X CD  1 
ATOM   836  N  N   . VAL A 1 119 ? -2.710  -7.336  -5.715  1.00 6.70  ? 119  VAL X N   1 
ATOM   837  C  CA  . VAL A 1 119 ? -1.288  -6.967  -5.690  1.00 6.13  ? 119  VAL X CA  1 
ATOM   838  C  C   . VAL A 1 119 ? -0.713  -7.591  -4.445  1.00 5.14  ? 119  VAL X C   1 
ATOM   839  O  O   . VAL A 1 119 ? -1.412  -7.680  -3.435  1.00 7.39  ? 119  VAL X O   1 
ATOM   840  C  CB  . VAL A 1 119 ? -1.048  -5.409  -5.694  1.00 5.97  ? 119  VAL X CB  1 
ATOM   841  C  CG1 . VAL A 1 119 ? -1.613  -4.707  -4.473  1.00 7.23  ? 119  VAL X CG1 1 
ATOM   842  C  CG2 . VAL A 1 119 ? 0.451   -5.075  -5.852  1.00 6.98  ? 119  VAL X CG2 1 
ATOM   843  N  N   . ASN A 1 120 ? 0.554   -7.999  -4.486  1.00 5.77  ? 120  ASN X N   1 
ATOM   844  C  CA  . ASN A 1 120 ? 1.257   -8.452  -3.282  1.00 5.68  ? 120  ASN X CA  1 
ATOM   845  C  C   . ASN A 1 120 ? 2.124   -7.303  -2.789  1.00 6.48  ? 120  ASN X C   1 
ATOM   846  O  O   . ASN A 1 120 ? 2.852   -6.696  -3.573  1.00 7.16  ? 120  ASN X O   1 
ATOM   847  C  CB  . ASN A 1 120 ? 2.097   -9.713  -3.523  1.00 5.54  ? 120  ASN X CB  1 
ATOM   848  C  CG  . ASN A 1 120 ? 1.232   -10.970 -3.698  1.00 6.56  ? 120  ASN X CG  1 
ATOM   849  O  OD1 . ASN A 1 120 ? 0.021   -10.923 -3.446  1.00 6.53  ? 120  ASN X OD1 1 
ATOM   850  N  ND2 . ASN A 1 120 ? 1.849   -12.092 -4.128  1.00 9.34  ? 120  ASN X ND2 1 
ATOM   851  N  N   . ILE A 1 121 ? 2.015   -6.969  -1.506  1.00 6.52  ? 121  ILE X N   1 
ATOM   852  C  CA  . ILE A 1 121 ? 2.739   -5.814  -0.985  1.00 6.06  ? 121  ILE X CA  1 
ATOM   853  C  C   . ILE A 1 121 ? 3.506   -6.194  0.265   1.00 6.71  ? 121  ILE X C   1 
ATOM   854  O  O   . ILE A 1 121 ? 2.959   -6.786  1.202   1.00 6.55  ? 121  ILE X O   1 
ATOM   855  C  CB  . ILE A 1 121 ? 1.773   -4.629  -0.752  1.00 6.91  ? 121  ILE X CB  1 
ATOM   856  C  CG1 . ILE A 1 121 ? 2.535   -3.416  -0.245  1.00 7.48  ? 121  ILE X CG1 1 
ATOM   857  C  CG2 . ILE A 1 121 ? 0.550   -4.998  0.127   1.00 7.12  ? 121  ILE X CG2 1 
ATOM   858  C  CD1 . ILE A 1 121 ? 1.708   -2.197  -0.287  1.00 7.85  ? 121  ILE X CD1 1 
ATOM   859  N  N   . ASP A 1 122 ? 4.780   -5.835  0.276   1.00 6.04  ? 122  ASP X N   1 
ATOM   860  C  CA  . ASP A 1 122 ? 5.693   -6.182  1.380   1.00 6.94  ? 122  ASP X CA  1 
ATOM   861  C  C   . ASP A 1 122 ? 5.748   -5.051  2.409   1.00 6.92  ? 122  ASP X C   1 
ATOM   862  O  O   . ASP A 1 122 ? 5.504   -5.271  3.621   1.00 7.22  ? 122  ASP X O   1 
ATOM   863  C  CB  . ASP A 1 122 ? 7.054   -6.475  0.748   1.00 7.33  ? 122  ASP X CB  1 
ATOM   864  C  CG  . ASP A 1 122 ? 8.151   -6.823  1.745   1.00 7.31  ? 122  ASP X CG  1 
ATOM   865  O  OD1 . ASP A 1 122 ? 7.931   -6.742  2.971   1.00 8.34  ? 122  ASP X OD1 1 
ATOM   866  O  OD2 . ASP A 1 122 ? 9.297   -7.185  1.362   1.00 10.05 ? 122  ASP X OD2 1 
ATOM   867  N  N   . TYR A 1 123 ? 6.116   -3.860  1.934   1.00 7.40  ? 123  TYR X N   1 
ATOM   868  C  CA  . TYR A 1 123 ? 6.195   -2.676  2.774   1.00 6.95  ? 123  TYR X CA  1 
ATOM   869  C  C   . TYR A 1 123 ? 6.046   -1.429  1.942   1.00 7.34  ? 123  TYR X C   1 
ATOM   870  O  O   . TYR A 1 123 ? 6.076   -1.481  0.725   1.00 7.59  ? 123  TYR X O   1 
ATOM   871  C  CB  . TYR A 1 123 ? 7.530   -2.611  3.554   1.00 8.03  ? 123  TYR X CB  1 
ATOM   872  C  CG  . TYR A 1 123 ? 8.769   -2.578  2.679   1.00 7.47  ? 123  TYR X CG  1 
ATOM   873  C  CD1 . TYR A 1 123 ? 9.172   -1.404  2.031   1.00 8.58  ? 123  TYR X CD1 1 
ATOM   874  C  CD2 . TYR A 1 123 ? 9.594   -3.712  2.562   1.00 7.60  ? 123  TYR X CD2 1 
ATOM   875  C  CE1 . TYR A 1 123 ? 10.320  -1.406  1.238   1.00 7.01  ? 123  TYR X CE1 1 
ATOM   876  C  CE2 . TYR A 1 123 ? 10.720  -3.721  1.779   1.00 7.93  ? 123  TYR X CE2 1 
ATOM   877  C  CZ  . TYR A 1 123 ? 11.091  -2.540  1.138   1.00 7.75  ? 123  TYR X CZ  1 
ATOM   878  O  OH  . TYR A 1 123 ? 12.229  -2.504  0.361   1.00 11.67 ? 123  TYR X OH  1 
ATOM   879  N  N   . PHE A 1 124 ? 5.916   -0.301  2.621   1.00 8.27  ? 124  PHE X N   1 
ATOM   880  C  CA  . PHE A 1 124 ? 5.890   0.998   1.965   1.00 9.00  ? 124  PHE X CA  1 
ATOM   881  C  C   . PHE A 1 124 ? 6.569   2.067   2.806   1.00 10.57 ? 124  PHE X C   1 
ATOM   882  O  O   . PHE A 1 124 ? 6.701   1.899   3.994   1.00 10.81 ? 124  PHE X O   1 
ATOM   883  C  CB  . PHE A 1 124 ? 4.473   1.396   1.530   1.00 9.22  ? 124  PHE X CB  1 
ATOM   884  C  CG  . PHE A 1 124 ? 3.437   1.353   2.634   1.00 8.64  ? 124  PHE X CG  1 
ATOM   885  C  CD1 . PHE A 1 124 ? 3.169   2.479   3.399   1.00 10.84 ? 124  PHE X CD1 1 
ATOM   886  C  CD2 . PHE A 1 124 ? 2.746   0.179   2.903   1.00 10.37 ? 124  PHE X CD2 1 
ATOM   887  C  CE1 . PHE A 1 124 ? 2.235   2.439   4.379   1.00 11.90 ? 124  PHE X CE1 1 
ATOM   888  C  CE2 . PHE A 1 124 ? 1.811   0.132   3.901   1.00 11.39 ? 124  PHE X CE2 1 
ATOM   889  C  CZ  . PHE A 1 124 ? 1.541   1.263   4.630   1.00 11.68 ? 124  PHE X CZ  1 
ATOM   890  N  N   . ILE A 1 125 ? 7.043   3.106   2.126   1.00 12.23 ? 125  ILE X N   1 
ATOM   891  C  CA  . ILE A 1 125 ? 7.863   4.154   2.733   1.00 14.43 ? 125  ILE X CA  1 
ATOM   892  C  C   . ILE A 1 125 ? 7.394   5.505   2.252   1.00 15.02 ? 125  ILE X C   1 
ATOM   893  O  O   . ILE A 1 125 ? 7.218   5.730   1.059   1.00 14.84 ? 125  ILE X O   1 
ATOM   894  C  CB  . ILE A 1 125 ? 9.349   3.956   2.376   1.00 13.80 ? 125  ILE X CB  1 
ATOM   895  C  CG1 . ILE A 1 125 ? 9.832   2.547   2.774   1.00 14.85 ? 125  ILE X CG1 1 
ATOM   896  C  CG2 . ILE A 1 125 ? 10.192  5.062   3.086   1.00 15.10 ? 125  ILE X CG2 1 
ATOM   897  C  CD1 . ILE A 1 125 ? 11.309  2.279   2.483   1.00 13.70 ? 125  ILE X CD1 1 
ATOM   898  N  N   . PHE A 1 126 ? 7.174   6.412   3.203   1.00 17.90 ? 126  PHE X N   1 
ATOM   899  C  CA  . PHE A 1 126 ? 6.899   7.810   2.876   1.00 19.66 ? 126  PHE X CA  1 
ATOM   900  C  C   . PHE A 1 126 ? 8.209   8.580   2.982   1.00 22.18 ? 126  PHE X C   1 
ATOM   901  O  O   . PHE A 1 126 ? 8.977   8.335   3.901   1.00 22.52 ? 126  PHE X O   1 
ATOM   902  C  CB  . PHE A 1 126 ? 5.861   8.389   3.833   1.00 19.29 ? 126  PHE X CB  1 
ATOM   903  C  CG  . PHE A 1 126 ? 4.458   7.890   3.593   1.00 19.02 ? 126  PHE X CG  1 
ATOM   904  C  CD1 . PHE A 1 126 ? 3.715   8.375   2.533   1.00 19.61 ? 126  PHE X CD1 1 
ATOM   905  C  CD2 . PHE A 1 126 ? 3.888   6.924   4.424   1.00 18.88 ? 126  PHE X CD2 1 
ATOM   906  C  CE1 . PHE A 1 126 ? 2.416   7.931   2.310   1.00 21.14 ? 126  PHE X CE1 1 
ATOM   907  C  CE2 . PHE A 1 126 ? 2.598   6.461   4.202   1.00 18.93 ? 126  PHE X CE2 1 
ATOM   908  C  CZ  . PHE A 1 126 ? 1.860   6.957   3.151   1.00 20.65 ? 126  PHE X CZ  1 
ATOM   909  N  N   . ASP A 1 127 ? 8.467   9.469   2.018   1.00 24.85 ? 127  ASP X N   1 
ATOM   910  C  CA  . ASP A 1 127 ? 9.677   10.317  2.017   1.00 27.23 ? 127  ASP X CA  1 
ATOM   911  C  C   . ASP A 1 127 ? 9.419   11.662  1.336   1.00 28.52 ? 127  ASP X C   1 
ATOM   912  O  O   . ASP A 1 127 ? 8.367   11.874  0.740   1.00 28.06 ? 127  ASP X O   1 
ATOM   913  C  CB  . ASP A 1 127 ? 10.828  9.598   1.303   1.00 28.04 ? 127  ASP X CB  1 
ATOM   914  C  CG  . ASP A 1 127 ? 12.198  10.215  1.598   1.00 30.39 ? 127  ASP X CG  1 
ATOM   915  O  OD1 . ASP A 1 127 ? 12.437  10.675  2.739   1.00 34.06 ? 127  ASP X OD1 1 
ATOM   916  O  OD2 . ASP A 1 127 ? 13.105  10.275  0.739   1.00 34.31 ? 127  ASP X OD2 1 
ATOM   917  N  N   . SER A 1 128 ? 10.380  12.578  1.480   1.00 30.54 ? 128  SER X N   1 
ATOM   918  C  CA  . SER A 1 128 ? 10.372  13.888  0.829   1.00 31.54 ? 128  SER X CA  1 
ATOM   919  C  C   . SER A 1 128 ? 11.465  13.963  -0.242  1.00 32.38 ? 128  SER X C   1 
ATOM   920  O  O   . SER A 1 128 ? 12.659  14.001  0.078   1.00 32.71 ? 128  SER X O   1 
ATOM   921  C  CB  . SER A 1 128 ? 10.636  14.992  1.860   1.00 31.78 ? 128  SER X CB  1 
ATOM   922  O  OG  . SER A 1 128 ? 9.583   15.108  2.793   1.00 33.24 ? 128  SER X OG  1 
ATOM   923  N  N   . ASN A 1 129 ? 11.052  13.957  -1.507  1.00 32.95 ? 129  ASN X N   1 
ATOM   924  C  CA  . ASN A 1 129 ? 11.935  14.251  -2.629  1.00 33.35 ? 129  ASN X CA  1 
ATOM   925  C  C   . ASN A 1 129 ? 12.106  15.759  -2.817  1.00 33.64 ? 129  ASN X C   1 
ATOM   926  O  O   . ASN A 1 129 ? 13.054  16.208  -3.456  1.00 33.66 ? 129  ASN X O   1 
ATOM   927  C  CB  . ASN A 1 129 ? 11.386  13.632  -3.923  1.00 33.76 ? 129  ASN X CB  1 
ATOM   928  C  CG  . ASN A 1 129 ? 11.731  12.148  -4.064  1.00 34.19 ? 129  ASN X CG  1 
ATOM   929  O  OD1 . ASN A 1 129 ? 12.543  11.600  -3.307  1.00 35.88 ? 129  ASN X OD1 1 
ATOM   930  N  ND2 . ASN A 1 129 ? 11.113  11.494  -5.041  1.00 35.52 ? 129  ASN X ND2 1 
ATOM   931  N  N   . GLY A 1 130 ? 11.643  16.560  -1.998  1.00 33.51 ? 130  GLY X N   1 
HETATM 932  O  O1  . XYP B 2 .   ? -9.009  -7.615  -13.376 1.00 32.81 ? 1    XYP A O1  1 
HETATM 933  C  C1  . XYP B 2 .   ? -8.571  -8.921  -13.081 1.00 28.97 ? 1    XYP A C1  1 
HETATM 934  C  C2  . XYP B 2 .   ? -7.095  -8.969  -12.809 1.00 28.15 ? 1    XYP A C2  1 
HETATM 935  C  C3  . XYP B 2 .   ? -6.694  -10.416 -12.592 1.00 26.62 ? 1    XYP A C3  1 
HETATM 936  C  C4  . XYP B 2 .   ? -7.560  -11.030 -11.502 1.00 25.63 ? 1    XYP A C4  1 
HETATM 937  C  C5  . XYP B 2 .   ? -9.022  -10.778 -11.831 1.00 27.21 ? 1    XYP A C5  1 
HETATM 938  O  O2  . XYP B 2 .   ? -6.358  -8.484  -13.909 1.00 26.88 ? 1    XYP A O2  1 
HETATM 939  O  O3  . XYP B 2 .   ? -5.331  -10.485 -12.250 1.00 27.86 ? 1    XYP A O3  1 
HETATM 940  O  O4  . XYP B 2 .   ? -7.310  -12.422 -11.472 1.00 22.76 ? 1    XYP A O4  1 
HETATM 941  O  O5  . XYP B 2 .   ? -9.223  -9.382  -11.989 1.00 29.67 ? 1    XYP A O5  1 
HETATM 942  C  C1  . XYP B 2 .   ? -6.854  -12.822 -10.179 1.00 19.12 ? 2    XYP A C1  1 
HETATM 943  C  C2  . XYP B 2 .   ? -6.752  -14.318 -10.155 1.00 20.46 ? 2    XYP A C2  1 
HETATM 944  C  C3  . XYP B 2 .   ? -6.350  -14.763 -8.764  1.00 18.26 ? 2    XYP A C3  1 
HETATM 945  C  C4  . XYP B 2 .   ? -5.096  -14.022 -8.338  1.00 15.08 ? 2    XYP A C4  1 
HETATM 946  C  C5  . XYP B 2 .   ? -5.244  -12.537 -8.556  1.00 15.26 ? 2    XYP A C5  1 
HETATM 947  O  O2  . XYP B 2 .   ? -8.014  -14.886 -10.420 1.00 22.30 ? 2    XYP A O2  1 
HETATM 948  O  O3  . XYP B 2 .   ? -6.034  -16.135 -8.835  1.00 22.12 ? 2    XYP A O3  1 
HETATM 949  O  O4  . XYP B 2 .   ? -4.908  -14.239 -6.962  1.00 13.64 ? 2    XYP A O4  1 
HETATM 950  O  O5  . XYP B 2 .   ? -5.638  -12.279 -9.882  1.00 16.84 ? 2    XYP A O5  1 
HETATM 951  C  C1  . XYP B 2 .   ? -3.523  -14.238 -6.602  1.00 11.26 ? 3    XYP A C1  1 
HETATM 952  C  C2  . XYP B 2 .   ? -3.338  -13.422 -5.332  1.00 10.01 ? 3    XYP A C2  1 
HETATM 953  C  C3  . XYP B 2 .   ? -1.874  -13.412 -4.862  1.00 10.02 ? 3    XYP A C3  1 
HETATM 954  C  C4  . XYP B 2 .   ? -1.318  -14.810 -4.848  1.00 11.47 ? 3    XYP A C4  1 
HETATM 955  C  C5  . XYP B 2 .   ? -1.639  -15.497 -6.170  1.00 11.35 ? 3    XYP A C5  1 
HETATM 956  O  O2  . XYP B 2 .   ? -3.792  -12.094 -5.496  1.00 10.35 ? 3    XYP A O2  1 
HETATM 957  O  O3  . XYP B 2 .   ? -1.786  -12.800 -3.566  1.00 7.85  ? 3    XYP A O3  1 
HETATM 958  O  O4  . XYP B 2 .   ? 0.077   -14.758 -4.723  1.00 11.62 ? 3    XYP A O4  1 
HETATM 959  O  O5  . XYP B 2 .   ? -3.031  -15.487 -6.415  1.00 13.07 ? 3    XYP A O5  1 
HETATM 960  C  C1  . XYP B 2 .   ? 0.647   -15.751 -3.892  1.00 13.11 ? 4    XYP A C1  1 
HETATM 961  C  C2  . XYP B 2 .   ? 1.692   -16.521 -4.677  1.00 15.92 ? 4    XYP A C2  1 
HETATM 962  C  C3  . XYP B 2 .   ? 2.321   -17.557 -3.755  1.00 16.51 ? 4    XYP A C3  1 
HETATM 963  C  C4  . XYP B 2 .   ? 2.916   -16.828 -2.570  1.00 15.96 ? 4    XYP A C4  1 
HETATM 964  C  C5  . XYP B 2 .   ? 1.855   -15.972 -1.902  1.00 16.63 ? 4    XYP A C5  1 
HETATM 965  O  O2  . XYP B 2 .   ? 1.079   -17.211 -5.750  1.00 18.36 ? 4    XYP A O2  1 
HETATM 966  O  O3  . XYP B 2 .   ? 3.319   -18.283 -4.457  1.00 17.92 ? 4    XYP A O3  1 
HETATM 967  O  O4  . XYP B 2 .   ? 3.400   -17.750 -1.627  1.00 18.47 ? 4    XYP A O4  1 
HETATM 968  O  O5  . XYP B 2 .   ? 1.260   -15.123 -2.865  1.00 14.48 ? 4    XYP A O5  1 
HETATM 969  C  C1  . XYP B 2 .   ? 4.720   -17.401 -1.210  1.00 22.77 ? 5    XYP A C1  1 
HETATM 970  C  C2  . XYP B 2 .   ? 4.899   -17.992 0.168   1.00 24.75 ? 5    XYP A C2  1 
HETATM 971  C  C3  . XYP B 2 .   ? 6.348   -17.920 0.635   1.00 28.33 ? 5    XYP A C3  1 
HETATM 972  C  C4  . XYP B 2 .   ? 7.296   -18.382 -0.479  1.00 27.54 ? 5    XYP A C4  1 
HETATM 973  C  C5  . XYP B 2 .   ? 6.970   -17.662 -1.791  1.00 26.06 ? 5    XYP A C5  1 
HETATM 974  O  O2  . XYP B 2 .   ? 4.028   -17.322 1.060   1.00 24.91 ? 5    XYP A O2  1 
HETATM 975  O  O3  . XYP B 2 .   ? 6.489   -18.736 1.785   1.00 29.64 ? 5    XYP A O3  1 
HETATM 976  O  O4  . XYP B 2 .   ? 8.643   -18.127 -0.138  1.00 30.00 ? 5    XYP A O4  1 
HETATM 977  O  O5  . XYP B 2 .   ? 5.607   -17.872 -2.122  1.00 23.48 ? 5    XYP A O5  1 
HETATM 978  CA CA  . CA  C 3 .   ? 6.733   -6.858  4.975   1.00 11.10 ? 1130 CA  X CA  1 
HETATM 979  O  O   . HOH D 4 .   ? 12.826  -1.058  3.394   1.00 12.67 ? 2001 HOH X O   1 
HETATM 980  O  O   . HOH D 4 .   ? 5.506   1.880   11.274  1.00 35.38 ? 2002 HOH X O   1 
HETATM 981  O  O   . HOH D 4 .   ? 8.048   6.686   7.850   1.00 34.04 ? 2003 HOH X O   1 
HETATM 982  O  O   . HOH D 4 .   ? 10.077  3.759   10.005  1.00 35.00 ? 2004 HOH X O   1 
HETATM 983  O  O   . HOH D 4 .   ? 10.960  -5.050  5.618   1.00 16.76 ? 2005 HOH X O   1 
HETATM 984  O  O   . HOH D 4 .   ? -8.365  -11.255 8.482   1.00 31.55 ? 2006 HOH X O   1 
HETATM 985  O  O   . HOH D 4 .   ? 6.653   -8.263  9.784   1.00 33.56 ? 2007 HOH X O   1 
HETATM 986  O  O   . HOH D 4 .   ? 5.649   -7.225  14.095  1.00 18.94 ? 2008 HOH X O   1 
HETATM 987  O  O   . HOH D 4 .   ? 0.876   -0.957  12.946  1.00 29.83 ? 2009 HOH X O   1 
HETATM 988  O  O   . HOH D 4 .   ? 2.606   -0.615  11.450  1.00 37.45 ? 2010 HOH X O   1 
HETATM 989  O  O   . HOH D 4 .   ? 3.826   -2.585  14.118  1.00 42.00 ? 2011 HOH X O   1 
HETATM 990  O  O   . HOH D 4 .   ? 5.072   -1.315  10.406  1.00 17.57 ? 2012 HOH X O   1 
HETATM 991  O  O   . HOH D 4 .   ? -7.060  -9.628  10.348  1.00 24.36 ? 2013 HOH X O   1 
HETATM 992  O  O   . HOH D 4 .   ? -3.201  -5.752  13.895  1.00 25.47 ? 2014 HOH X O   1 
HETATM 993  O  O   . HOH D 4 .   ? -3.584  -10.913 7.268   1.00 17.43 ? 2015 HOH X O   1 
HETATM 994  O  O   . HOH D 4 .   ? 0.311   1.870   13.114  1.00 36.12 ? 2016 HOH X O   1 
HETATM 995  O  O   . HOH D 4 .   ? -12.730 -7.225  7.437   1.00 35.34 ? 2017 HOH X O   1 
HETATM 996  O  O   . HOH D 4 .   ? -9.709  -10.819 6.072   1.00 38.11 ? 2018 HOH X O   1 
HETATM 997  O  O   . HOH D 4 .   ? -8.610  -10.849 -7.506  1.00 33.12 ? 2019 HOH X O   1 
HETATM 998  O  O   . HOH D 4 .   ? -15.898 -12.528 -0.335  1.00 24.26 ? 2020 HOH X O   1 
HETATM 999  O  O   . HOH D 4 .   ? -5.752  -12.708 6.978   1.00 21.08 ? 2021 HOH X O   1 
HETATM 1000 O  O   . HOH D 4 .   ? -2.659  -18.244 3.816   1.00 25.06 ? 2022 HOH X O   1 
HETATM 1001 O  O   . HOH D 4 .   ? 0.168   -10.378 9.668   1.00 11.44 ? 2023 HOH X O   1 
HETATM 1002 O  O   . HOH D 4 .   ? -1.513  -16.812 5.978   1.00 25.12 ? 2024 HOH X O   1 
HETATM 1003 O  O   . HOH D 4 .   ? 8.956   -17.111 2.743   1.00 37.26 ? 2025 HOH X O   1 
HETATM 1004 O  O   . HOH D 4 .   ? 11.338  -15.978 -5.699  1.00 29.80 ? 2026 HOH X O   1 
HETATM 1005 O  O   . HOH D 4 .   ? 12.305  -12.251 -3.791  1.00 28.55 ? 2027 HOH X O   1 
HETATM 1006 O  O   . HOH D 4 .   ? -0.359  -19.042 -0.625  1.00 32.27 ? 2028 HOH X O   1 
HETATM 1007 O  O   . HOH D 4 .   ? 5.399   3.206   -10.870 1.00 34.03 ? 2029 HOH X O   1 
HETATM 1008 O  O   . HOH D 4 .   ? -13.942 -9.594  -2.092  1.00 25.19 ? 2030 HOH X O   1 
HETATM 1009 O  O   . HOH D 4 .   ? -8.345  -13.592 -3.664  1.00 25.71 ? 2031 HOH X O   1 
HETATM 1010 O  O   . HOH D 4 .   ? -12.058 -2.065  -9.070  1.00 34.71 ? 2032 HOH X O   1 
HETATM 1011 O  O   . HOH D 4 .   ? -10.384 -8.278  -7.551  1.00 21.48 ? 2033 HOH X O   1 
HETATM 1012 O  O   . HOH D 4 .   ? -3.343  -16.900 -13.087 1.00 33.16 ? 2034 HOH X O   1 
HETATM 1013 O  O   . HOH D 4 .   ? -14.106 -0.217  -0.147  1.00 31.16 ? 2035 HOH X O   1 
HETATM 1014 O  O   . HOH D 4 .   ? -13.720 -5.586  -0.824  1.00 27.93 ? 2036 HOH X O   1 
HETATM 1015 O  O   . HOH D 4 .   ? -12.074 -9.443  -0.127  1.00 12.79 ? 2037 HOH X O   1 
HETATM 1016 O  O   . HOH D 4 .   ? -7.876  0.526   13.196  1.00 40.19 ? 2038 HOH X O   1 
HETATM 1017 O  O   . HOH D 4 .   ? 6.228   12.280  15.126  1.00 40.86 ? 2039 HOH X O   1 
HETATM 1018 O  O   . HOH D 4 .   ? 10.388  14.036  10.921  1.00 34.80 ? 2040 HOH X O   1 
HETATM 1019 O  O   . HOH D 4 .   ? 5.328   15.859  7.836   1.00 47.92 ? 2041 HOH X O   1 
HETATM 1020 O  O   . HOH D 4 .   ? 9.307   18.108  6.278   1.00 38.90 ? 2042 HOH X O   1 
HETATM 1021 O  O   . HOH D 4 .   ? 7.006   14.242  -5.127  1.00 30.16 ? 2043 HOH X O   1 
HETATM 1022 O  O   . HOH D 4 .   ? 15.224  1.384   -3.471  1.00 34.04 ? 2044 HOH X O   1 
HETATM 1023 O  O   . HOH D 4 .   ? -1.273  -5.513  -9.482  1.00 26.62 ? 2045 HOH X O   1 
HETATM 1024 O  O   . HOH D 4 .   ? -0.469  -6.056  -15.800 1.00 17.10 ? 2046 HOH X O   1 
HETATM 1025 O  O   . HOH D 4 .   ? -3.931  -13.202 -18.767 1.00 33.72 ? 2047 HOH X O   1 
HETATM 1026 O  O   . HOH D 4 .   ? -5.237  -8.376  -19.797 1.00 12.09 ? 2048 HOH X O   1 
HETATM 1027 O  O   . HOH D 4 .   ? -8.187  -10.967 -16.303 1.00 29.76 ? 2049 HOH X O   1 
HETATM 1028 O  O   . HOH D 4 .   ? -8.306  -3.280  -13.758 1.00 36.87 ? 2050 HOH X O   1 
HETATM 1029 O  O   . HOH D 4 .   ? -5.634  -5.713  -11.147 1.00 14.52 ? 2051 HOH X O   1 
HETATM 1030 O  O   . HOH D 4 .   ? -9.122  2.925   -7.927  1.00 36.77 ? 2052 HOH X O   1 
HETATM 1031 O  O   . HOH D 4 .   ? -7.292  5.384   -9.630  1.00 35.53 ? 2053 HOH X O   1 
HETATM 1032 O  O   . HOH D 4 .   ? -15.059 10.448  5.734   1.00 11.58 ? 2054 HOH X O   1 
HETATM 1033 O  O   . HOH D 4 .   ? -12.054 11.416  6.728   1.00 12.45 ? 2055 HOH X O   1 
HETATM 1034 O  O   . HOH D 4 .   ? -15.736 6.365   4.352   1.00 37.67 ? 2056 HOH X O   1 
HETATM 1035 O  O   . HOH D 4 .   ? -16.026 11.001  3.119   1.00 27.05 ? 2057 HOH X O   1 
HETATM 1036 O  O   . HOH D 4 .   ? -9.062  17.196  0.954   1.00 27.66 ? 2058 HOH X O   1 
HETATM 1037 O  O   . HOH D 4 .   ? -9.841  13.992  -1.868  1.00 24.10 ? 2059 HOH X O   1 
HETATM 1038 O  O   . HOH D 4 .   ? -4.818  12.795  -5.417  1.00 34.64 ? 2060 HOH X O   1 
HETATM 1039 O  O   . HOH D 4 .   ? -1.546  13.625  -5.747  1.00 37.81 ? 2061 HOH X O   1 
HETATM 1040 O  O   . HOH D 4 .   ? -7.160  7.519   -7.801  1.00 28.49 ? 2062 HOH X O   1 
HETATM 1041 O  O   . HOH D 4 .   ? -4.441  10.376  -6.790  1.00 23.72 ? 2063 HOH X O   1 
HETATM 1042 O  O   . HOH D 4 .   ? 3.896   1.052   -10.597 1.00 28.03 ? 2064 HOH X O   1 
HETATM 1043 O  O   . HOH D 4 .   ? -1.948  6.484   -10.589 1.00 27.45 ? 2065 HOH X O   1 
HETATM 1044 O  O   . HOH D 4 .   ? 1.515   5.356   -10.136 1.00 22.10 ? 2066 HOH X O   1 
HETATM 1045 O  O   . HOH D 4 .   ? -1.138  -5.427  -11.754 1.00 18.86 ? 2067 HOH X O   1 
HETATM 1046 O  O   . HOH D 4 .   ? 6.976   -6.778  -16.247 1.00 31.26 ? 2068 HOH X O   1 
HETATM 1047 O  O   . HOH D 4 .   ? 5.553   -3.262  -12.996 1.00 37.81 ? 2069 HOH X O   1 
HETATM 1048 O  O   . HOH D 4 .   ? 3.915   -4.609  -16.608 1.00 18.89 ? 2070 HOH X O   1 
HETATM 1049 O  O   . HOH D 4 .   ? 10.195  -8.105  -11.473 1.00 29.57 ? 2071 HOH X O   1 
HETATM 1050 O  O   . HOH D 4 .   ? 6.024   -13.703 -16.239 1.00 25.94 ? 2072 HOH X O   1 
HETATM 1051 O  O   . HOH D 4 .   ? -2.520  -15.230 -11.741 1.00 24.05 ? 2073 HOH X O   1 
HETATM 1052 O  O   . HOH D 4 .   ? 9.903   -13.196 -3.610  1.00 21.95 ? 2074 HOH X O   1 
HETATM 1053 O  O   . HOH D 4 .   ? 5.175   -13.393 -2.204  1.00 13.71 ? 2075 HOH X O   1 
HETATM 1054 O  O   . HOH D 4 .   ? 11.371  -13.761 -7.180  1.00 26.57 ? 2076 HOH X O   1 
HETATM 1055 O  O   . HOH D 4 .   ? 12.183  -11.292 -9.131  1.00 30.78 ? 2077 HOH X O   1 
HETATM 1056 O  O   . HOH D 4 .   ? 13.761  -5.354  -5.858  1.00 42.68 ? 2078 HOH X O   1 
HETATM 1057 O  O   . HOH D 4 .   ? 11.679  -10.626 -5.845  1.00 16.94 ? 2079 HOH X O   1 
HETATM 1058 O  O   . HOH D 4 .   ? 11.635  -8.554  -9.468  1.00 32.45 ? 2080 HOH X O   1 
HETATM 1059 O  O   . HOH D 4 .   ? 12.927  -2.368  -7.766  1.00 21.88 ? 2081 HOH X O   1 
HETATM 1060 O  O   . HOH D 4 .   ? 15.504  -2.478  -1.189  1.00 18.02 ? 2082 HOH X O   1 
HETATM 1061 O  O   . HOH D 4 .   ? 13.072  -4.598  -3.582  1.00 26.38 ? 2083 HOH X O   1 
HETATM 1062 O  O   . HOH D 4 .   ? 7.869   3.627   -9.986  1.00 33.31 ? 2084 HOH X O   1 
HETATM 1063 O  O   . HOH D 4 .   ? 10.721  3.292   -7.426  1.00 27.96 ? 2085 HOH X O   1 
HETATM 1064 O  O   . HOH D 4 .   ? -0.287  10.011  -6.830  1.00 25.92 ? 2086 HOH X O   1 
HETATM 1065 O  O   . HOH D 4 .   ? 3.504   10.230  -9.577  1.00 35.66 ? 2087 HOH X O   1 
HETATM 1066 O  O   . HOH D 4 .   ? 3.698   16.439  -4.121  1.00 35.89 ? 2088 HOH X O   1 
HETATM 1067 O  O   . HOH D 4 .   ? -4.658  15.748  -1.283  1.00 35.53 ? 2089 HOH X O   1 
HETATM 1068 O  O   . HOH D 4 .   ? 1.422   19.395  -2.189  1.00 37.29 ? 2090 HOH X O   1 
HETATM 1069 O  O   . HOH D 4 .   ? 1.136   19.457  5.829   1.00 39.06 ? 2091 HOH X O   1 
HETATM 1070 O  O   . HOH D 4 .   ? 3.359   16.443  11.858  1.00 36.85 ? 2092 HOH X O   1 
HETATM 1071 O  O   . HOH D 4 .   ? -2.923  16.073  12.842  1.00 35.11 ? 2093 HOH X O   1 
HETATM 1072 O  O   . HOH D 4 .   ? -0.233  16.382  13.762  1.00 35.48 ? 2094 HOH X O   1 
HETATM 1073 O  O   . HOH D 4 .   ? -10.194 6.499   10.861  1.00 25.42 ? 2095 HOH X O   1 
HETATM 1074 O  O   . HOH D 4 .   ? -8.401  2.001   -5.516  1.00 21.07 ? 2096 HOH X O   1 
HETATM 1075 O  O   . HOH D 4 .   ? -7.988  -2.433  -10.917 1.00 23.79 ? 2097 HOH X O   1 
HETATM 1076 O  O   . HOH D 4 .   ? -3.267  -9.749  -3.965  1.00 6.94  ? 2098 HOH X O   1 
HETATM 1077 O  O   . HOH D 4 .   ? 10.731  -7.162  3.746   1.00 21.06 ? 2099 HOH X O   1 
HETATM 1078 O  O   . HOH D 4 .   ? 8.793   -8.114  5.554   1.00 13.95 ? 2100 HOH X O   1 
HETATM 1079 O  O   . HOH D 4 .   ? 8.797   7.500   -0.793  1.00 27.84 ? 2101 HOH X O   1 
HETATM 1080 O  O   . HOH D 4 .   ? 11.750  11.314  -7.384  1.00 32.10 ? 2102 HOH X O   1 
HETATM 1081 O  O   . HOH D 4 .   ? -4.218  -13.272 -13.238 1.00 38.26 ? 2103 HOH X O   1 
HETATM 1082 O  O   . HOH D 4 .   ? -6.927  -15.579 -5.357  1.00 39.65 ? 2104 HOH X O   1 
HETATM 1083 O  O   . HOH D 4 .   ? -6.464  -11.732 -5.059  1.00 13.25 ? 2105 HOH X O   1 
HETATM 1084 O  O   . HOH D 4 .   ? -5.133  -17.342 -6.277  1.00 24.03 ? 2106 HOH X O   1 
HETATM 1085 O  O   . HOH D 4 .   ? 2.656   -17.649 -8.151  1.00 22.35 ? 2107 HOH X O   1 
HETATM 1086 O  O   . HOH D 4 .   ? 0.322   -19.703 -5.298  1.00 34.83 ? 2108 HOH X O   1 
# 
loop_
_pdbx_poly_seq_scheme.asym_id 
_pdbx_poly_seq_scheme.entity_id 
_pdbx_poly_seq_scheme.seq_id 
_pdbx_poly_seq_scheme.mon_id 
_pdbx_poly_seq_scheme.ndb_seq_num 
_pdbx_poly_seq_scheme.pdb_seq_num 
_pdbx_poly_seq_scheme.auth_seq_num 
_pdbx_poly_seq_scheme.pdb_mon_id 
_pdbx_poly_seq_scheme.auth_mon_id 
_pdbx_poly_seq_scheme.pdb_strand_id 
_pdbx_poly_seq_scheme.pdb_ins_code 
_pdbx_poly_seq_scheme.hetero 
A 1 1   ARG 1   1   ?   ?   ?   X . n 
A 1 2   SER 2   2   ?   ?   ?   X . n 
A 1 3   ALA 3   3   ?   ?   ?   X . n 
A 1 4   PHE 4   4   ?   ?   ?   X . n 
A 1 5   SER 5   5   ?   ?   ?   X . n 
A 1 6   LYS 6   6   6   LYS LYS X . n 
A 1 7   ILE 7   7   7   ILE ILE X . n 
A 1 8   GLU 8   8   8   GLU GLU X . n 
A 1 9   SER 9   9   9   SER SER X . n 
A 1 10  GLU 10  10  10  GLU GLU X . n 
A 1 11  GLU 11  11  11  GLU GLU X . n 
A 1 12  TYR 12  12  12  TYR TYR X . n 
A 1 13  ASN 13  13  13  ASN ASN X . n 
A 1 14  SER 14  14  14  SER SER X . n 
A 1 15  LEU 15  15  15  LEU LEU X . n 
A 1 16  LYS 16  16  16  LYS LYS X . n 
A 1 17  SER 17  17  17  SER SER X . n 
A 1 18  SER 18  18  18  SER SER X . n 
A 1 19  THR 19  19  19  THR THR X . n 
A 1 20  ILE 20  20  20  ILE ILE X . n 
A 1 21  GLN 21  21  21  GLN GLN X . n 
A 1 22  THR 22  22  22  THR THR X . n 
A 1 23  ILE 23  23  23  ILE ILE X . n 
A 1 24  GLY 24  24  24  GLY GLY X . n 
A 1 25  THR 25  25  25  THR THR X . n 
A 1 26  SER 26  26  26  SER SER X . n 
A 1 27  ASP 27  27  27  ASP ASP X . n 
A 1 28  GLY 28  28  28  GLY GLY X . n 
A 1 29  GLY 29  29  29  GLY GLY X . n 
A 1 30  SER 30  30  30  SER SER X . n 
A 1 31  GLY 31  31  31  GLY GLY X . n 
A 1 32  ILE 32  32  32  ILE ILE X . n 
A 1 33  GLY 33  33  33  GLY GLY X . n 
A 1 34  TYR 34  34  34  TYR TYR X . n 
A 1 35  ILE 35  35  35  ILE ILE X . n 
A 1 36  GLU 36  36  36  GLU GLU X . n 
A 1 37  SER 37  37  37  SER SER X . n 
A 1 38  GLY 38  38  38  GLY GLY X . n 
A 1 39  ASP 39  39  39  ASP ASP X . n 
A 1 40  TYR 40  40  40  TYR TYR X . n 
A 1 41  LEU 41  41  41  LEU LEU X . n 
A 1 42  VAL 42  42  42  VAL VAL X . n 
A 1 43  PHE 43  43  43  PHE PHE X . n 
A 1 44  ASN 44  44  44  ASN ASN X . n 
A 1 45  LYS 45  45  45  LYS LYS X . n 
A 1 46  ILE 46  46  46  ILE ILE X . n 
A 1 47  ASN 47  47  47  ASN ASN X . n 
A 1 48  PHE 48  48  48  PHE PHE X . n 
A 1 49  GLY 49  49  49  GLY GLY X . n 
A 1 50  ASN 50  50  50  ASN ASN X . n 
A 1 51  GLY 51  51  51  GLY GLY X . n 
A 1 52  ALA 52  52  52  ALA ALA X . n 
A 1 53  ASN 53  53  53  ASN ASN X . n 
A 1 54  SER 54  54  54  SER SER X . n 
A 1 55  PHE 55  55  55  PHE PHE X . n 
A 1 56  LYS 56  56  56  LYS LYS X . n 
A 1 57  ALA 57  57  57  ALA ALA X . n 
A 1 58  ARG 58  58  58  ARG ARG X . n 
A 1 59  VAL 59  59  59  VAL VAL X . n 
A 1 60  ALA 60  60  60  ALA ALA X . n 
A 1 61  SER 61  61  61  SER SER X . n 
A 1 62  GLY 62  62  62  GLY GLY X . n 
A 1 63  ALA 63  63  63  ALA ALA X . n 
A 1 64  ASP 64  64  64  ASP ASP X . n 
A 1 65  THR 65  65  65  THR THR X . n 
A 1 66  PRO 66  66  66  PRO PRO X . n 
A 1 67  THR 67  67  67  THR THR X . n 
A 1 68  ASN 68  68  68  ASN ASN X . n 
A 1 69  ILE 69  69  69  ILE ILE X . n 
A 1 70  GLN 70  70  70  GLN GLN X . n 
A 1 71  LEU 71  71  71  LEU LEU X . n 
A 1 72  ARG 72  72  72  ARG ARG X . n 
A 1 73  LEU 73  73  73  LEU LEU X . n 
A 1 74  GLY 74  74  74  GLY GLY X . n 
A 1 75  SER 75  75  75  SER SER X . n 
A 1 76  PRO 76  76  76  PRO PRO X . n 
A 1 77  THR 77  77  77  THR THR X . n 
A 1 78  GLY 78  78  78  GLY GLY X . n 
A 1 79  THR 79  79  79  THR THR X . n 
A 1 80  LEU 80  80  80  LEU LEU X . n 
A 1 81  ILE 81  81  81  ILE ILE X . n 
A 1 82  GLY 82  82  82  GLY GLY X . n 
A 1 83  THR 83  83  83  THR THR X . n 
A 1 84  LEU 84  84  84  LEU LEU X . n 
A 1 85  THR 85  85  85  THR THR X . n 
A 1 86  VAL 86  86  86  VAL VAL X . n 
A 1 87  ALA 87  87  87  ALA ALA X . n 
A 1 88  SER 88  88  88  SER SER X . n 
A 1 89  THR 89  89  89  THR THR X . n 
A 1 90  GLY 90  90  90  GLY GLY X . n 
A 1 91  GLY 91  91  91  GLY GLY X . n 
A 1 92  TRP 92  92  92  TRP TRP X . n 
A 1 93  ASN 93  93  93  ASN ASN X . n 
A 1 94  ASN 94  94  94  ASN ASN X . n 
A 1 95  TYR 95  95  95  TYR TYR X . n 
A 1 96  GLU 96  96  96  GLU GLU X . n 
A 1 97  GLU 97  97  97  GLU GLU X . n 
A 1 98  LYS 98  98  98  LYS LYS X . n 
A 1 99  SER 99  99  99  SER SER X . n 
A 1 100 CYS 100 100 100 CYS CYS X . n 
A 1 101 SER 101 101 101 SER SER X . n 
A 1 102 ILE 102 102 102 ILE ILE X . n 
A 1 103 THR 103 103 103 THR THR X . n 
A 1 104 ASN 104 104 104 ASN ASN X . n 
A 1 105 THR 105 105 105 THR THR X . n 
A 1 106 THR 106 106 106 THR THR X . n 
A 1 107 GLY 107 107 107 GLY GLY X . n 
A 1 108 GLN 108 108 108 GLN GLN X . n 
A 1 109 HIS 109 109 109 HIS HIS X . n 
A 1 110 ASP 110 110 110 ASP ASP X . n 
A 1 111 LEU 111 111 111 LEU LEU X . n 
A 1 112 TYR 112 112 112 TYR TYR X . n 
A 1 113 LEU 113 113 113 LEU LEU X . n 
A 1 114 VAL 114 114 114 VAL VAL X . n 
A 1 115 PHE 115 115 115 PHE PHE X . n 
A 1 116 SER 116 116 116 SER SER X . n 
A 1 117 GLY 117 117 117 GLY GLY X . n 
A 1 118 PRO 118 118 118 PRO PRO X . n 
A 1 119 VAL 119 119 119 VAL VAL X . n 
A 1 120 ASN 120 120 120 ASN ASN X . n 
A 1 121 ILE 121 121 121 ILE ILE X . n 
A 1 122 ASP 122 122 122 ASP ASP X . n 
A 1 123 TYR 123 123 123 TYR TYR X . n 
A 1 124 PHE 124 124 124 PHE PHE X . n 
A 1 125 ILE 125 125 125 ILE ILE X . n 
A 1 126 PHE 126 126 126 PHE PHE X . n 
A 1 127 ASP 127 127 127 ASP ASP X . n 
A 1 128 SER 128 128 128 SER SER X . n 
A 1 129 ASN 129 129 129 ASN ASN X . n 
A 1 130 GLY 130 130 130 GLY GLY X . n 
A 1 131 VAL 131 131 ?   ?   ?   X . n 
A 1 132 ASN 132 132 ?   ?   ?   X . n 
A 1 133 PRO 133 133 ?   ?   ?   X . n 
# 
loop_
_pdbx_nonpoly_scheme.asym_id 
_pdbx_nonpoly_scheme.entity_id 
_pdbx_nonpoly_scheme.mon_id 
_pdbx_nonpoly_scheme.ndb_seq_num 
_pdbx_nonpoly_scheme.pdb_seq_num 
_pdbx_nonpoly_scheme.auth_seq_num 
_pdbx_nonpoly_scheme.pdb_mon_id 
_pdbx_nonpoly_scheme.auth_mon_id 
_pdbx_nonpoly_scheme.pdb_strand_id 
_pdbx_nonpoly_scheme.pdb_ins_code 
C 3 CA  1   1130 1130 CA  CA  X . 
D 4 HOH 1   2001 2001 HOH HOH X . 
D 4 HOH 2   2002 2002 HOH HOH X . 
D 4 HOH 3   2003 2003 HOH HOH X . 
D 4 HOH 4   2004 2004 HOH HOH X . 
D 4 HOH 5   2005 2005 HOH HOH X . 
D 4 HOH 6   2006 2006 HOH HOH X . 
D 4 HOH 7   2007 2007 HOH HOH X . 
D 4 HOH 8   2008 2008 HOH HOH X . 
D 4 HOH 9   2009 2009 HOH HOH X . 
D 4 HOH 10  2010 2010 HOH HOH X . 
D 4 HOH 11  2011 2011 HOH HOH X . 
D 4 HOH 12  2012 2012 HOH HOH X . 
D 4 HOH 13  2013 2013 HOH HOH X . 
D 4 HOH 14  2014 2014 HOH HOH X . 
D 4 HOH 15  2015 2015 HOH HOH X . 
D 4 HOH 16  2016 2016 HOH HOH X . 
D 4 HOH 17  2017 2017 HOH HOH X . 
D 4 HOH 18  2018 2018 HOH HOH X . 
D 4 HOH 19  2019 2019 HOH HOH X . 
D 4 HOH 20  2020 2020 HOH HOH X . 
D 4 HOH 21  2021 2021 HOH HOH X . 
D 4 HOH 22  2022 2022 HOH HOH X . 
D 4 HOH 23  2023 2023 HOH HOH X . 
D 4 HOH 24  2024 2024 HOH HOH X . 
D 4 HOH 25  2025 2025 HOH HOH X . 
D 4 HOH 26  2026 2026 HOH HOH X . 
D 4 HOH 27  2027 2027 HOH HOH X . 
D 4 HOH 28  2028 2028 HOH HOH X . 
D 4 HOH 29  2029 2029 HOH HOH X . 
D 4 HOH 30  2030 2030 HOH HOH X . 
D 4 HOH 31  2031 2031 HOH HOH X . 
D 4 HOH 32  2032 2032 HOH HOH X . 
D 4 HOH 33  2033 2033 HOH HOH X . 
D 4 HOH 34  2034 2034 HOH HOH X . 
D 4 HOH 35  2035 2035 HOH HOH X . 
D 4 HOH 36  2036 2036 HOH HOH X . 
D 4 HOH 37  2037 2037 HOH HOH X . 
D 4 HOH 38  2038 2038 HOH HOH X . 
D 4 HOH 39  2039 2039 HOH HOH X . 
D 4 HOH 40  2040 2040 HOH HOH X . 
D 4 HOH 41  2041 2041 HOH HOH X . 
D 4 HOH 42  2042 2042 HOH HOH X . 
D 4 HOH 43  2043 2043 HOH HOH X . 
D 4 HOH 44  2044 2044 HOH HOH X . 
D 4 HOH 45  2045 2045 HOH HOH X . 
D 4 HOH 46  2046 2046 HOH HOH X . 
D 4 HOH 47  2047 2047 HOH HOH X . 
D 4 HOH 48  2048 2048 HOH HOH X . 
D 4 HOH 49  2049 2049 HOH HOH X . 
D 4 HOH 50  2050 2050 HOH HOH X . 
D 4 HOH 51  2051 2051 HOH HOH X . 
D 4 HOH 52  2052 2052 HOH HOH X . 
D 4 HOH 53  2053 2053 HOH HOH X . 
D 4 HOH 54  2054 2054 HOH HOH X . 
D 4 HOH 55  2055 2055 HOH HOH X . 
D 4 HOH 56  2056 2056 HOH HOH X . 
D 4 HOH 57  2057 2057 HOH HOH X . 
D 4 HOH 58  2058 2058 HOH HOH X . 
D 4 HOH 59  2059 2059 HOH HOH X . 
D 4 HOH 60  2060 2060 HOH HOH X . 
D 4 HOH 61  2061 2061 HOH HOH X . 
D 4 HOH 62  2062 2062 HOH HOH X . 
D 4 HOH 63  2063 2063 HOH HOH X . 
D 4 HOH 64  2064 2064 HOH HOH X . 
D 4 HOH 65  2065 2065 HOH HOH X . 
D 4 HOH 66  2066 2066 HOH HOH X . 
D 4 HOH 67  2067 2067 HOH HOH X . 
D 4 HOH 68  2068 2068 HOH HOH X . 
D 4 HOH 69  2069 2069 HOH HOH X . 
D 4 HOH 70  2070 2070 HOH HOH X . 
D 4 HOH 71  2071 2071 HOH HOH X . 
D 4 HOH 72  2072 2072 HOH HOH X . 
D 4 HOH 73  2073 2073 HOH HOH X . 
D 4 HOH 74  2074 2074 HOH HOH X . 
D 4 HOH 75  2075 2075 HOH HOH X . 
D 4 HOH 76  2076 2076 HOH HOH X . 
D 4 HOH 77  2077 2077 HOH HOH X . 
D 4 HOH 78  2078 2078 HOH HOH X . 
D 4 HOH 79  2079 2079 HOH HOH X . 
D 4 HOH 80  2080 2080 HOH HOH X . 
D 4 HOH 81  2081 2081 HOH HOH X . 
D 4 HOH 82  2082 2082 HOH HOH X . 
D 4 HOH 83  2083 2083 HOH HOH X . 
D 4 HOH 84  2084 2084 HOH HOH X . 
D 4 HOH 85  2085 2085 HOH HOH X . 
D 4 HOH 86  2086 2086 HOH HOH X . 
D 4 HOH 87  2087 2087 HOH HOH X . 
D 4 HOH 88  2088 2088 HOH HOH X . 
D 4 HOH 89  2089 2089 HOH HOH X . 
D 4 HOH 90  2090 2090 HOH HOH X . 
D 4 HOH 91  2091 2091 HOH HOH X . 
D 4 HOH 92  2092 2092 HOH HOH X . 
D 4 HOH 93  2093 2093 HOH HOH X . 
D 4 HOH 94  2094 2094 HOH HOH X . 
D 4 HOH 95  2095 2095 HOH HOH X . 
D 4 HOH 96  2096 2096 HOH HOH X . 
D 4 HOH 97  2097 2097 HOH HOH X . 
D 4 HOH 98  2098 2098 HOH HOH X . 
D 4 HOH 99  2099 2099 HOH HOH X . 
D 4 HOH 100 2100 2100 HOH HOH X . 
D 4 HOH 101 2101 2101 HOH HOH X . 
D 4 HOH 102 2102 2102 HOH HOH X . 
D 4 HOH 103 2103 2103 HOH HOH X . 
D 4 HOH 104 2104 2104 HOH HOH X . 
D 4 HOH 105 2105 2105 HOH HOH X . 
D 4 HOH 106 2106 2106 HOH HOH X . 
D 4 HOH 107 2107 2107 HOH HOH X . 
D 4 HOH 108 2108 2108 HOH HOH X . 
# 
_pdbx_struct_assembly.id                   1 
_pdbx_struct_assembly.details              author_and_software_defined_assembly 
_pdbx_struct_assembly.method_details       PQS 
_pdbx_struct_assembly.oligomeric_details   monomeric 
_pdbx_struct_assembly.oligomeric_count     1 
# 
_pdbx_struct_assembly_gen.assembly_id       1 
_pdbx_struct_assembly_gen.oper_expression   1 
_pdbx_struct_assembly_gen.asym_id_list      A,B,C,D 
# 
_pdbx_struct_oper_list.id                   1 
_pdbx_struct_oper_list.type                 'identity operation' 
_pdbx_struct_oper_list.name                 1_555 
_pdbx_struct_oper_list.symmetry_operation   x,y,z 
_pdbx_struct_oper_list.matrix[1][1]         1.0000000000 
_pdbx_struct_oper_list.matrix[1][2]         0.0000000000 
_pdbx_struct_oper_list.matrix[1][3]         0.0000000000 
_pdbx_struct_oper_list.vector[1]            0.0000000000 
_pdbx_struct_oper_list.matrix[2][1]         0.0000000000 
_pdbx_struct_oper_list.matrix[2][2]         1.0000000000 
_pdbx_struct_oper_list.matrix[2][3]         0.0000000000 
_pdbx_struct_oper_list.vector[2]            0.0000000000 
_pdbx_struct_oper_list.matrix[3][1]         0.0000000000 
_pdbx_struct_oper_list.matrix[3][2]         0.0000000000 
_pdbx_struct_oper_list.matrix[3][3]         1.0000000000 
_pdbx_struct_oper_list.vector[3]            0.0000000000 
# 
loop_
_pdbx_struct_conn_angle.id 
_pdbx_struct_conn_angle.ptnr1_label_atom_id 
_pdbx_struct_conn_angle.ptnr1_label_alt_id 
_pdbx_struct_conn_angle.ptnr1_label_asym_id 
_pdbx_struct_conn_angle.ptnr1_label_comp_id 
_pdbx_struct_conn_angle.ptnr1_label_seq_id 
_pdbx_struct_conn_angle.ptnr1_auth_atom_id 
_pdbx_struct_conn_angle.ptnr1_auth_asym_id 
_pdbx_struct_conn_angle.ptnr1_auth_comp_id 
_pdbx_struct_conn_angle.ptnr1_auth_seq_id 
_pdbx_struct_conn_angle.ptnr1_PDB_ins_code 
_pdbx_struct_conn_angle.ptnr1_symmetry 
_pdbx_struct_conn_angle.ptnr2_label_atom_id 
_pdbx_struct_conn_angle.ptnr2_label_alt_id 
_pdbx_struct_conn_angle.ptnr2_label_asym_id 
_pdbx_struct_conn_angle.ptnr2_label_comp_id 
_pdbx_struct_conn_angle.ptnr2_label_seq_id 
_pdbx_struct_conn_angle.ptnr2_auth_atom_id 
_pdbx_struct_conn_angle.ptnr2_auth_asym_id 
_pdbx_struct_conn_angle.ptnr2_auth_comp_id 
_pdbx_struct_conn_angle.ptnr2_auth_seq_id 
_pdbx_struct_conn_angle.ptnr2_PDB_ins_code 
_pdbx_struct_conn_angle.ptnr2_symmetry 
_pdbx_struct_conn_angle.ptnr3_label_atom_id 
_pdbx_struct_conn_angle.ptnr3_label_alt_id 
_pdbx_struct_conn_angle.ptnr3_label_asym_id 
_pdbx_struct_conn_angle.ptnr3_label_comp_id 
_pdbx_struct_conn_angle.ptnr3_label_seq_id 
_pdbx_struct_conn_angle.ptnr3_auth_atom_id 
_pdbx_struct_conn_angle.ptnr3_auth_asym_id 
_pdbx_struct_conn_angle.ptnr3_auth_comp_id 
_pdbx_struct_conn_angle.ptnr3_auth_seq_id 
_pdbx_struct_conn_angle.ptnr3_PDB_ins_code 
_pdbx_struct_conn_angle.ptnr3_symmetry 
_pdbx_struct_conn_angle.value 
_pdbx_struct_conn_angle.value_esd 
1  OE1 ? A GLU 8   ? X GLU 8   ? 1_555 CA ? C CA . ? X CA 1130 ? 1_555 OE2 ? A GLU 10  ? X GLU 10   ? 1_555 87.6  ? 
2  OE1 ? A GLU 8   ? X GLU 8   ? 1_555 CA ? C CA . ? X CA 1130 ? 1_555 OE1 ? A GLU 10  ? X GLU 10   ? 1_555 101.7 ? 
3  OE2 ? A GLU 10  ? X GLU 10  ? 1_555 CA ? C CA . ? X CA 1130 ? 1_555 OE1 ? A GLU 10  ? X GLU 10   ? 1_555 51.0  ? 
4  OE1 ? A GLU 8   ? X GLU 8   ? 1_555 CA ? C CA . ? X CA 1130 ? 1_555 O   ? A SER 30  ? X SER 30   ? 1_555 166.3 ? 
5  OE2 ? A GLU 10  ? X GLU 10  ? 1_555 CA ? C CA . ? X CA 1130 ? 1_555 O   ? A SER 30  ? X SER 30   ? 1_555 83.5  ? 
6  OE1 ? A GLU 10  ? X GLU 10  ? 1_555 CA ? C CA . ? X CA 1130 ? 1_555 O   ? A SER 30  ? X SER 30   ? 1_555 80.8  ? 
7  OE1 ? A GLU 8   ? X GLU 8   ? 1_555 CA ? C CA . ? X CA 1130 ? 1_555 OD1 ? A ASP 122 ? X ASP 122  ? 1_555 102.8 ? 
8  OE2 ? A GLU 10  ? X GLU 10  ? 1_555 CA ? C CA . ? X CA 1130 ? 1_555 OD1 ? A ASP 122 ? X ASP 122  ? 1_555 153.3 ? 
9  OE1 ? A GLU 10  ? X GLU 10  ? 1_555 CA ? C CA . ? X CA 1130 ? 1_555 OD1 ? A ASP 122 ? X ASP 122  ? 1_555 145.6 ? 
10 O   ? A SER 30  ? X SER 30  ? 1_555 CA ? C CA . ? X CA 1130 ? 1_555 OD1 ? A ASP 122 ? X ASP 122  ? 1_555 81.2  ? 
11 OE1 ? A GLU 8   ? X GLU 8   ? 1_555 CA ? C CA . ? X CA 1130 ? 1_555 O   ? A ASP 122 ? X ASP 122  ? 1_555 89.1  ? 
12 OE2 ? A GLU 10  ? X GLU 10  ? 1_555 CA ? C CA . ? X CA 1130 ? 1_555 O   ? A ASP 122 ? X ASP 122  ? 1_555 129.9 ? 
13 OE1 ? A GLU 10  ? X GLU 10  ? 1_555 CA ? C CA . ? X CA 1130 ? 1_555 O   ? A ASP 122 ? X ASP 122  ? 1_555 81.1  ? 
14 O   ? A SER 30  ? X SER 30  ? 1_555 CA ? C CA . ? X CA 1130 ? 1_555 O   ? A ASP 122 ? X ASP 122  ? 1_555 104.6 ? 
15 OD1 ? A ASP 122 ? X ASP 122 ? 1_555 CA ? C CA . ? X CA 1130 ? 1_555 O   ? A ASP 122 ? X ASP 122  ? 1_555 75.4  ? 
16 OE1 ? A GLU 8   ? X GLU 8   ? 1_555 CA ? C CA . ? X CA 1130 ? 1_555 O   ? D HOH .   ? X HOH 2100 ? 1_555 87.2  ? 
17 OE2 ? A GLU 10  ? X GLU 10  ? 1_555 CA ? C CA . ? X CA 1130 ? 1_555 O   ? D HOH .   ? X HOH 2100 ? 1_555 77.5  ? 
18 OE1 ? A GLU 10  ? X GLU 10  ? 1_555 CA ? C CA . ? X CA 1130 ? 1_555 O   ? D HOH .   ? X HOH 2100 ? 1_555 126.7 ? 
19 O   ? A SER 30  ? X SER 30  ? 1_555 CA ? C CA . ? X CA 1130 ? 1_555 O   ? D HOH .   ? X HOH 2100 ? 1_555 80.6  ? 
20 OD1 ? A ASP 122 ? X ASP 122 ? 1_555 CA ? C CA . ? X CA 1130 ? 1_555 O   ? D HOH .   ? X HOH 2100 ? 1_555 78.5  ? 
21 O   ? A ASP 122 ? X ASP 122 ? 1_555 CA ? C CA . ? X CA 1130 ? 1_555 O   ? D HOH .   ? X HOH 2100 ? 1_555 152.1 ? 
# 
loop_
_pdbx_audit_revision_history.ordinal 
_pdbx_audit_revision_history.data_content_type 
_pdbx_audit_revision_history.major_revision 
_pdbx_audit_revision_history.minor_revision 
_pdbx_audit_revision_history.revision_date 
1 'Structure model' 1 0 2004-03-11 
2 'Structure model' 1 1 2011-05-07 
3 'Structure model' 1 2 2011-07-13 
4 'Structure model' 2 0 2020-07-29 
5 'Structure model' 2 1 2023-12-13 
# 
loop_
_pdbx_audit_revision_details.ordinal 
_pdbx_audit_revision_details.revision_ordinal 
_pdbx_audit_revision_details.data_content_type 
_pdbx_audit_revision_details.provider 
_pdbx_audit_revision_details.type 
_pdbx_audit_revision_details.description 
_pdbx_audit_revision_details.details 
1 1 'Structure model' repository 'Initial release' ?                          ? 
2 4 'Structure model' repository Remediation       'Carbohydrate remediation' ? 
# 
loop_
_pdbx_audit_revision_group.ordinal 
_pdbx_audit_revision_group.revision_ordinal 
_pdbx_audit_revision_group.data_content_type 
_pdbx_audit_revision_group.group 
1  2 'Structure model' 'Version format compliance' 
2  3 'Structure model' 'Version format compliance' 
3  4 'Structure model' 'Atomic model'              
4  4 'Structure model' 'Data collection'           
5  4 'Structure model' 'Derived calculations'      
6  4 'Structure model' Other                       
7  4 'Structure model' 'Structure summary'         
8  5 'Structure model' 'Data collection'           
9  5 'Structure model' 'Database references'       
10 5 'Structure model' 'Derived calculations'      
11 5 'Structure model' 'Refinement description'    
12 5 'Structure model' 'Structure summary'         
# 
loop_
_pdbx_audit_revision_category.ordinal 
_pdbx_audit_revision_category.revision_ordinal 
_pdbx_audit_revision_category.data_content_type 
_pdbx_audit_revision_category.category 
1  4 'Structure model' atom_site                     
2  4 'Structure model' chem_comp                     
3  4 'Structure model' entity                        
4  4 'Structure model' pdbx_branch_scheme            
5  4 'Structure model' pdbx_chem_comp_identifier     
6  4 'Structure model' pdbx_database_status          
7  4 'Structure model' pdbx_entity_branch            
8  4 'Structure model' pdbx_entity_branch_descriptor 
9  4 'Structure model' pdbx_entity_branch_link       
10 4 'Structure model' pdbx_entity_branch_list       
11 4 'Structure model' pdbx_entity_nonpoly           
12 4 'Structure model' pdbx_nonpoly_scheme           
13 4 'Structure model' pdbx_struct_assembly_gen      
14 4 'Structure model' pdbx_struct_conn_angle        
15 4 'Structure model' struct_asym                   
16 4 'Structure model' struct_conn                   
17 4 'Structure model' struct_conn_type              
18 4 'Structure model' struct_site                   
19 4 'Structure model' struct_site_gen               
20 5 'Structure model' chem_comp                     
21 5 'Structure model' chem_comp_atom                
22 5 'Structure model' chem_comp_bond                
23 5 'Structure model' database_2                    
24 5 'Structure model' pdbx_initial_refinement_model 
25 5 'Structure model' struct_conn                   
# 
loop_
_pdbx_audit_revision_item.ordinal 
_pdbx_audit_revision_item.revision_ordinal 
_pdbx_audit_revision_item.data_content_type 
_pdbx_audit_revision_item.item 
1  4 'Structure model' '_atom_site.B_iso_or_equiv'                   
2  4 'Structure model' '_atom_site.Cartn_x'                          
3  4 'Structure model' '_atom_site.Cartn_y'                          
4  4 'Structure model' '_atom_site.Cartn_z'                          
5  4 'Structure model' '_atom_site.auth_asym_id'                     
6  4 'Structure model' '_atom_site.auth_atom_id'                     
7  4 'Structure model' '_atom_site.auth_comp_id'                     
8  4 'Structure model' '_atom_site.auth_seq_id'                      
9  4 'Structure model' '_atom_site.label_asym_id'                    
10 4 'Structure model' '_atom_site.label_atom_id'                    
11 4 'Structure model' '_atom_site.label_comp_id'                    
12 4 'Structure model' '_atom_site.label_entity_id'                  
13 4 'Structure model' '_atom_site.type_symbol'                      
14 4 'Structure model' '_chem_comp.name'                             
15 4 'Structure model' '_chem_comp.type'                             
16 4 'Structure model' '_entity.formula_weight'                      
17 4 'Structure model' '_entity.pdbx_description'                    
18 4 'Structure model' '_entity.pdbx_number_of_molecules'            
19 4 'Structure model' '_entity.src_method'                          
20 4 'Structure model' '_entity.type'                                
21 4 'Structure model' '_pdbx_database_status.status_code_sf'        
22 4 'Structure model' '_pdbx_struct_assembly_gen.asym_id_list'      
23 4 'Structure model' '_pdbx_struct_conn_angle.ptnr1_auth_comp_id'  
24 4 'Structure model' '_pdbx_struct_conn_angle.ptnr1_auth_seq_id'   
25 4 'Structure model' '_pdbx_struct_conn_angle.ptnr1_label_asym_id' 
26 4 'Structure model' '_pdbx_struct_conn_angle.ptnr1_label_atom_id' 
27 4 'Structure model' '_pdbx_struct_conn_angle.ptnr1_label_comp_id' 
28 4 'Structure model' '_pdbx_struct_conn_angle.ptnr1_label_seq_id'  
29 4 'Structure model' '_pdbx_struct_conn_angle.ptnr2_label_asym_id' 
30 4 'Structure model' '_pdbx_struct_conn_angle.ptnr3_auth_comp_id'  
31 4 'Structure model' '_pdbx_struct_conn_angle.ptnr3_auth_seq_id'   
32 4 'Structure model' '_pdbx_struct_conn_angle.ptnr3_label_asym_id' 
33 4 'Structure model' '_pdbx_struct_conn_angle.ptnr3_label_atom_id' 
34 4 'Structure model' '_pdbx_struct_conn_angle.ptnr3_label_comp_id' 
35 4 'Structure model' '_pdbx_struct_conn_angle.ptnr3_label_seq_id'  
36 4 'Structure model' '_pdbx_struct_conn_angle.value'               
37 4 'Structure model' '_struct_conn.conn_type_id'                   
38 4 'Structure model' '_struct_conn.id'                             
39 4 'Structure model' '_struct_conn.pdbx_dist_value'                
40 4 'Structure model' '_struct_conn.pdbx_leaving_atom_flag'         
41 4 'Structure model' '_struct_conn.ptnr1_auth_asym_id'             
42 4 'Structure model' '_struct_conn.ptnr1_auth_comp_id'             
43 4 'Structure model' '_struct_conn.ptnr1_auth_seq_id'              
44 4 'Structure model' '_struct_conn.ptnr1_label_asym_id'            
45 4 'Structure model' '_struct_conn.ptnr1_label_atom_id'            
46 4 'Structure model' '_struct_conn.ptnr1_label_comp_id'            
47 4 'Structure model' '_struct_conn.ptnr1_label_seq_id'             
48 4 'Structure model' '_struct_conn.ptnr2_auth_asym_id'             
49 4 'Structure model' '_struct_conn.ptnr2_auth_comp_id'             
50 4 'Structure model' '_struct_conn.ptnr2_auth_seq_id'              
51 4 'Structure model' '_struct_conn.ptnr2_label_asym_id'            
52 4 'Structure model' '_struct_conn.ptnr2_label_atom_id'            
53 4 'Structure model' '_struct_conn.ptnr2_label_comp_id'            
54 4 'Structure model' '_struct_conn.ptnr2_label_seq_id'             
55 4 'Structure model' '_struct_conn_type.id'                        
56 5 'Structure model' '_chem_comp.pdbx_synonyms'                    
57 5 'Structure model' '_database_2.pdbx_DOI'                        
58 5 'Structure model' '_database_2.pdbx_database_accession'         
59 5 'Structure model' '_struct_conn.pdbx_leaving_atom_flag'         
# 
loop_
_software.name 
_software.classification 
_software.version 
_software.citation_id 
_software.pdbx_ordinal 
REFMAC refinement       5.1.24 ? 1 
DENZO  'data reduction' .      ? 2 
SCALA  'data scaling'   .      ? 3 
AMoRE  phasing          .      ? 4 
# 
_pdbx_entry_details.entry_id                 1UXX 
_pdbx_entry_details.compound_details         
;CATALYSES THE ENDOHYDROLYSIS OF 1,4-BETA-D-XYLOSIDIC
 LINKAGES IN XYLANS. A MEMBER OF THE XYLAN DEGRADATION
 PATHWAY.
;
_pdbx_entry_details.source_details           ? 
_pdbx_entry_details.nonpolymer_details       ? 
_pdbx_entry_details.sequence_details         'CBM6 IS A FRAGMENT OF THIS SEQUENCE' 
_pdbx_entry_details.has_ligand_of_interest   ? 
# 
_pdbx_validate_torsion.id              1 
_pdbx_validate_torsion.PDB_model_num   1 
_pdbx_validate_torsion.auth_comp_id    VAL 
_pdbx_validate_torsion.auth_asym_id    X 
_pdbx_validate_torsion.auth_seq_id     119 
_pdbx_validate_torsion.PDB_ins_code    ? 
_pdbx_validate_torsion.label_alt_id    ? 
_pdbx_validate_torsion.phi             -170.22 
_pdbx_validate_torsion.psi             147.03 
# 
_pdbx_validate_main_chain_plane.id                       1 
_pdbx_validate_main_chain_plane.PDB_model_num            1 
_pdbx_validate_main_chain_plane.auth_comp_id             ASN 
_pdbx_validate_main_chain_plane.auth_asym_id             X 
_pdbx_validate_main_chain_plane.auth_seq_id              129 
_pdbx_validate_main_chain_plane.PDB_ins_code             ? 
_pdbx_validate_main_chain_plane.label_alt_id             ? 
_pdbx_validate_main_chain_plane.improper_torsion_angle   -14.54 
# 
loop_
_pdbx_unobs_or_zero_occ_atoms.id 
_pdbx_unobs_or_zero_occ_atoms.PDB_model_num 
_pdbx_unobs_or_zero_occ_atoms.polymer_flag 
_pdbx_unobs_or_zero_occ_atoms.occupancy_flag 
_pdbx_unobs_or_zero_occ_atoms.auth_asym_id 
_pdbx_unobs_or_zero_occ_atoms.auth_comp_id 
_pdbx_unobs_or_zero_occ_atoms.auth_seq_id 
_pdbx_unobs_or_zero_occ_atoms.PDB_ins_code 
_pdbx_unobs_or_zero_occ_atoms.auth_atom_id 
_pdbx_unobs_or_zero_occ_atoms.label_alt_id 
_pdbx_unobs_or_zero_occ_atoms.label_asym_id 
_pdbx_unobs_or_zero_occ_atoms.label_comp_id 
_pdbx_unobs_or_zero_occ_atoms.label_seq_id 
_pdbx_unobs_or_zero_occ_atoms.label_atom_id 
1 1 Y 1 X GLY 130 ? CA ? A GLY 130 CA 
2 1 Y 1 X GLY 130 ? C  ? A GLY 130 C  
3 1 Y 1 X GLY 130 ? O  ? A GLY 130 O  
# 
loop_
_pdbx_unobs_or_zero_occ_residues.id 
_pdbx_unobs_or_zero_occ_residues.PDB_model_num 
_pdbx_unobs_or_zero_occ_residues.polymer_flag 
_pdbx_unobs_or_zero_occ_residues.occupancy_flag 
_pdbx_unobs_or_zero_occ_residues.auth_asym_id 
_pdbx_unobs_or_zero_occ_residues.auth_comp_id 
_pdbx_unobs_or_zero_occ_residues.auth_seq_id 
_pdbx_unobs_or_zero_occ_residues.PDB_ins_code 
_pdbx_unobs_or_zero_occ_residues.label_asym_id 
_pdbx_unobs_or_zero_occ_residues.label_comp_id 
_pdbx_unobs_or_zero_occ_residues.label_seq_id 
1 1 Y 1 X ARG 1   ? A ARG 1   
2 1 Y 1 X SER 2   ? A SER 2   
3 1 Y 1 X ALA 3   ? A ALA 3   
4 1 Y 1 X PHE 4   ? A PHE 4   
5 1 Y 1 X SER 5   ? A SER 5   
6 1 Y 1 X VAL 131 ? A VAL 131 
7 1 Y 1 X ASN 132 ? A ASN 132 
8 1 Y 1 X PRO 133 ? A PRO 133 
# 
loop_
_chem_comp_atom.comp_id 
_chem_comp_atom.atom_id 
_chem_comp_atom.type_symbol 
_chem_comp_atom.pdbx_aromatic_flag 
_chem_comp_atom.pdbx_stereo_config 
_chem_comp_atom.pdbx_ordinal 
ALA N    N  N N 1   
ALA CA   C  N S 2   
ALA C    C  N N 3   
ALA O    O  N N 4   
ALA CB   C  N N 5   
ALA OXT  O  N N 6   
ALA H    H  N N 7   
ALA H2   H  N N 8   
ALA HA   H  N N 9   
ALA HB1  H  N N 10  
ALA HB2  H  N N 11  
ALA HB3  H  N N 12  
ALA HXT  H  N N 13  
ARG N    N  N N 14  
ARG CA   C  N S 15  
ARG C    C  N N 16  
ARG O    O  N N 17  
ARG CB   C  N N 18  
ARG CG   C  N N 19  
ARG CD   C  N N 20  
ARG NE   N  N N 21  
ARG CZ   C  N N 22  
ARG NH1  N  N N 23  
ARG NH2  N  N N 24  
ARG OXT  O  N N 25  
ARG H    H  N N 26  
ARG H2   H  N N 27  
ARG HA   H  N N 28  
ARG HB2  H  N N 29  
ARG HB3  H  N N 30  
ARG HG2  H  N N 31  
ARG HG3  H  N N 32  
ARG HD2  H  N N 33  
ARG HD3  H  N N 34  
ARG HE   H  N N 35  
ARG HH11 H  N N 36  
ARG HH12 H  N N 37  
ARG HH21 H  N N 38  
ARG HH22 H  N N 39  
ARG HXT  H  N N 40  
ASN N    N  N N 41  
ASN CA   C  N S 42  
ASN C    C  N N 43  
ASN O    O  N N 44  
ASN CB   C  N N 45  
ASN CG   C  N N 46  
ASN OD1  O  N N 47  
ASN ND2  N  N N 48  
ASN OXT  O  N N 49  
ASN H    H  N N 50  
ASN H2   H  N N 51  
ASN HA   H  N N 52  
ASN HB2  H  N N 53  
ASN HB3  H  N N 54  
ASN HD21 H  N N 55  
ASN HD22 H  N N 56  
ASN HXT  H  N N 57  
ASP N    N  N N 58  
ASP CA   C  N S 59  
ASP C    C  N N 60  
ASP O    O  N N 61  
ASP CB   C  N N 62  
ASP CG   C  N N 63  
ASP OD1  O  N N 64  
ASP OD2  O  N N 65  
ASP OXT  O  N N 66  
ASP H    H  N N 67  
ASP H2   H  N N 68  
ASP HA   H  N N 69  
ASP HB2  H  N N 70  
ASP HB3  H  N N 71  
ASP HD2  H  N N 72  
ASP HXT  H  N N 73  
CA  CA   CA N N 74  
CYS N    N  N N 75  
CYS CA   C  N R 76  
CYS C    C  N N 77  
CYS O    O  N N 78  
CYS CB   C  N N 79  
CYS SG   S  N N 80  
CYS OXT  O  N N 81  
CYS H    H  N N 82  
CYS H2   H  N N 83  
CYS HA   H  N N 84  
CYS HB2  H  N N 85  
CYS HB3  H  N N 86  
CYS HG   H  N N 87  
CYS HXT  H  N N 88  
GLN N    N  N N 89  
GLN CA   C  N S 90  
GLN C    C  N N 91  
GLN O    O  N N 92  
GLN CB   C  N N 93  
GLN CG   C  N N 94  
GLN CD   C  N N 95  
GLN OE1  O  N N 96  
GLN NE2  N  N N 97  
GLN OXT  O  N N 98  
GLN H    H  N N 99  
GLN H2   H  N N 100 
GLN HA   H  N N 101 
GLN HB2  H  N N 102 
GLN HB3  H  N N 103 
GLN HG2  H  N N 104 
GLN HG3  H  N N 105 
GLN HE21 H  N N 106 
GLN HE22 H  N N 107 
GLN HXT  H  N N 108 
GLU N    N  N N 109 
GLU CA   C  N S 110 
GLU C    C  N N 111 
GLU O    O  N N 112 
GLU CB   C  N N 113 
GLU CG   C  N N 114 
GLU CD   C  N N 115 
GLU OE1  O  N N 116 
GLU OE2  O  N N 117 
GLU OXT  O  N N 118 
GLU H    H  N N 119 
GLU H2   H  N N 120 
GLU HA   H  N N 121 
GLU HB2  H  N N 122 
GLU HB3  H  N N 123 
GLU HG2  H  N N 124 
GLU HG3  H  N N 125 
GLU HE2  H  N N 126 
GLU HXT  H  N N 127 
GLY N    N  N N 128 
GLY CA   C  N N 129 
GLY C    C  N N 130 
GLY O    O  N N 131 
GLY OXT  O  N N 132 
GLY H    H  N N 133 
GLY H2   H  N N 134 
GLY HA2  H  N N 135 
GLY HA3  H  N N 136 
GLY HXT  H  N N 137 
HIS N    N  N N 138 
HIS CA   C  N S 139 
HIS C    C  N N 140 
HIS O    O  N N 141 
HIS CB   C  N N 142 
HIS CG   C  Y N 143 
HIS ND1  N  Y N 144 
HIS CD2  C  Y N 145 
HIS CE1  C  Y N 146 
HIS NE2  N  Y N 147 
HIS OXT  O  N N 148 
HIS H    H  N N 149 
HIS H2   H  N N 150 
HIS HA   H  N N 151 
HIS HB2  H  N N 152 
HIS HB3  H  N N 153 
HIS HD1  H  N N 154 
HIS HD2  H  N N 155 
HIS HE1  H  N N 156 
HIS HE2  H  N N 157 
HIS HXT  H  N N 158 
HOH O    O  N N 159 
HOH H1   H  N N 160 
HOH H2   H  N N 161 
ILE N    N  N N 162 
ILE CA   C  N S 163 
ILE C    C  N N 164 
ILE O    O  N N 165 
ILE CB   C  N S 166 
ILE CG1  C  N N 167 
ILE CG2  C  N N 168 
ILE CD1  C  N N 169 
ILE OXT  O  N N 170 
ILE H    H  N N 171 
ILE H2   H  N N 172 
ILE HA   H  N N 173 
ILE HB   H  N N 174 
ILE HG12 H  N N 175 
ILE HG13 H  N N 176 
ILE HG21 H  N N 177 
ILE HG22 H  N N 178 
ILE HG23 H  N N 179 
ILE HD11 H  N N 180 
ILE HD12 H  N N 181 
ILE HD13 H  N N 182 
ILE HXT  H  N N 183 
LEU N    N  N N 184 
LEU CA   C  N S 185 
LEU C    C  N N 186 
LEU O    O  N N 187 
LEU CB   C  N N 188 
LEU CG   C  N N 189 
LEU CD1  C  N N 190 
LEU CD2  C  N N 191 
LEU OXT  O  N N 192 
LEU H    H  N N 193 
LEU H2   H  N N 194 
LEU HA   H  N N 195 
LEU HB2  H  N N 196 
LEU HB3  H  N N 197 
LEU HG   H  N N 198 
LEU HD11 H  N N 199 
LEU HD12 H  N N 200 
LEU HD13 H  N N 201 
LEU HD21 H  N N 202 
LEU HD22 H  N N 203 
LEU HD23 H  N N 204 
LEU HXT  H  N N 205 
LYS N    N  N N 206 
LYS CA   C  N S 207 
LYS C    C  N N 208 
LYS O    O  N N 209 
LYS CB   C  N N 210 
LYS CG   C  N N 211 
LYS CD   C  N N 212 
LYS CE   C  N N 213 
LYS NZ   N  N N 214 
LYS OXT  O  N N 215 
LYS H    H  N N 216 
LYS H2   H  N N 217 
LYS HA   H  N N 218 
LYS HB2  H  N N 219 
LYS HB3  H  N N 220 
LYS HG2  H  N N 221 
LYS HG3  H  N N 222 
LYS HD2  H  N N 223 
LYS HD3  H  N N 224 
LYS HE2  H  N N 225 
LYS HE3  H  N N 226 
LYS HZ1  H  N N 227 
LYS HZ2  H  N N 228 
LYS HZ3  H  N N 229 
LYS HXT  H  N N 230 
PHE N    N  N N 231 
PHE CA   C  N S 232 
PHE C    C  N N 233 
PHE O    O  N N 234 
PHE CB   C  N N 235 
PHE CG   C  Y N 236 
PHE CD1  C  Y N 237 
PHE CD2  C  Y N 238 
PHE CE1  C  Y N 239 
PHE CE2  C  Y N 240 
PHE CZ   C  Y N 241 
PHE OXT  O  N N 242 
PHE H    H  N N 243 
PHE H2   H  N N 244 
PHE HA   H  N N 245 
PHE HB2  H  N N 246 
PHE HB3  H  N N 247 
PHE HD1  H  N N 248 
PHE HD2  H  N N 249 
PHE HE1  H  N N 250 
PHE HE2  H  N N 251 
PHE HZ   H  N N 252 
PHE HXT  H  N N 253 
PRO N    N  N N 254 
PRO CA   C  N S 255 
PRO C    C  N N 256 
PRO O    O  N N 257 
PRO CB   C  N N 258 
PRO CG   C  N N 259 
PRO CD   C  N N 260 
PRO OXT  O  N N 261 
PRO H    H  N N 262 
PRO HA   H  N N 263 
PRO HB2  H  N N 264 
PRO HB3  H  N N 265 
PRO HG2  H  N N 266 
PRO HG3  H  N N 267 
PRO HD2  H  N N 268 
PRO HD3  H  N N 269 
PRO HXT  H  N N 270 
SER N    N  N N 271 
SER CA   C  N S 272 
SER C    C  N N 273 
SER O    O  N N 274 
SER CB   C  N N 275 
SER OG   O  N N 276 
SER OXT  O  N N 277 
SER H    H  N N 278 
SER H2   H  N N 279 
SER HA   H  N N 280 
SER HB2  H  N N 281 
SER HB3  H  N N 282 
SER HG   H  N N 283 
SER HXT  H  N N 284 
THR N    N  N N 285 
THR CA   C  N S 286 
THR C    C  N N 287 
THR O    O  N N 288 
THR CB   C  N R 289 
THR OG1  O  N N 290 
THR CG2  C  N N 291 
THR OXT  O  N N 292 
THR H    H  N N 293 
THR H2   H  N N 294 
THR HA   H  N N 295 
THR HB   H  N N 296 
THR HG1  H  N N 297 
THR HG21 H  N N 298 
THR HG22 H  N N 299 
THR HG23 H  N N 300 
THR HXT  H  N N 301 
TRP N    N  N N 302 
TRP CA   C  N S 303 
TRP C    C  N N 304 
TRP O    O  N N 305 
TRP CB   C  N N 306 
TRP CG   C  Y N 307 
TRP CD1  C  Y N 308 
TRP CD2  C  Y N 309 
TRP NE1  N  Y N 310 
TRP CE2  C  Y N 311 
TRP CE3  C  Y N 312 
TRP CZ2  C  Y N 313 
TRP CZ3  C  Y N 314 
TRP CH2  C  Y N 315 
TRP OXT  O  N N 316 
TRP H    H  N N 317 
TRP H2   H  N N 318 
TRP HA   H  N N 319 
TRP HB2  H  N N 320 
TRP HB3  H  N N 321 
TRP HD1  H  N N 322 
TRP HE1  H  N N 323 
TRP HE3  H  N N 324 
TRP HZ2  H  N N 325 
TRP HZ3  H  N N 326 
TRP HH2  H  N N 327 
TRP HXT  H  N N 328 
TYR N    N  N N 329 
TYR CA   C  N S 330 
TYR C    C  N N 331 
TYR O    O  N N 332 
TYR CB   C  N N 333 
TYR CG   C  Y N 334 
TYR CD1  C  Y N 335 
TYR CD2  C  Y N 336 
TYR CE1  C  Y N 337 
TYR CE2  C  Y N 338 
TYR CZ   C  Y N 339 
TYR OH   O  N N 340 
TYR OXT  O  N N 341 
TYR H    H  N N 342 
TYR H2   H  N N 343 
TYR HA   H  N N 344 
TYR HB2  H  N N 345 
TYR HB3  H  N N 346 
TYR HD1  H  N N 347 
TYR HD2  H  N N 348 
TYR HE1  H  N N 349 
TYR HE2  H  N N 350 
TYR HH   H  N N 351 
TYR HXT  H  N N 352 
VAL N    N  N N 353 
VAL CA   C  N S 354 
VAL C    C  N N 355 
VAL O    O  N N 356 
VAL CB   C  N N 357 
VAL CG1  C  N N 358 
VAL CG2  C  N N 359 
VAL OXT  O  N N 360 
VAL H    H  N N 361 
VAL H2   H  N N 362 
VAL HA   H  N N 363 
VAL HB   H  N N 364 
VAL HG11 H  N N 365 
VAL HG12 H  N N 366 
VAL HG13 H  N N 367 
VAL HG21 H  N N 368 
VAL HG22 H  N N 369 
VAL HG23 H  N N 370 
VAL HXT  H  N N 371 
XYP O1   O  N N 372 
XYP C1   C  N R 373 
XYP C2   C  N R 374 
XYP C3   C  N S 375 
XYP C4   C  N R 376 
XYP C5   C  N N 377 
XYP O2   O  N N 378 
XYP O3   O  N N 379 
XYP O4   O  N N 380 
XYP O5   O  N N 381 
XYP HO1  H  N N 382 
XYP H1   H  N N 383 
XYP H2   H  N N 384 
XYP H3   H  N N 385 
XYP H4   H  N N 386 
XYP H51  H  N N 387 
XYP H52  H  N N 388 
XYP HO2  H  N N 389 
XYP HO3  H  N N 390 
XYP HO4  H  N N 391 
# 
loop_
_chem_comp_bond.comp_id 
_chem_comp_bond.atom_id_1 
_chem_comp_bond.atom_id_2 
_chem_comp_bond.value_order 
_chem_comp_bond.pdbx_aromatic_flag 
_chem_comp_bond.pdbx_stereo_config 
_chem_comp_bond.pdbx_ordinal 
ALA N   CA   sing N N 1   
ALA N   H    sing N N 2   
ALA N   H2   sing N N 3   
ALA CA  C    sing N N 4   
ALA CA  CB   sing N N 5   
ALA CA  HA   sing N N 6   
ALA C   O    doub N N 7   
ALA C   OXT  sing N N 8   
ALA CB  HB1  sing N N 9   
ALA CB  HB2  sing N N 10  
ALA CB  HB3  sing N N 11  
ALA OXT HXT  sing N N 12  
ARG N   CA   sing N N 13  
ARG N   H    sing N N 14  
ARG N   H2   sing N N 15  
ARG CA  C    sing N N 16  
ARG CA  CB   sing N N 17  
ARG CA  HA   sing N N 18  
ARG C   O    doub N N 19  
ARG C   OXT  sing N N 20  
ARG CB  CG   sing N N 21  
ARG CB  HB2  sing N N 22  
ARG CB  HB3  sing N N 23  
ARG CG  CD   sing N N 24  
ARG CG  HG2  sing N N 25  
ARG CG  HG3  sing N N 26  
ARG CD  NE   sing N N 27  
ARG CD  HD2  sing N N 28  
ARG CD  HD3  sing N N 29  
ARG NE  CZ   sing N N 30  
ARG NE  HE   sing N N 31  
ARG CZ  NH1  sing N N 32  
ARG CZ  NH2  doub N N 33  
ARG NH1 HH11 sing N N 34  
ARG NH1 HH12 sing N N 35  
ARG NH2 HH21 sing N N 36  
ARG NH2 HH22 sing N N 37  
ARG OXT HXT  sing N N 38  
ASN N   CA   sing N N 39  
ASN N   H    sing N N 40  
ASN N   H2   sing N N 41  
ASN CA  C    sing N N 42  
ASN CA  CB   sing N N 43  
ASN CA  HA   sing N N 44  
ASN C   O    doub N N 45  
ASN C   OXT  sing N N 46  
ASN CB  CG   sing N N 47  
ASN CB  HB2  sing N N 48  
ASN CB  HB3  sing N N 49  
ASN CG  OD1  doub N N 50  
ASN CG  ND2  sing N N 51  
ASN ND2 HD21 sing N N 52  
ASN ND2 HD22 sing N N 53  
ASN OXT HXT  sing N N 54  
ASP N   CA   sing N N 55  
ASP N   H    sing N N 56  
ASP N   H2   sing N N 57  
ASP CA  C    sing N N 58  
ASP CA  CB   sing N N 59  
ASP CA  HA   sing N N 60  
ASP C   O    doub N N 61  
ASP C   OXT  sing N N 62  
ASP CB  CG   sing N N 63  
ASP CB  HB2  sing N N 64  
ASP CB  HB3  sing N N 65  
ASP CG  OD1  doub N N 66  
ASP CG  OD2  sing N N 67  
ASP OD2 HD2  sing N N 68  
ASP OXT HXT  sing N N 69  
CYS N   CA   sing N N 70  
CYS N   H    sing N N 71  
CYS N   H2   sing N N 72  
CYS CA  C    sing N N 73  
CYS CA  CB   sing N N 74  
CYS CA  HA   sing N N 75  
CYS C   O    doub N N 76  
CYS C   OXT  sing N N 77  
CYS CB  SG   sing N N 78  
CYS CB  HB2  sing N N 79  
CYS CB  HB3  sing N N 80  
CYS SG  HG   sing N N 81  
CYS OXT HXT  sing N N 82  
GLN N   CA   sing N N 83  
GLN N   H    sing N N 84  
GLN N   H2   sing N N 85  
GLN CA  C    sing N N 86  
GLN CA  CB   sing N N 87  
GLN CA  HA   sing N N 88  
GLN C   O    doub N N 89  
GLN C   OXT  sing N N 90  
GLN CB  CG   sing N N 91  
GLN CB  HB2  sing N N 92  
GLN CB  HB3  sing N N 93  
GLN CG  CD   sing N N 94  
GLN CG  HG2  sing N N 95  
GLN CG  HG3  sing N N 96  
GLN CD  OE1  doub N N 97  
GLN CD  NE2  sing N N 98  
GLN NE2 HE21 sing N N 99  
GLN NE2 HE22 sing N N 100 
GLN OXT HXT  sing N N 101 
GLU N   CA   sing N N 102 
GLU N   H    sing N N 103 
GLU N   H2   sing N N 104 
GLU CA  C    sing N N 105 
GLU CA  CB   sing N N 106 
GLU CA  HA   sing N N 107 
GLU C   O    doub N N 108 
GLU C   OXT  sing N N 109 
GLU CB  CG   sing N N 110 
GLU CB  HB2  sing N N 111 
GLU CB  HB3  sing N N 112 
GLU CG  CD   sing N N 113 
GLU CG  HG2  sing N N 114 
GLU CG  HG3  sing N N 115 
GLU CD  OE1  doub N N 116 
GLU CD  OE2  sing N N 117 
GLU OE2 HE2  sing N N 118 
GLU OXT HXT  sing N N 119 
GLY N   CA   sing N N 120 
GLY N   H    sing N N 121 
GLY N   H2   sing N N 122 
GLY CA  C    sing N N 123 
GLY CA  HA2  sing N N 124 
GLY CA  HA3  sing N N 125 
GLY C   O    doub N N 126 
GLY C   OXT  sing N N 127 
GLY OXT HXT  sing N N 128 
HIS N   CA   sing N N 129 
HIS N   H    sing N N 130 
HIS N   H2   sing N N 131 
HIS CA  C    sing N N 132 
HIS CA  CB   sing N N 133 
HIS CA  HA   sing N N 134 
HIS C   O    doub N N 135 
HIS C   OXT  sing N N 136 
HIS CB  CG   sing N N 137 
HIS CB  HB2  sing N N 138 
HIS CB  HB3  sing N N 139 
HIS CG  ND1  sing Y N 140 
HIS CG  CD2  doub Y N 141 
HIS ND1 CE1  doub Y N 142 
HIS ND1 HD1  sing N N 143 
HIS CD2 NE2  sing Y N 144 
HIS CD2 HD2  sing N N 145 
HIS CE1 NE2  sing Y N 146 
HIS CE1 HE1  sing N N 147 
HIS NE2 HE2  sing N N 148 
HIS OXT HXT  sing N N 149 
HOH O   H1   sing N N 150 
HOH O   H2   sing N N 151 
ILE N   CA   sing N N 152 
ILE N   H    sing N N 153 
ILE N   H2   sing N N 154 
ILE CA  C    sing N N 155 
ILE CA  CB   sing N N 156 
ILE CA  HA   sing N N 157 
ILE C   O    doub N N 158 
ILE C   OXT  sing N N 159 
ILE CB  CG1  sing N N 160 
ILE CB  CG2  sing N N 161 
ILE CB  HB   sing N N 162 
ILE CG1 CD1  sing N N 163 
ILE CG1 HG12 sing N N 164 
ILE CG1 HG13 sing N N 165 
ILE CG2 HG21 sing N N 166 
ILE CG2 HG22 sing N N 167 
ILE CG2 HG23 sing N N 168 
ILE CD1 HD11 sing N N 169 
ILE CD1 HD12 sing N N 170 
ILE CD1 HD13 sing N N 171 
ILE OXT HXT  sing N N 172 
LEU N   CA   sing N N 173 
LEU N   H    sing N N 174 
LEU N   H2   sing N N 175 
LEU CA  C    sing N N 176 
LEU CA  CB   sing N N 177 
LEU CA  HA   sing N N 178 
LEU C   O    doub N N 179 
LEU C   OXT  sing N N 180 
LEU CB  CG   sing N N 181 
LEU CB  HB2  sing N N 182 
LEU CB  HB3  sing N N 183 
LEU CG  CD1  sing N N 184 
LEU CG  CD2  sing N N 185 
LEU CG  HG   sing N N 186 
LEU CD1 HD11 sing N N 187 
LEU CD1 HD12 sing N N 188 
LEU CD1 HD13 sing N N 189 
LEU CD2 HD21 sing N N 190 
LEU CD2 HD22 sing N N 191 
LEU CD2 HD23 sing N N 192 
LEU OXT HXT  sing N N 193 
LYS N   CA   sing N N 194 
LYS N   H    sing N N 195 
LYS N   H2   sing N N 196 
LYS CA  C    sing N N 197 
LYS CA  CB   sing N N 198 
LYS CA  HA   sing N N 199 
LYS C   O    doub N N 200 
LYS C   OXT  sing N N 201 
LYS CB  CG   sing N N 202 
LYS CB  HB2  sing N N 203 
LYS CB  HB3  sing N N 204 
LYS CG  CD   sing N N 205 
LYS CG  HG2  sing N N 206 
LYS CG  HG3  sing N N 207 
LYS CD  CE   sing N N 208 
LYS CD  HD2  sing N N 209 
LYS CD  HD3  sing N N 210 
LYS CE  NZ   sing N N 211 
LYS CE  HE2  sing N N 212 
LYS CE  HE3  sing N N 213 
LYS NZ  HZ1  sing N N 214 
LYS NZ  HZ2  sing N N 215 
LYS NZ  HZ3  sing N N 216 
LYS OXT HXT  sing N N 217 
PHE N   CA   sing N N 218 
PHE N   H    sing N N 219 
PHE N   H2   sing N N 220 
PHE CA  C    sing N N 221 
PHE CA  CB   sing N N 222 
PHE CA  HA   sing N N 223 
PHE C   O    doub N N 224 
PHE C   OXT  sing N N 225 
PHE CB  CG   sing N N 226 
PHE CB  HB2  sing N N 227 
PHE CB  HB3  sing N N 228 
PHE CG  CD1  doub Y N 229 
PHE CG  CD2  sing Y N 230 
PHE CD1 CE1  sing Y N 231 
PHE CD1 HD1  sing N N 232 
PHE CD2 CE2  doub Y N 233 
PHE CD2 HD2  sing N N 234 
PHE CE1 CZ   doub Y N 235 
PHE CE1 HE1  sing N N 236 
PHE CE2 CZ   sing Y N 237 
PHE CE2 HE2  sing N N 238 
PHE CZ  HZ   sing N N 239 
PHE OXT HXT  sing N N 240 
PRO N   CA   sing N N 241 
PRO N   CD   sing N N 242 
PRO N   H    sing N N 243 
PRO CA  C    sing N N 244 
PRO CA  CB   sing N N 245 
PRO CA  HA   sing N N 246 
PRO C   O    doub N N 247 
PRO C   OXT  sing N N 248 
PRO CB  CG   sing N N 249 
PRO CB  HB2  sing N N 250 
PRO CB  HB3  sing N N 251 
PRO CG  CD   sing N N 252 
PRO CG  HG2  sing N N 253 
PRO CG  HG3  sing N N 254 
PRO CD  HD2  sing N N 255 
PRO CD  HD3  sing N N 256 
PRO OXT HXT  sing N N 257 
SER N   CA   sing N N 258 
SER N   H    sing N N 259 
SER N   H2   sing N N 260 
SER CA  C    sing N N 261 
SER CA  CB   sing N N 262 
SER CA  HA   sing N N 263 
SER C   O    doub N N 264 
SER C   OXT  sing N N 265 
SER CB  OG   sing N N 266 
SER CB  HB2  sing N N 267 
SER CB  HB3  sing N N 268 
SER OG  HG   sing N N 269 
SER OXT HXT  sing N N 270 
THR N   CA   sing N N 271 
THR N   H    sing N N 272 
THR N   H2   sing N N 273 
THR CA  C    sing N N 274 
THR CA  CB   sing N N 275 
THR CA  HA   sing N N 276 
THR C   O    doub N N 277 
THR C   OXT  sing N N 278 
THR CB  OG1  sing N N 279 
THR CB  CG2  sing N N 280 
THR CB  HB   sing N N 281 
THR OG1 HG1  sing N N 282 
THR CG2 HG21 sing N N 283 
THR CG2 HG22 sing N N 284 
THR CG2 HG23 sing N N 285 
THR OXT HXT  sing N N 286 
TRP N   CA   sing N N 287 
TRP N   H    sing N N 288 
TRP N   H2   sing N N 289 
TRP CA  C    sing N N 290 
TRP CA  CB   sing N N 291 
TRP CA  HA   sing N N 292 
TRP C   O    doub N N 293 
TRP C   OXT  sing N N 294 
TRP CB  CG   sing N N 295 
TRP CB  HB2  sing N N 296 
TRP CB  HB3  sing N N 297 
TRP CG  CD1  doub Y N 298 
TRP CG  CD2  sing Y N 299 
TRP CD1 NE1  sing Y N 300 
TRP CD1 HD1  sing N N 301 
TRP CD2 CE2  doub Y N 302 
TRP CD2 CE3  sing Y N 303 
TRP NE1 CE2  sing Y N 304 
TRP NE1 HE1  sing N N 305 
TRP CE2 CZ2  sing Y N 306 
TRP CE3 CZ3  doub Y N 307 
TRP CE3 HE3  sing N N 308 
TRP CZ2 CH2  doub Y N 309 
TRP CZ2 HZ2  sing N N 310 
TRP CZ3 CH2  sing Y N 311 
TRP CZ3 HZ3  sing N N 312 
TRP CH2 HH2  sing N N 313 
TRP OXT HXT  sing N N 314 
TYR N   CA   sing N N 315 
TYR N   H    sing N N 316 
TYR N   H2   sing N N 317 
TYR CA  C    sing N N 318 
TYR CA  CB   sing N N 319 
TYR CA  HA   sing N N 320 
TYR C   O    doub N N 321 
TYR C   OXT  sing N N 322 
TYR CB  CG   sing N N 323 
TYR CB  HB2  sing N N 324 
TYR CB  HB3  sing N N 325 
TYR CG  CD1  doub Y N 326 
TYR CG  CD2  sing Y N 327 
TYR CD1 CE1  sing Y N 328 
TYR CD1 HD1  sing N N 329 
TYR CD2 CE2  doub Y N 330 
TYR CD2 HD2  sing N N 331 
TYR CE1 CZ   doub Y N 332 
TYR CE1 HE1  sing N N 333 
TYR CE2 CZ   sing Y N 334 
TYR CE2 HE2  sing N N 335 
TYR CZ  OH   sing N N 336 
TYR OH  HH   sing N N 337 
TYR OXT HXT  sing N N 338 
VAL N   CA   sing N N 339 
VAL N   H    sing N N 340 
VAL N   H2   sing N N 341 
VAL CA  C    sing N N 342 
VAL CA  CB   sing N N 343 
VAL CA  HA   sing N N 344 
VAL C   O    doub N N 345 
VAL C   OXT  sing N N 346 
VAL CB  CG1  sing N N 347 
VAL CB  CG2  sing N N 348 
VAL CB  HB   sing N N 349 
VAL CG1 HG11 sing N N 350 
VAL CG1 HG12 sing N N 351 
VAL CG1 HG13 sing N N 352 
VAL CG2 HG21 sing N N 353 
VAL CG2 HG22 sing N N 354 
VAL CG2 HG23 sing N N 355 
VAL OXT HXT  sing N N 356 
XYP O1  C1   sing N N 357 
XYP O1  HO1  sing N N 358 
XYP C1  C2   sing N N 359 
XYP C1  O5   sing N N 360 
XYP C1  H1   sing N N 361 
XYP C2  C3   sing N N 362 
XYP C2  O2   sing N N 363 
XYP C2  H2   sing N N 364 
XYP C3  C4   sing N N 365 
XYP C3  O3   sing N N 366 
XYP C3  H3   sing N N 367 
XYP C4  C5   sing N N 368 
XYP C4  O4   sing N N 369 
XYP C4  H4   sing N N 370 
XYP C5  O5   sing N N 371 
XYP C5  H51  sing N N 372 
XYP C5  H52  sing N N 373 
XYP O2  HO2  sing N N 374 
XYP O3  HO3  sing N N 375 
XYP O4  HO4  sing N N 376 
# 
loop_
_pdbx_branch_scheme.asym_id 
_pdbx_branch_scheme.entity_id 
_pdbx_branch_scheme.mon_id 
_pdbx_branch_scheme.num 
_pdbx_branch_scheme.pdb_asym_id 
_pdbx_branch_scheme.pdb_mon_id 
_pdbx_branch_scheme.pdb_seq_num 
_pdbx_branch_scheme.auth_asym_id 
_pdbx_branch_scheme.auth_mon_id 
_pdbx_branch_scheme.auth_seq_num 
_pdbx_branch_scheme.hetero 
B 2 XYP 1 A XYP 1 X XYP 1131 n 
B 2 XYP 2 A XYP 2 X XYP 1132 n 
B 2 XYP 3 A XYP 3 X XYP 1133 n 
B 2 XYP 4 A XYP 4 X XYP 1134 n 
B 2 XYP 5 A XYP 5 X XYP 1135 n 
# 
loop_
_pdbx_chem_comp_identifier.comp_id 
_pdbx_chem_comp_identifier.type 
_pdbx_chem_comp_identifier.program 
_pdbx_chem_comp_identifier.program_version 
_pdbx_chem_comp_identifier.identifier 
XYP 'CONDENSED IUPAC CARBOHYDRATE SYMBOL' GMML     1.0 DXylpb           
XYP 'COMMON NAME'                         GMML     1.0 b-D-xylopyranose 
XYP 'IUPAC CARBOHYDRATE SYMBOL'           PDB-CARE 1.0 b-D-Xylp         
XYP 'SNFG CARBOHYDRATE SYMBOL'            GMML     1.0 Xyl              
# 
_pdbx_entity_branch.entity_id   2 
_pdbx_entity_branch.type        oligosaccharide 
# 
loop_
_pdbx_entity_branch_descriptor.ordinal 
_pdbx_entity_branch_descriptor.entity_id 
_pdbx_entity_branch_descriptor.descriptor 
_pdbx_entity_branch_descriptor.type 
_pdbx_entity_branch_descriptor.program 
_pdbx_entity_branch_descriptor.program_version 
1 2 DXylpb1-4DXylpb1-4DXylpb1-4DXylpb1-4DXylpb1-ROH                                              'Glycam Condensed Sequence' GMML 
1.0   
2 2 'WURCS=2.0/1,5,4/[a212h-1b_1-5]/1-1-1-1-1/a4-b1_b4-c1_c4-d1_d4-e1'                           WURCS                       
PDB2Glycan 1.1.0 
3 2 '[][b-D-Xylp]{[(4+1)][b-D-Xylp]{[(4+1)][b-D-Xylp]{[(4+1)][b-D-Xylp]{[(4+1)][b-D-Xylp]{}}}}}' LINUCS                      
PDB-CARE   ?     
# 
loop_
_pdbx_entity_branch_link.link_id 
_pdbx_entity_branch_link.entity_id 
_pdbx_entity_branch_link.entity_branch_list_num_1 
_pdbx_entity_branch_link.comp_id_1 
_pdbx_entity_branch_link.atom_id_1 
_pdbx_entity_branch_link.leaving_atom_id_1 
_pdbx_entity_branch_link.entity_branch_list_num_2 
_pdbx_entity_branch_link.comp_id_2 
_pdbx_entity_branch_link.atom_id_2 
_pdbx_entity_branch_link.leaving_atom_id_2 
_pdbx_entity_branch_link.value_order 
_pdbx_entity_branch_link.details 
1 2 2 XYP C1 O1 1 XYP O4 HO4 sing ? 
2 2 3 XYP C1 O1 2 XYP O4 HO4 sing ? 
3 2 4 XYP C1 O1 3 XYP O4 HO4 sing ? 
4 2 5 XYP C1 O1 4 XYP O4 HO4 sing ? 
# 
loop_
_pdbx_entity_branch_list.entity_id 
_pdbx_entity_branch_list.comp_id 
_pdbx_entity_branch_list.num 
_pdbx_entity_branch_list.hetero 
2 XYP 1 n 
2 XYP 2 n 
2 XYP 3 n 
2 XYP 4 n 
2 XYP 5 n 
# 
loop_
_pdbx_entity_nonpoly.entity_id 
_pdbx_entity_nonpoly.name 
_pdbx_entity_nonpoly.comp_id 
3 'CALCIUM ION' CA  
4 water         HOH 
# 
_pdbx_initial_refinement_model.id               1 
_pdbx_initial_refinement_model.entity_id_list   ? 
_pdbx_initial_refinement_model.type             'experimental model' 
_pdbx_initial_refinement_model.source_name      PDB 
_pdbx_initial_refinement_model.accession_code   1GMM 
_pdbx_initial_refinement_model.details          'PDB ENTRY 1GMM' 
# 
